data_1ZNK
# 
_entry.id   1ZNK 
# 
_audit_conform.dict_name       mmcif_pdbx.dic 
_audit_conform.dict_version    5.398 
_audit_conform.dict_location   http://mmcif.pdb.org/dictionaries/ascii/mmcif_pdbx.dic 
# 
loop_
_database_2.database_id 
_database_2.database_code 
_database_2.pdbx_database_accession 
_database_2.pdbx_DOI 
PDB   1ZNK         pdb_00001znk 10.2210/pdb1znk/pdb 
RCSB  RCSB032925   ?            ?                   
WWPDB D_1000032925 ?            ?                   
# 
loop_
_pdbx_audit_revision_history.ordinal 
_pdbx_audit_revision_history.data_content_type 
_pdbx_audit_revision_history.major_revision 
_pdbx_audit_revision_history.minor_revision 
_pdbx_audit_revision_history.revision_date 
1 'Structure model' 1 0 2005-12-20 
2 'Structure model' 1 1 2008-04-30 
3 'Structure model' 1 2 2011-07-13 
4 'Structure model' 2 0 2023-08-23 
5 'Structure model' 2 1 2024-11-13 
# 
_pdbx_audit_revision_details.ordinal             1 
_pdbx_audit_revision_details.revision_ordinal    1 
_pdbx_audit_revision_details.data_content_type   'Structure model' 
_pdbx_audit_revision_details.provider            repository 
_pdbx_audit_revision_details.type                'Initial release' 
_pdbx_audit_revision_details.description         ? 
_pdbx_audit_revision_details.details             ? 
# 
loop_
_pdbx_audit_revision_group.ordinal 
_pdbx_audit_revision_group.revision_ordinal 
_pdbx_audit_revision_group.data_content_type 
_pdbx_audit_revision_group.group 
1 2 'Structure model' 'Version format compliance' 
2 3 'Structure model' 'Version format compliance' 
3 4 'Structure model' 'Atomic model'              
4 4 'Structure model' 'Data collection'           
5 4 'Structure model' 'Database references'       
6 4 'Structure model' 'Derived calculations'      
7 4 'Structure model' 'Refinement description'    
8 5 'Structure model' 'Structure summary'         
# 
loop_
_pdbx_audit_revision_category.ordinal 
_pdbx_audit_revision_category.revision_ordinal 
_pdbx_audit_revision_category.data_content_type 
_pdbx_audit_revision_category.category 
1  4 'Structure model' atom_site                     
2  4 'Structure model' chem_comp_atom                
3  4 'Structure model' chem_comp_bond                
4  4 'Structure model' database_2                    
5  4 'Structure model' pdbx_initial_refinement_model 
6  4 'Structure model' pdbx_struct_conn_angle        
7  4 'Structure model' struct_conn                   
8  4 'Structure model' struct_ref_seq_dif            
9  4 'Structure model' struct_site                   
10 5 'Structure model' pdbx_entry_details            
11 5 'Structure model' pdbx_modification_feature     
# 
loop_
_pdbx_audit_revision_item.ordinal 
_pdbx_audit_revision_item.revision_ordinal 
_pdbx_audit_revision_item.data_content_type 
_pdbx_audit_revision_item.item 
1  4 'Structure model' '_atom_site.occupancy'                        
2  4 'Structure model' '_database_2.pdbx_DOI'                        
3  4 'Structure model' '_database_2.pdbx_database_accession'         
4  4 'Structure model' '_pdbx_struct_conn_angle.ptnr1_auth_comp_id'  
5  4 'Structure model' '_pdbx_struct_conn_angle.ptnr1_auth_seq_id'   
6  4 'Structure model' '_pdbx_struct_conn_angle.ptnr1_label_asym_id' 
7  4 'Structure model' '_pdbx_struct_conn_angle.ptnr1_label_atom_id' 
8  4 'Structure model' '_pdbx_struct_conn_angle.ptnr1_label_comp_id' 
9  4 'Structure model' '_pdbx_struct_conn_angle.ptnr1_label_seq_id'  
10 4 'Structure model' '_pdbx_struct_conn_angle.ptnr1_symmetry'      
11 4 'Structure model' '_pdbx_struct_conn_angle.ptnr2_auth_seq_id'   
12 4 'Structure model' '_pdbx_struct_conn_angle.ptnr2_label_asym_id' 
13 4 'Structure model' '_pdbx_struct_conn_angle.ptnr3_auth_comp_id'  
14 4 'Structure model' '_pdbx_struct_conn_angle.ptnr3_auth_seq_id'   
15 4 'Structure model' '_pdbx_struct_conn_angle.ptnr3_label_asym_id' 
16 4 'Structure model' '_pdbx_struct_conn_angle.ptnr3_label_atom_id' 
17 4 'Structure model' '_pdbx_struct_conn_angle.ptnr3_label_comp_id' 
18 4 'Structure model' '_pdbx_struct_conn_angle.ptnr3_label_seq_id'  
19 4 'Structure model' '_pdbx_struct_conn_angle.ptnr3_symmetry'      
20 4 'Structure model' '_pdbx_struct_conn_angle.value'               
21 4 'Structure model' '_struct_conn.pdbx_dist_value'                
22 4 'Structure model' '_struct_conn.ptnr1_auth_comp_id'             
23 4 'Structure model' '_struct_conn.ptnr1_auth_seq_id'              
24 4 'Structure model' '_struct_conn.ptnr1_label_asym_id'            
25 4 'Structure model' '_struct_conn.ptnr1_label_atom_id'            
26 4 'Structure model' '_struct_conn.ptnr1_label_comp_id'            
27 4 'Structure model' '_struct_conn.ptnr1_label_seq_id'             
28 4 'Structure model' '_struct_conn.ptnr1_symmetry'                 
29 4 'Structure model' '_struct_conn.ptnr2_auth_comp_id'             
30 4 'Structure model' '_struct_conn.ptnr2_auth_seq_id'              
31 4 'Structure model' '_struct_conn.ptnr2_label_asym_id'            
32 4 'Structure model' '_struct_conn.ptnr2_label_atom_id'            
33 4 'Structure model' '_struct_conn.ptnr2_label_comp_id'            
34 4 'Structure model' '_struct_conn.ptnr2_label_seq_id'             
35 4 'Structure model' '_struct_conn.ptnr2_symmetry'                 
36 4 'Structure model' '_struct_ref_seq_dif.details'                 
37 4 'Structure model' '_struct_site.pdbx_auth_asym_id'              
38 4 'Structure model' '_struct_site.pdbx_auth_comp_id'              
39 4 'Structure model' '_struct_site.pdbx_auth_seq_id'               
# 
_pdbx_database_status.status_code                     REL 
_pdbx_database_status.entry_id                        1ZNK 
_pdbx_database_status.recvd_initial_deposition_date   2005-05-11 
_pdbx_database_status.deposit_site                    RCSB 
_pdbx_database_status.process_site                    RCSB 
_pdbx_database_status.status_code_sf                  REL 
_pdbx_database_status.status_code_mr                  ? 
_pdbx_database_status.SG_entry                        ? 
_pdbx_database_status.pdb_format_compatible           Y 
_pdbx_database_status.status_code_cs                  ? 
_pdbx_database_status.status_code_nmr_data            ? 
_pdbx_database_status.methods_development_category    ? 
# 
loop_
_pdbx_database_related.db_name 
_pdbx_database_related.db_id 
_pdbx_database_related.details 
_pdbx_database_related.content_type 
PDB 1ZND . unspecified 
PDB 1ZNG . unspecified 
PDB 1ZNH . unspecified 
PDB 1ZNE . unspecified 
PDB 1ZNL . unspecified 
# 
loop_
_audit_author.name 
_audit_author.pdbx_ordinal 
'Malham, R.'     1 
'Johnstone, S.'  2 
'Bingham, R.J.'  3 
'Barratt, E.'    4 
'Phillips, S.E.' 5 
'Laughton, C.A.' 6 
'Homans, S.W.'   7 
# 
_citation.id                        primary 
_citation.title                     'Strong Solute-Solute Dispersive Interactions in a Protein-Ligand Complex.' 
_citation.journal_abbrev            J.Am.Chem.Soc. 
_citation.journal_volume            127 
_citation.page_first                17061 
_citation.page_last                 17067 
_citation.year                      2005 
_citation.journal_id_ASTM           JACSAT 
_citation.country                   US 
_citation.journal_id_ISSN           0002-7863 
_citation.journal_id_CSD            0004 
_citation.book_publisher            ? 
_citation.pdbx_database_id_PubMed   16316253 
_citation.pdbx_database_id_DOI      10.1021/ja055454g 
# 
loop_
_citation_author.citation_id 
_citation_author.name 
_citation_author.ordinal 
_citation_author.identifier_ORCID 
primary 'Malham, R.'     1 ? 
primary 'Johnstone, S.'  2 ? 
primary 'Bingham, R.J.'  3 ? 
primary 'Barratt, E.'    4 ? 
primary 'Phillips, S.E.' 5 ? 
primary 'Laughton, C.A.' 6 ? 
primary 'Homans, S.W.'   7 ? 
# 
loop_
_entity.id 
_entity.type 
_entity.src_method 
_entity.pdbx_description 
_entity.formula_weight 
_entity.pdbx_number_of_molecules 
_entity.pdbx_ec 
_entity.pdbx_mutation 
_entity.pdbx_fragment 
_entity.details 
1 polymer     man 'Major Urinary Protein' 20139.400 1   ? ? ? ? 
2 non-polymer syn 'CADMIUM ION'           112.411   2   ? ? ? ? 
3 non-polymer syn NONAN-1-OL              144.254   1   ? ? ? ? 
4 water       nat water                   18.015    270 ? ? ? ? 
# 
_entity_poly.entity_id                      1 
_entity_poly.type                           'polypeptide(L)' 
_entity_poly.nstd_linkage                   no 
_entity_poly.nstd_monomer                   no 
_entity_poly.pdbx_seq_one_letter_code       
;MRGSHHHHHHGSEEASSTGRNFNVEKINGEWHTIILASDKREKIEDNGNFRLFLEQIHVLEKSLVLKFHTVRDEECSELS
MVADKTEKAGEYSVTYDGFNTFTIPKTDYDNFLMAHLINEKDGETFQLMGLYGREPDLSSDIKERFAQLCEEHGILRENI
IDLSNANRCLQARE
;
_entity_poly.pdbx_seq_one_letter_code_can   
;MRGSHHHHHHGSEEASSTGRNFNVEKINGEWHTIILASDKREKIEDNGNFRLFLEQIHVLEKSLVLKFHTVRDEECSELS
MVADKTEKAGEYSVTYDGFNTFTIPKTDYDNFLMAHLINEKDGETFQLMGLYGREPDLSSDIKERFAQLCEEHGILRENI
IDLSNANRCLQARE
;
_entity_poly.pdbx_strand_id                 A 
_entity_poly.pdbx_target_identifier         ? 
# 
loop_
_pdbx_entity_nonpoly.entity_id 
_pdbx_entity_nonpoly.name 
_pdbx_entity_nonpoly.comp_id 
2 'CADMIUM ION' CD  
3 NONAN-1-OL    F09 
4 water         HOH 
# 
loop_
_entity_poly_seq.entity_id 
_entity_poly_seq.num 
_entity_poly_seq.mon_id 
_entity_poly_seq.hetero 
1 1   MET n 
1 2   ARG n 
1 3   GLY n 
1 4   SER n 
1 5   HIS n 
1 6   HIS n 
1 7   HIS n 
1 8   HIS n 
1 9   HIS n 
1 10  HIS n 
1 11  GLY n 
1 12  SER n 
1 13  GLU n 
1 14  GLU n 
1 15  ALA n 
1 16  SER n 
1 17  SER n 
1 18  THR n 
1 19  GLY n 
1 20  ARG n 
1 21  ASN n 
1 22  PHE n 
1 23  ASN n 
1 24  VAL n 
1 25  GLU n 
1 26  LYS n 
1 27  ILE n 
1 28  ASN n 
1 29  GLY n 
1 30  GLU n 
1 31  TRP n 
1 32  HIS n 
1 33  THR n 
1 34  ILE n 
1 35  ILE n 
1 36  LEU n 
1 37  ALA n 
1 38  SER n 
1 39  ASP n 
1 40  LYS n 
1 41  ARG n 
1 42  GLU n 
1 43  LYS n 
1 44  ILE n 
1 45  GLU n 
1 46  ASP n 
1 47  ASN n 
1 48  GLY n 
1 49  ASN n 
1 50  PHE n 
1 51  ARG n 
1 52  LEU n 
1 53  PHE n 
1 54  LEU n 
1 55  GLU n 
1 56  GLN n 
1 57  ILE n 
1 58  HIS n 
1 59  VAL n 
1 60  LEU n 
1 61  GLU n 
1 62  LYS n 
1 63  SER n 
1 64  LEU n 
1 65  VAL n 
1 66  LEU n 
1 67  LYS n 
1 68  PHE n 
1 69  HIS n 
1 70  THR n 
1 71  VAL n 
1 72  ARG n 
1 73  ASP n 
1 74  GLU n 
1 75  GLU n 
1 76  CYS n 
1 77  SER n 
1 78  GLU n 
1 79  LEU n 
1 80  SER n 
1 81  MET n 
1 82  VAL n 
1 83  ALA n 
1 84  ASP n 
1 85  LYS n 
1 86  THR n 
1 87  GLU n 
1 88  LYS n 
1 89  ALA n 
1 90  GLY n 
1 91  GLU n 
1 92  TYR n 
1 93  SER n 
1 94  VAL n 
1 95  THR n 
1 96  TYR n 
1 97  ASP n 
1 98  GLY n 
1 99  PHE n 
1 100 ASN n 
1 101 THR n 
1 102 PHE n 
1 103 THR n 
1 104 ILE n 
1 105 PRO n 
1 106 LYS n 
1 107 THR n 
1 108 ASP n 
1 109 TYR n 
1 110 ASP n 
1 111 ASN n 
1 112 PHE n 
1 113 LEU n 
1 114 MET n 
1 115 ALA n 
1 116 HIS n 
1 117 LEU n 
1 118 ILE n 
1 119 ASN n 
1 120 GLU n 
1 121 LYS n 
1 122 ASP n 
1 123 GLY n 
1 124 GLU n 
1 125 THR n 
1 126 PHE n 
1 127 GLN n 
1 128 LEU n 
1 129 MET n 
1 130 GLY n 
1 131 LEU n 
1 132 TYR n 
1 133 GLY n 
1 134 ARG n 
1 135 GLU n 
1 136 PRO n 
1 137 ASP n 
1 138 LEU n 
1 139 SER n 
1 140 SER n 
1 141 ASP n 
1 142 ILE n 
1 143 LYS n 
1 144 GLU n 
1 145 ARG n 
1 146 PHE n 
1 147 ALA n 
1 148 GLN n 
1 149 LEU n 
1 150 CYS n 
1 151 GLU n 
1 152 GLU n 
1 153 HIS n 
1 154 GLY n 
1 155 ILE n 
1 156 LEU n 
1 157 ARG n 
1 158 GLU n 
1 159 ASN n 
1 160 ILE n 
1 161 ILE n 
1 162 ASP n 
1 163 LEU n 
1 164 SER n 
1 165 ASN n 
1 166 ALA n 
1 167 ASN n 
1 168 ARG n 
1 169 CYS n 
1 170 LEU n 
1 171 GLN n 
1 172 ALA n 
1 173 ARG n 
1 174 GLU n 
# 
_entity_src_gen.entity_id                          1 
_entity_src_gen.pdbx_src_id                        1 
_entity_src_gen.pdbx_alt_source_flag               sample 
_entity_src_gen.pdbx_seq_type                      ? 
_entity_src_gen.pdbx_beg_seq_num                   ? 
_entity_src_gen.pdbx_end_seq_num                   ? 
_entity_src_gen.gene_src_common_name               'house mouse' 
_entity_src_gen.gene_src_genus                     Mus 
_entity_src_gen.pdbx_gene_src_gene                 MUP1 
_entity_src_gen.gene_src_species                   ? 
_entity_src_gen.gene_src_strain                    ? 
_entity_src_gen.gene_src_tissue                    ? 
_entity_src_gen.gene_src_tissue_fraction           ? 
_entity_src_gen.gene_src_details                   ? 
_entity_src_gen.pdbx_gene_src_fragment             ? 
_entity_src_gen.pdbx_gene_src_scientific_name      'Mus musculus' 
_entity_src_gen.pdbx_gene_src_ncbi_taxonomy_id     10090 
_entity_src_gen.pdbx_gene_src_variant              ? 
_entity_src_gen.pdbx_gene_src_cell_line            ? 
_entity_src_gen.pdbx_gene_src_atcc                 ? 
_entity_src_gen.pdbx_gene_src_organ                ? 
_entity_src_gen.pdbx_gene_src_organelle            ? 
_entity_src_gen.pdbx_gene_src_cell                 ? 
_entity_src_gen.pdbx_gene_src_cellular_location    ? 
_entity_src_gen.host_org_common_name               ? 
_entity_src_gen.pdbx_host_org_scientific_name      'Escherichia coli' 
_entity_src_gen.pdbx_host_org_ncbi_taxonomy_id     562 
_entity_src_gen.host_org_genus                     Escherichia 
_entity_src_gen.pdbx_host_org_gene                 ? 
_entity_src_gen.pdbx_host_org_organ                ? 
_entity_src_gen.host_org_species                   ? 
_entity_src_gen.pdbx_host_org_tissue               ? 
_entity_src_gen.pdbx_host_org_tissue_fraction      ? 
_entity_src_gen.pdbx_host_org_strain               SG13009 
_entity_src_gen.pdbx_host_org_variant              ? 
_entity_src_gen.pdbx_host_org_cell_line            ? 
_entity_src_gen.pdbx_host_org_atcc                 ? 
_entity_src_gen.pdbx_host_org_culture_collection   ? 
_entity_src_gen.pdbx_host_org_cell                 ? 
_entity_src_gen.pdbx_host_org_organelle            ? 
_entity_src_gen.pdbx_host_org_cellular_location    ? 
_entity_src_gen.pdbx_host_org_vector_type          PLASMID 
_entity_src_gen.pdbx_host_org_vector               ? 
_entity_src_gen.host_org_details                   ? 
_entity_src_gen.expression_system_id               ? 
_entity_src_gen.plasmid_name                       pQE30 
_entity_src_gen.plasmid_details                    ? 
_entity_src_gen.pdbx_description                   ? 
# 
loop_
_chem_comp.id 
_chem_comp.type 
_chem_comp.mon_nstd_flag 
_chem_comp.name 
_chem_comp.pdbx_synonyms 
_chem_comp.formula 
_chem_comp.formula_weight 
ALA 'L-peptide linking' y ALANINE         ? 'C3 H7 N O2'     89.093  
ARG 'L-peptide linking' y ARGININE        ? 'C6 H15 N4 O2 1' 175.209 
ASN 'L-peptide linking' y ASPARAGINE      ? 'C4 H8 N2 O3'    132.118 
ASP 'L-peptide linking' y 'ASPARTIC ACID' ? 'C4 H7 N O4'     133.103 
CD  non-polymer         . 'CADMIUM ION'   ? 'Cd 2'           112.411 
CYS 'L-peptide linking' y CYSTEINE        ? 'C3 H7 N O2 S'   121.158 
F09 non-polymer         . NONAN-1-OL      ? 'C9 H20 O'       144.254 
GLN 'L-peptide linking' y GLUTAMINE       ? 'C5 H10 N2 O3'   146.144 
GLU 'L-peptide linking' y 'GLUTAMIC ACID' ? 'C5 H9 N O4'     147.129 
GLY 'peptide linking'   y GLYCINE         ? 'C2 H5 N O2'     75.067  
HIS 'L-peptide linking' y HISTIDINE       ? 'C6 H10 N3 O2 1' 156.162 
HOH non-polymer         . WATER           ? 'H2 O'           18.015  
ILE 'L-peptide linking' y ISOLEUCINE      ? 'C6 H13 N O2'    131.173 
LEU 'L-peptide linking' y LEUCINE         ? 'C6 H13 N O2'    131.173 
LYS 'L-peptide linking' y LYSINE          ? 'C6 H15 N2 O2 1' 147.195 
MET 'L-peptide linking' y METHIONINE      ? 'C5 H11 N O2 S'  149.211 
PHE 'L-peptide linking' y PHENYLALANINE   ? 'C9 H11 N O2'    165.189 
PRO 'L-peptide linking' y PROLINE         ? 'C5 H9 N O2'     115.130 
SER 'L-peptide linking' y SERINE          ? 'C3 H7 N O3'     105.093 
THR 'L-peptide linking' y THREONINE       ? 'C4 H9 N O3'     119.119 
TRP 'L-peptide linking' y TRYPTOPHAN      ? 'C11 H12 N2 O2'  204.225 
TYR 'L-peptide linking' y TYROSINE        ? 'C9 H11 N O3'    181.189 
VAL 'L-peptide linking' y VALINE          ? 'C5 H11 N O2'    117.146 
# 
loop_
_pdbx_poly_seq_scheme.asym_id 
_pdbx_poly_seq_scheme.entity_id 
_pdbx_poly_seq_scheme.seq_id 
_pdbx_poly_seq_scheme.mon_id 
_pdbx_poly_seq_scheme.ndb_seq_num 
_pdbx_poly_seq_scheme.pdb_seq_num 
_pdbx_poly_seq_scheme.auth_seq_num 
_pdbx_poly_seq_scheme.pdb_mon_id 
_pdbx_poly_seq_scheme.auth_mon_id 
_pdbx_poly_seq_scheme.pdb_strand_id 
_pdbx_poly_seq_scheme.pdb_ins_code 
_pdbx_poly_seq_scheme.hetero 
A 1 1   MET 1   -11 ?   ?   ?   A . n 
A 1 2   ARG 2   -10 ?   ?   ?   A . n 
A 1 3   GLY 3   -9  ?   ?   ?   A . n 
A 1 4   SER 4   -8  ?   ?   ?   A . n 
A 1 5   HIS 5   -7  ?   ?   ?   A . n 
A 1 6   HIS 6   -6  ?   ?   ?   A . n 
A 1 7   HIS 7   -5  ?   ?   ?   A . n 
A 1 8   HIS 8   -4  ?   ?   ?   A . n 
A 1 9   HIS 9   -3  ?   ?   ?   A . n 
A 1 10  HIS 10  -2  ?   ?   ?   A . n 
A 1 11  GLY 11  -1  ?   ?   ?   A . n 
A 1 12  SER 12  0   ?   ?   ?   A . n 
A 1 13  GLU 13  1   1   GLU GLU A . n 
A 1 14  GLU 14  2   2   GLU GLU A . n 
A 1 15  ALA 15  3   3   ALA ALA A . n 
A 1 16  SER 16  4   4   SER SER A . n 
A 1 17  SER 17  5   5   SER SER A . n 
A 1 18  THR 18  6   6   THR THR A . n 
A 1 19  GLY 19  7   7   GLY GLY A . n 
A 1 20  ARG 20  8   8   ARG ARG A . n 
A 1 21  ASN 21  9   9   ASN ASN A . n 
A 1 22  PHE 22  10  10  PHE PHE A . n 
A 1 23  ASN 23  11  11  ASN ASN A . n 
A 1 24  VAL 24  12  12  VAL VAL A . n 
A 1 25  GLU 25  13  13  GLU GLU A . n 
A 1 26  LYS 26  14  14  LYS LYS A . n 
A 1 27  ILE 27  15  15  ILE ILE A . n 
A 1 28  ASN 28  16  16  ASN ASN A . n 
A 1 29  GLY 29  17  17  GLY GLY A . n 
A 1 30  GLU 30  18  18  GLU GLU A . n 
A 1 31  TRP 31  19  19  TRP TRP A . n 
A 1 32  HIS 32  20  20  HIS HIS A . n 
A 1 33  THR 33  21  21  THR THR A . n 
A 1 34  ILE 34  22  22  ILE ILE A . n 
A 1 35  ILE 35  23  23  ILE ILE A . n 
A 1 36  LEU 36  24  24  LEU LEU A . n 
A 1 37  ALA 37  25  25  ALA ALA A . n 
A 1 38  SER 38  26  26  SER SER A . n 
A 1 39  ASP 39  27  27  ASP ASP A . n 
A 1 40  LYS 40  28  28  LYS LYS A . n 
A 1 41  ARG 41  29  29  ARG ARG A . n 
A 1 42  GLU 42  30  30  GLU GLU A . n 
A 1 43  LYS 43  31  31  LYS LYS A . n 
A 1 44  ILE 44  32  32  ILE ILE A . n 
A 1 45  GLU 45  33  33  GLU GLU A . n 
A 1 46  ASP 46  34  34  ASP ASP A . n 
A 1 47  ASN 47  35  35  ASN ASN A . n 
A 1 48  GLY 48  36  36  GLY GLY A . n 
A 1 49  ASN 49  37  37  ASN ASN A . n 
A 1 50  PHE 50  38  38  PHE PHE A . n 
A 1 51  ARG 51  39  39  ARG ARG A . n 
A 1 52  LEU 52  40  40  LEU LEU A . n 
A 1 53  PHE 53  41  41  PHE PHE A . n 
A 1 54  LEU 54  42  42  LEU LEU A . n 
A 1 55  GLU 55  43  43  GLU GLU A . n 
A 1 56  GLN 56  44  44  GLN GLN A . n 
A 1 57  ILE 57  45  45  ILE ILE A . n 
A 1 58  HIS 58  46  46  HIS HIS A . n 
A 1 59  VAL 59  47  47  VAL VAL A . n 
A 1 60  LEU 60  48  48  LEU LEU A . n 
A 1 61  GLU 61  49  49  GLU GLU A . n 
A 1 62  LYS 62  50  50  LYS LYS A . n 
A 1 63  SER 63  51  51  SER SER A . n 
A 1 64  LEU 64  52  52  LEU LEU A . n 
A 1 65  VAL 65  53  53  VAL VAL A . n 
A 1 66  LEU 66  54  54  LEU LEU A . n 
A 1 67  LYS 67  55  55  LYS LYS A . n 
A 1 68  PHE 68  56  56  PHE PHE A . n 
A 1 69  HIS 69  57  57  HIS HIS A . n 
A 1 70  THR 70  58  58  THR THR A . n 
A 1 71  VAL 71  59  59  VAL VAL A . n 
A 1 72  ARG 72  60  60  ARG ARG A . n 
A 1 73  ASP 73  61  61  ASP ASP A . n 
A 1 74  GLU 74  62  62  GLU GLU A . n 
A 1 75  GLU 75  63  63  GLU GLU A . n 
A 1 76  CYS 76  64  64  CYS CYS A . n 
A 1 77  SER 77  65  65  SER SER A . n 
A 1 78  GLU 78  66  66  GLU GLU A . n 
A 1 79  LEU 79  67  67  LEU LEU A . n 
A 1 80  SER 80  68  68  SER SER A . n 
A 1 81  MET 81  69  69  MET MET A . n 
A 1 82  VAL 82  70  70  VAL VAL A . n 
A 1 83  ALA 83  71  71  ALA ALA A . n 
A 1 84  ASP 84  72  72  ASP ASP A . n 
A 1 85  LYS 85  73  73  LYS LYS A . n 
A 1 86  THR 86  74  74  THR THR A . n 
A 1 87  GLU 87  75  75  GLU GLU A . n 
A 1 88  LYS 88  76  76  LYS LYS A . n 
A 1 89  ALA 89  77  77  ALA ALA A . n 
A 1 90  GLY 90  78  78  GLY GLY A . n 
A 1 91  GLU 91  79  79  GLU GLU A . n 
A 1 92  TYR 92  80  80  TYR TYR A . n 
A 1 93  SER 93  81  81  SER SER A . n 
A 1 94  VAL 94  82  82  VAL VAL A . n 
A 1 95  THR 95  83  83  THR THR A . n 
A 1 96  TYR 96  84  84  TYR TYR A . n 
A 1 97  ASP 97  85  85  ASP ASP A . n 
A 1 98  GLY 98  86  86  GLY GLY A . n 
A 1 99  PHE 99  87  87  PHE PHE A . n 
A 1 100 ASN 100 88  88  ASN ASN A . n 
A 1 101 THR 101 89  89  THR THR A . n 
A 1 102 PHE 102 90  90  PHE PHE A . n 
A 1 103 THR 103 91  91  THR THR A . n 
A 1 104 ILE 104 92  92  ILE ILE A . n 
A 1 105 PRO 105 93  93  PRO PRO A . n 
A 1 106 LYS 106 94  94  LYS LYS A . n 
A 1 107 THR 107 95  95  THR THR A . n 
A 1 108 ASP 108 96  96  ASP ASP A . n 
A 1 109 TYR 109 97  97  TYR TYR A . n 
A 1 110 ASP 110 98  98  ASP ASP A . n 
A 1 111 ASN 111 99  99  ASN ASN A . n 
A 1 112 PHE 112 100 100 PHE PHE A . n 
A 1 113 LEU 113 101 101 LEU LEU A . n 
A 1 114 MET 114 102 102 MET MET A . n 
A 1 115 ALA 115 103 103 ALA ALA A . n 
A 1 116 HIS 116 104 104 HIS HIS A . n 
A 1 117 LEU 117 105 105 LEU LEU A . n 
A 1 118 ILE 118 106 106 ILE ILE A . n 
A 1 119 ASN 119 107 107 ASN ASN A . n 
A 1 120 GLU 120 108 108 GLU GLU A . n 
A 1 121 LYS 121 109 109 LYS LYS A . n 
A 1 122 ASP 122 110 110 ASP ASP A . n 
A 1 123 GLY 123 111 111 GLY GLY A . n 
A 1 124 GLU 124 112 112 GLU GLU A . n 
A 1 125 THR 125 113 113 THR THR A . n 
A 1 126 PHE 126 114 114 PHE PHE A . n 
A 1 127 GLN 127 115 115 GLN GLN A . n 
A 1 128 LEU 128 116 116 LEU LEU A . n 
A 1 129 MET 129 117 117 MET MET A . n 
A 1 130 GLY 130 118 118 GLY GLY A . n 
A 1 131 LEU 131 119 119 LEU LEU A . n 
A 1 132 TYR 132 120 120 TYR TYR A . n 
A 1 133 GLY 133 121 121 GLY GLY A . n 
A 1 134 ARG 134 122 122 ARG ARG A . n 
A 1 135 GLU 135 123 123 GLU GLU A . n 
A 1 136 PRO 136 124 124 PRO PRO A . n 
A 1 137 ASP 137 125 125 ASP ASP A . n 
A 1 138 LEU 138 126 126 LEU LEU A . n 
A 1 139 SER 139 127 127 SER SER A . n 
A 1 140 SER 140 128 128 SER SER A . n 
A 1 141 ASP 141 129 129 ASP ASP A . n 
A 1 142 ILE 142 130 130 ILE ILE A . n 
A 1 143 LYS 143 131 131 LYS LYS A . n 
A 1 144 GLU 144 132 132 GLU GLU A . n 
A 1 145 ARG 145 133 133 ARG ARG A . n 
A 1 146 PHE 146 134 134 PHE PHE A . n 
A 1 147 ALA 147 135 135 ALA ALA A . n 
A 1 148 GLN 148 136 136 GLN GLN A . n 
A 1 149 LEU 149 137 137 LEU LEU A . n 
A 1 150 CYS 150 138 138 CYS CYS A . n 
A 1 151 GLU 151 139 139 GLU GLU A . n 
A 1 152 GLU 152 140 140 GLU GLU A . n 
A 1 153 HIS 153 141 141 HIS HIS A . n 
A 1 154 GLY 154 142 142 GLY GLY A . n 
A 1 155 ILE 155 143 143 ILE ILE A . n 
A 1 156 LEU 156 144 144 LEU LEU A . n 
A 1 157 ARG 157 145 145 ARG ARG A . n 
A 1 158 GLU 158 146 146 GLU GLU A . n 
A 1 159 ASN 159 147 147 ASN ASN A . n 
A 1 160 ILE 160 148 148 ILE ILE A . n 
A 1 161 ILE 161 149 149 ILE ILE A . n 
A 1 162 ASP 162 150 150 ASP ASP A . n 
A 1 163 LEU 163 151 151 LEU LEU A . n 
A 1 164 SER 164 152 152 SER SER A . n 
A 1 165 ASN 165 153 153 ASN ASN A . n 
A 1 166 ALA 166 154 154 ALA ALA A . n 
A 1 167 ASN 167 155 155 ASN ASN A . n 
A 1 168 ARG 168 156 156 ARG ARG A . n 
A 1 169 CYS 169 157 157 CYS CYS A . n 
A 1 170 LEU 170 158 ?   ?   ?   A . n 
A 1 171 GLN 171 159 ?   ?   ?   A . n 
A 1 172 ALA 172 160 ?   ?   ?   A . n 
A 1 173 ARG 173 161 ?   ?   ?   A . n 
A 1 174 GLU 174 162 ?   ?   ?   A . n 
# 
loop_
_pdbx_nonpoly_scheme.asym_id 
_pdbx_nonpoly_scheme.entity_id 
_pdbx_nonpoly_scheme.mon_id 
_pdbx_nonpoly_scheme.ndb_seq_num 
_pdbx_nonpoly_scheme.pdb_seq_num 
_pdbx_nonpoly_scheme.auth_seq_num 
_pdbx_nonpoly_scheme.pdb_mon_id 
_pdbx_nonpoly_scheme.auth_mon_id 
_pdbx_nonpoly_scheme.pdb_strand_id 
_pdbx_nonpoly_scheme.pdb_ins_code 
B 2 CD  1   200 200 CD  CD  A . 
C 2 CD  1   201 201 CD  CD  A . 
D 3 F09 1   202 1   F09 DRG A . 
E 4 HOH 1   203 202 HOH WAT A . 
E 4 HOH 2   204 203 HOH WAT A . 
E 4 HOH 3   205 204 HOH WAT A . 
E 4 HOH 4   206 205 HOH WAT A . 
E 4 HOH 5   207 206 HOH WAT A . 
E 4 HOH 6   208 207 HOH WAT A . 
E 4 HOH 7   209 208 HOH WAT A . 
E 4 HOH 8   210 209 HOH WAT A . 
E 4 HOH 9   211 210 HOH WAT A . 
E 4 HOH 10  212 211 HOH WAT A . 
E 4 HOH 11  213 212 HOH WAT A . 
E 4 HOH 12  214 213 HOH WAT A . 
E 4 HOH 13  215 214 HOH WAT A . 
E 4 HOH 14  216 215 HOH WAT A . 
E 4 HOH 15  217 216 HOH WAT A . 
E 4 HOH 16  218 217 HOH WAT A . 
E 4 HOH 17  219 218 HOH WAT A . 
E 4 HOH 18  220 219 HOH WAT A . 
E 4 HOH 19  221 220 HOH WAT A . 
E 4 HOH 20  222 221 HOH WAT A . 
E 4 HOH 21  223 222 HOH WAT A . 
E 4 HOH 22  224 223 HOH WAT A . 
E 4 HOH 23  225 224 HOH WAT A . 
E 4 HOH 24  226 225 HOH WAT A . 
E 4 HOH 25  227 226 HOH WAT A . 
E 4 HOH 26  228 227 HOH WAT A . 
E 4 HOH 27  229 228 HOH WAT A . 
E 4 HOH 28  230 229 HOH WAT A . 
E 4 HOH 29  231 230 HOH WAT A . 
E 4 HOH 30  232 231 HOH WAT A . 
E 4 HOH 31  233 232 HOH WAT A . 
E 4 HOH 32  234 233 HOH WAT A . 
E 4 HOH 33  235 234 HOH WAT A . 
E 4 HOH 34  236 236 HOH WAT A . 
E 4 HOH 35  237 237 HOH WAT A . 
E 4 HOH 36  238 238 HOH WAT A . 
E 4 HOH 37  239 239 HOH WAT A . 
E 4 HOH 38  240 240 HOH WAT A . 
E 4 HOH 39  241 241 HOH WAT A . 
E 4 HOH 40  242 242 HOH WAT A . 
E 4 HOH 41  243 243 HOH WAT A . 
E 4 HOH 42  244 244 HOH WAT A . 
E 4 HOH 43  245 245 HOH WAT A . 
E 4 HOH 44  246 246 HOH WAT A . 
E 4 HOH 45  247 247 HOH WAT A . 
E 4 HOH 46  248 248 HOH WAT A . 
E 4 HOH 47  249 249 HOH WAT A . 
E 4 HOH 48  250 250 HOH WAT A . 
E 4 HOH 49  251 251 HOH WAT A . 
E 4 HOH 50  252 252 HOH WAT A . 
E 4 HOH 51  253 253 HOH WAT A . 
E 4 HOH 52  254 254 HOH WAT A . 
E 4 HOH 53  255 255 HOH WAT A . 
E 4 HOH 54  256 256 HOH WAT A . 
E 4 HOH 55  257 257 HOH WAT A . 
E 4 HOH 56  258 258 HOH WAT A . 
E 4 HOH 57  259 259 HOH WAT A . 
E 4 HOH 58  260 260 HOH WAT A . 
E 4 HOH 59  261 261 HOH WAT A . 
E 4 HOH 60  262 262 HOH WAT A . 
E 4 HOH 61  263 263 HOH WAT A . 
E 4 HOH 62  264 264 HOH WAT A . 
E 4 HOH 63  265 265 HOH WAT A . 
E 4 HOH 64  266 266 HOH WAT A . 
E 4 HOH 65  267 267 HOH WAT A . 
E 4 HOH 66  268 268 HOH WAT A . 
E 4 HOH 67  269 269 HOH WAT A . 
E 4 HOH 68  270 270 HOH WAT A . 
E 4 HOH 69  271 271 HOH WAT A . 
E 4 HOH 70  272 272 HOH WAT A . 
E 4 HOH 71  273 273 HOH WAT A . 
E 4 HOH 72  274 274 HOH WAT A . 
E 4 HOH 73  275 275 HOH WAT A . 
E 4 HOH 74  276 276 HOH WAT A . 
E 4 HOH 75  277 278 HOH WAT A . 
E 4 HOH 76  278 279 HOH WAT A . 
E 4 HOH 77  279 280 HOH WAT A . 
E 4 HOH 78  280 281 HOH WAT A . 
E 4 HOH 79  281 282 HOH WAT A . 
E 4 HOH 80  282 283 HOH WAT A . 
E 4 HOH 81  283 284 HOH WAT A . 
E 4 HOH 82  284 285 HOH WAT A . 
E 4 HOH 83  285 286 HOH WAT A . 
E 4 HOH 84  286 287 HOH WAT A . 
E 4 HOH 85  287 288 HOH WAT A . 
E 4 HOH 86  288 289 HOH WAT A . 
E 4 HOH 87  289 290 HOH WAT A . 
E 4 HOH 88  290 291 HOH WAT A . 
E 4 HOH 89  291 292 HOH WAT A . 
E 4 HOH 90  292 293 HOH WAT A . 
E 4 HOH 91  293 294 HOH WAT A . 
E 4 HOH 92  294 295 HOH WAT A . 
E 4 HOH 93  295 296 HOH WAT A . 
E 4 HOH 94  296 297 HOH WAT A . 
E 4 HOH 95  297 298 HOH WAT A . 
E 4 HOH 96  298 299 HOH WAT A . 
E 4 HOH 97  299 300 HOH WAT A . 
E 4 HOH 98  300 301 HOH WAT A . 
E 4 HOH 99  301 302 HOH WAT A . 
E 4 HOH 100 302 303 HOH WAT A . 
E 4 HOH 101 303 304 HOH WAT A . 
E 4 HOH 102 304 305 HOH WAT A . 
E 4 HOH 103 305 306 HOH WAT A . 
E 4 HOH 104 306 307 HOH WAT A . 
E 4 HOH 105 307 308 HOH WAT A . 
E 4 HOH 106 308 309 HOH WAT A . 
E 4 HOH 107 309 310 HOH WAT A . 
E 4 HOH 108 310 311 HOH WAT A . 
E 4 HOH 109 311 312 HOH WAT A . 
E 4 HOH 110 312 313 HOH WAT A . 
E 4 HOH 111 313 314 HOH WAT A . 
E 4 HOH 112 314 315 HOH WAT A . 
E 4 HOH 113 315 316 HOH WAT A . 
E 4 HOH 114 316 317 HOH WAT A . 
E 4 HOH 115 317 318 HOH WAT A . 
E 4 HOH 116 318 319 HOH WAT A . 
E 4 HOH 117 319 320 HOH WAT A . 
E 4 HOH 118 320 321 HOH WAT A . 
E 4 HOH 119 321 322 HOH WAT A . 
E 4 HOH 120 322 323 HOH WAT A . 
E 4 HOH 121 323 324 HOH WAT A . 
E 4 HOH 122 324 325 HOH WAT A . 
E 4 HOH 123 325 326 HOH WAT A . 
E 4 HOH 124 326 327 HOH WAT A . 
E 4 HOH 125 327 328 HOH WAT A . 
E 4 HOH 126 328 329 HOH WAT A . 
E 4 HOH 127 329 330 HOH WAT A . 
E 4 HOH 128 330 331 HOH WAT A . 
E 4 HOH 129 331 332 HOH WAT A . 
E 4 HOH 130 332 333 HOH WAT A . 
E 4 HOH 131 333 334 HOH WAT A . 
E 4 HOH 132 334 335 HOH WAT A . 
E 4 HOH 133 335 336 HOH WAT A . 
E 4 HOH 134 336 337 HOH WAT A . 
E 4 HOH 135 337 338 HOH WAT A . 
E 4 HOH 136 338 339 HOH WAT A . 
E 4 HOH 137 339 340 HOH WAT A . 
E 4 HOH 138 340 341 HOH WAT A . 
E 4 HOH 139 341 342 HOH WAT A . 
E 4 HOH 140 342 343 HOH WAT A . 
E 4 HOH 141 343 344 HOH WAT A . 
E 4 HOH 142 344 345 HOH WAT A . 
E 4 HOH 143 345 346 HOH WAT A . 
E 4 HOH 144 346 347 HOH WAT A . 
E 4 HOH 145 347 348 HOH WAT A . 
E 4 HOH 146 348 349 HOH WAT A . 
E 4 HOH 147 349 350 HOH WAT A . 
E 4 HOH 148 350 351 HOH WAT A . 
E 4 HOH 149 351 352 HOH WAT A . 
E 4 HOH 150 352 353 HOH WAT A . 
E 4 HOH 151 353 354 HOH WAT A . 
E 4 HOH 152 354 355 HOH WAT A . 
E 4 HOH 153 355 356 HOH WAT A . 
E 4 HOH 154 356 357 HOH WAT A . 
E 4 HOH 155 357 358 HOH WAT A . 
E 4 HOH 156 358 359 HOH WAT A . 
E 4 HOH 157 359 360 HOH WAT A . 
E 4 HOH 158 360 361 HOH WAT A . 
E 4 HOH 159 361 362 HOH WAT A . 
E 4 HOH 160 362 363 HOH WAT A . 
E 4 HOH 161 363 364 HOH WAT A . 
E 4 HOH 162 364 365 HOH WAT A . 
E 4 HOH 163 365 366 HOH WAT A . 
E 4 HOH 164 366 367 HOH WAT A . 
E 4 HOH 165 367 368 HOH WAT A . 
E 4 HOH 166 368 369 HOH WAT A . 
E 4 HOH 167 369 370 HOH WAT A . 
E 4 HOH 168 370 371 HOH WAT A . 
E 4 HOH 169 371 372 HOH WAT A . 
E 4 HOH 170 372 373 HOH WAT A . 
E 4 HOH 171 373 374 HOH WAT A . 
E 4 HOH 172 374 375 HOH WAT A . 
E 4 HOH 173 375 376 HOH WAT A . 
E 4 HOH 174 376 377 HOH WAT A . 
E 4 HOH 175 377 378 HOH WAT A . 
E 4 HOH 176 378 379 HOH WAT A . 
E 4 HOH 177 379 380 HOH WAT A . 
E 4 HOH 178 380 381 HOH WAT A . 
E 4 HOH 179 381 382 HOH WAT A . 
E 4 HOH 180 382 383 HOH WAT A . 
E 4 HOH 181 383 384 HOH WAT A . 
E 4 HOH 182 384 385 HOH WAT A . 
E 4 HOH 183 385 386 HOH WAT A . 
E 4 HOH 184 386 387 HOH WAT A . 
E 4 HOH 185 387 388 HOH WAT A . 
E 4 HOH 186 388 389 HOH WAT A . 
E 4 HOH 187 389 390 HOH WAT A . 
E 4 HOH 188 390 391 HOH WAT A . 
E 4 HOH 189 391 392 HOH WAT A . 
E 4 HOH 190 392 393 HOH WAT A . 
E 4 HOH 191 393 394 HOH WAT A . 
E 4 HOH 192 394 395 HOH WAT A . 
E 4 HOH 193 395 396 HOH WAT A . 
E 4 HOH 194 396 397 HOH WAT A . 
E 4 HOH 195 397 398 HOH WAT A . 
E 4 HOH 196 398 399 HOH WAT A . 
E 4 HOH 197 399 400 HOH WAT A . 
E 4 HOH 198 400 401 HOH WAT A . 
E 4 HOH 199 401 402 HOH WAT A . 
E 4 HOH 200 402 403 HOH WAT A . 
E 4 HOH 201 403 404 HOH WAT A . 
E 4 HOH 202 404 405 HOH WAT A . 
E 4 HOH 203 405 406 HOH WAT A . 
E 4 HOH 204 406 407 HOH WAT A . 
E 4 HOH 205 407 408 HOH WAT A . 
E 4 HOH 206 408 409 HOH WAT A . 
E 4 HOH 207 409 410 HOH WAT A . 
E 4 HOH 208 410 411 HOH WAT A . 
E 4 HOH 209 411 412 HOH WAT A . 
E 4 HOH 210 412 413 HOH WAT A . 
E 4 HOH 211 413 414 HOH WAT A . 
E 4 HOH 212 414 415 HOH WAT A . 
E 4 HOH 213 415 416 HOH WAT A . 
E 4 HOH 214 416 417 HOH WAT A . 
E 4 HOH 215 417 418 HOH WAT A . 
E 4 HOH 216 418 419 HOH WAT A . 
E 4 HOH 217 419 420 HOH WAT A . 
E 4 HOH 218 420 421 HOH WAT A . 
E 4 HOH 219 421 422 HOH WAT A . 
E 4 HOH 220 422 423 HOH WAT A . 
E 4 HOH 221 423 424 HOH WAT A . 
E 4 HOH 222 424 425 HOH WAT A . 
E 4 HOH 223 425 426 HOH WAT A . 
E 4 HOH 224 426 427 HOH WAT A . 
E 4 HOH 225 427 428 HOH WAT A . 
E 4 HOH 226 428 429 HOH WAT A . 
E 4 HOH 227 429 430 HOH WAT A . 
E 4 HOH 228 430 431 HOH WAT A . 
E 4 HOH 229 431 432 HOH WAT A . 
E 4 HOH 230 432 433 HOH WAT A . 
E 4 HOH 231 433 434 HOH WAT A . 
E 4 HOH 232 434 435 HOH WAT A . 
E 4 HOH 233 435 436 HOH WAT A . 
E 4 HOH 234 436 437 HOH WAT A . 
E 4 HOH 235 437 438 HOH WAT A . 
E 4 HOH 236 438 439 HOH WAT A . 
E 4 HOH 237 439 440 HOH WAT A . 
E 4 HOH 238 440 441 HOH WAT A . 
E 4 HOH 239 441 442 HOH WAT A . 
E 4 HOH 240 442 443 HOH WAT A . 
E 4 HOH 241 443 444 HOH WAT A . 
E 4 HOH 242 444 445 HOH WAT A . 
E 4 HOH 243 445 446 HOH WAT A . 
E 4 HOH 244 446 447 HOH WAT A . 
E 4 HOH 245 447 448 HOH WAT A . 
E 4 HOH 246 448 449 HOH WAT A . 
E 4 HOH 247 449 450 HOH WAT A . 
E 4 HOH 248 450 451 HOH WAT A . 
E 4 HOH 249 451 452 HOH WAT A . 
E 4 HOH 250 452 453 HOH WAT A . 
E 4 HOH 251 453 454 HOH WAT A . 
E 4 HOH 252 454 455 HOH WAT A . 
E 4 HOH 253 455 456 HOH WAT A . 
E 4 HOH 254 456 457 HOH WAT A . 
E 4 HOH 255 457 460 HOH WAT A . 
E 4 HOH 256 458 461 HOH WAT A . 
E 4 HOH 257 459 462 HOH WAT A . 
E 4 HOH 258 460 463 HOH WAT A . 
E 4 HOH 259 461 464 HOH WAT A . 
E 4 HOH 260 462 465 HOH WAT A . 
E 4 HOH 261 463 466 HOH WAT A . 
E 4 HOH 262 464 467 HOH WAT A . 
E 4 HOH 263 465 468 HOH WAT A . 
E 4 HOH 264 466 469 HOH WAT A . 
E 4 HOH 265 467 470 HOH WAT A . 
E 4 HOH 266 468 471 HOH WAT A . 
E 4 HOH 267 469 472 HOH WAT A . 
E 4 HOH 268 470 473 HOH WAT A . 
E 4 HOH 269 471 474 HOH WAT A . 
E 4 HOH 270 472 475 HOH WAT A . 
# 
loop_
_software.name 
_software.classification 
_software.version 
_software.citation_id 
_software.pdbx_ordinal 
MOSFLM 'data reduction' .         ? 1 
SCALA  'data scaling'   .         ? 2 
CNS    refinement       .         ? 3 
CCP4   'data scaling'   '(SCALA)' ? 4 
CNS    phasing          .         ? 5 
# 
_cell.entry_id           1ZNK 
_cell.length_a           53.498 
_cell.length_b           53.498 
_cell.length_c           137.401 
_cell.angle_alpha        90.00 
_cell.angle_beta         90.00 
_cell.angle_gamma        90.00 
_cell.Z_PDB              8 
_cell.pdbx_unique_axis   ? 
# 
_symmetry.entry_id                         1ZNK 
_symmetry.space_group_name_H-M             'P 43 21 2' 
_symmetry.pdbx_full_space_group_name_H-M   ? 
_symmetry.cell_setting                     ? 
_symmetry.Int_Tables_number                96 
_symmetry.space_group_name_Hall            ? 
# 
_exptl.entry_id          1ZNK 
_exptl.method            'X-RAY DIFFRACTION' 
_exptl.crystals_number   1 
# 
_exptl_crystal.id                    1 
_exptl_crystal.density_meas          ? 
_exptl_crystal.density_Matthews      2.73 
_exptl_crystal.density_percent_sol   54.63 
_exptl_crystal.description           ? 
_exptl_crystal.F_000                 ? 
_exptl_crystal.preparation           ? 
# 
_exptl_crystal_grow.crystal_id      1 
_exptl_crystal_grow.method          'VAPOR DIFFUSION, HANGING DROP' 
_exptl_crystal_grow.temp            291 
_exptl_crystal_grow.temp_details    ? 
_exptl_crystal_grow.pH              4.9 
_exptl_crystal_grow.pdbx_details    'CdCl, malate, HCl , pH 4.9, VAPOR DIFFUSION, HANGING DROP, temperature 291K' 
_exptl_crystal_grow.pdbx_pH_range   . 
# 
_diffrn.id                     1 
_diffrn.ambient_temp           100 
_diffrn.ambient_temp_details   ? 
_diffrn.crystal_id             1 
# 
_diffrn_detector.diffrn_id              1 
_diffrn_detector.detector               CCD 
_diffrn_detector.type                   'ADSC QUANTUM 4' 
_diffrn_detector.pdbx_collection_date   2005-05-05 
_diffrn_detector.details                
;mirror; vertical focusing, glancing angle 3.5 mrad, 7.0 Ang. cut off, 1.2m long silicon substrate, rhodium coated, distance from source 16m, distance to focus - variable, typically 5m.
;
# 
_diffrn_radiation.diffrn_id                        1 
_diffrn_radiation.wavelength_id                    1 
_diffrn_radiation.pdbx_monochromatic_or_laue_m_l   M 
_diffrn_radiation.monochromator                    'si 111' 
_diffrn_radiation.pdbx_diffrn_protocol             'SINGLE WAVELENGTH' 
_diffrn_radiation.pdbx_scattering_type             x-ray 
# 
_diffrn_radiation_wavelength.id           1 
_diffrn_radiation_wavelength.wavelength   0.9795 
_diffrn_radiation_wavelength.wt           1.0 
# 
_diffrn_source.diffrn_id                   1 
_diffrn_source.source                      SYNCHROTRON 
_diffrn_source.type                        'SRS BEAMLINE PX14.2' 
_diffrn_source.pdbx_synchrotron_site       SRS 
_diffrn_source.pdbx_synchrotron_beamline   PX14.2 
_diffrn_source.pdbx_wavelength             ? 
_diffrn_source.pdbx_wavelength_list        0.9795 
# 
_reflns.entry_id                     1ZNK 
_reflns.observed_criterion_sigma_F   0 
_reflns.observed_criterion_sigma_I   0 
_reflns.d_resolution_high            1.6 
_reflns.d_resolution_low             42.2 
_reflns.number_all                   27220 
_reflns.number_obs                   27220 
_reflns.percent_possible_obs         99.9 
_reflns.pdbx_Rmerge_I_obs            ? 
_reflns.pdbx_Rsym_value              0.092 
_reflns.pdbx_netI_over_sigmaI        4.3 
_reflns.B_iso_Wilson_estimate        17.9 
_reflns.pdbx_redundancy              6.6 
_reflns.R_free_details               ? 
_reflns.limit_h_max                  ? 
_reflns.limit_h_min                  ? 
_reflns.limit_k_max                  ? 
_reflns.limit_k_min                  ? 
_reflns.limit_l_max                  ? 
_reflns.limit_l_min                  ? 
_reflns.observed_criterion_F_max     ? 
_reflns.observed_criterion_F_min     ? 
_reflns.pdbx_chi_squared             ? 
_reflns.pdbx_scaling_rejects         ? 
_reflns.pdbx_diffrn_id               1 
_reflns.pdbx_ordinal                 1 
# 
_reflns_shell.d_res_high             1.6 
_reflns_shell.d_res_low              1.69 
_reflns_shell.percent_possible_all   99.9 
_reflns_shell.Rmerge_I_obs           ? 
_reflns_shell.pdbx_Rsym_value        0.278 
_reflns_shell.meanI_over_sigI_obs    2.5 
_reflns_shell.pdbx_redundancy        4.5 
_reflns_shell.percent_possible_obs   ? 
_reflns_shell.number_unique_all      3878 
_reflns_shell.number_measured_all    ? 
_reflns_shell.number_measured_obs    ? 
_reflns_shell.number_unique_obs      ? 
_reflns_shell.pdbx_chi_squared       ? 
_reflns_shell.pdbx_diffrn_id         ? 
_reflns_shell.pdbx_ordinal           1 
# 
_refine.entry_id                                 1ZNK 
_refine.ls_d_res_high                            1.6 
_refine.ls_d_res_low                             42.2 
_refine.pdbx_ls_sigma_F                          0 
_refine.pdbx_ls_sigma_I                          0 
_refine.ls_number_reflns_all                     27220 
_refine.ls_number_reflns_obs                     27220 
_refine.ls_number_reflns_R_free                  1363 
_refine.ls_percent_reflns_obs                    99.9 
_refine.ls_R_factor_all                          0.2152 
_refine.ls_R_factor_obs                          0.2152 
_refine.ls_R_factor_R_work                       0.2131 
_refine.ls_R_factor_R_free                       0.2554 
_refine.ls_redundancy_reflns_obs                 ? 
_refine.pdbx_data_cutoff_high_absF               ? 
_refine.pdbx_data_cutoff_low_absF                ? 
_refine.ls_number_parameters                     ? 
_refine.ls_number_restraints                     ? 
_refine.ls_percent_reflns_R_free                 ? 
_refine.ls_R_factor_R_free_error                 ? 
_refine.ls_R_factor_R_free_error_details         ? 
_refine.pdbx_method_to_determine_struct          'MOLECULAR REPLACEMENT' 
_refine.pdbx_starting_model                      1QY0 
_refine.pdbx_ls_cross_valid_method               THROUGHOUT 
_refine.pdbx_R_Free_selection_details            RANDOM 
_refine.pdbx_stereochem_target_val_spec_case     ? 
_refine.pdbx_stereochemistry_target_values       'Engh & Huber' 
_refine.solvent_model_details                    ? 
_refine.solvent_model_param_bsol                 ? 
_refine.solvent_model_param_ksol                 ? 
_refine.occupancy_max                            ? 
_refine.occupancy_min                            ? 
_refine.pdbx_isotropic_thermal_model             ISOTROPIC 
_refine.B_iso_mean                               26.0 
_refine.aniso_B[1][1]                            -3.919 
_refine.aniso_B[1][2]                            0 
_refine.aniso_B[1][3]                            0 
_refine.aniso_B[2][2]                            -3.919 
_refine.aniso_B[2][3]                            0 
_refine.aniso_B[3][3]                            7.838 
_refine.details                                  ? 
_refine.B_iso_min                                ? 
_refine.B_iso_max                                ? 
_refine.correlation_coeff_Fo_to_Fc               ? 
_refine.correlation_coeff_Fo_to_Fc_free          ? 
_refine.pdbx_solvent_vdw_probe_radii             ? 
_refine.pdbx_solvent_ion_probe_radii             ? 
_refine.pdbx_solvent_shrinkage_radii             ? 
_refine.overall_SU_R_Cruickshank_DPI             ? 
_refine.overall_SU_R_free                        ? 
_refine.overall_SU_ML                            ? 
_refine.overall_SU_B                             ? 
_refine.pdbx_overall_ESU_R_Free                  ? 
_refine.pdbx_data_cutoff_high_rms_absF           ? 
_refine.pdbx_overall_ESU_R                       ? 
_refine.ls_wR_factor_R_free                      ? 
_refine.ls_wR_factor_R_work                      ? 
_refine.overall_FOM_free_R_set                   ? 
_refine.overall_FOM_work_R_set                   ? 
_refine.pdbx_refine_id                           'X-RAY DIFFRACTION' 
_refine.pdbx_diffrn_id                           1 
_refine.pdbx_TLS_residual_ADP_flag               ? 
_refine.pdbx_overall_phase_error                 ? 
_refine.pdbx_overall_SU_R_free_Cruickshank_DPI   ? 
_refine.pdbx_overall_SU_R_Blow_DPI               ? 
_refine.pdbx_overall_SU_R_free_Blow_DPI          ? 
# 
_refine_analyze.entry_id                        1ZNK 
_refine_analyze.Luzzati_coordinate_error_obs    0.20 
_refine_analyze.Luzzati_sigma_a_obs             0.14 
_refine_analyze.Luzzati_d_res_low_obs           5 
_refine_analyze.Luzzati_coordinate_error_free   0.25 
_refine_analyze.Luzzati_sigma_a_free            0.16 
_refine_analyze.Luzzati_d_res_low_free          ? 
_refine_analyze.number_disordered_residues      ? 
_refine_analyze.occupancy_sum_non_hydrogen      ? 
_refine_analyze.occupancy_sum_hydrogen          ? 
_refine_analyze.pdbx_Luzzati_d_res_high_obs     ? 
_refine_analyze.pdbx_refine_id                  'X-RAY DIFFRACTION' 
# 
_refine_hist.pdbx_refine_id                   'X-RAY DIFFRACTION' 
_refine_hist.cycle_id                         LAST 
_refine_hist.pdbx_number_atoms_protein        1272 
_refine_hist.pdbx_number_atoms_nucleic_acid   0 
_refine_hist.pdbx_number_atoms_ligand         12 
_refine_hist.number_atoms_solvent             270 
_refine_hist.number_atoms_total               1554 
_refine_hist.d_res_high                       1.6 
_refine_hist.d_res_low                        42.2 
# 
loop_
_refine_ls_restr.type 
_refine_ls_restr.dev_ideal 
_refine_ls_restr.dev_ideal_target 
_refine_ls_restr.weight 
_refine_ls_restr.number 
_refine_ls_restr.pdbx_refine_id 
_refine_ls_restr.pdbx_restraint_function 
c_bond_d    0.012 ? ? ? 'X-RAY DIFFRACTION' ? 
c_angle_deg 1.6   ? ? ? 'X-RAY DIFFRACTION' ? 
# 
_refine_ls_shell.pdbx_total_number_of_bins_used   ? 
_refine_ls_shell.d_res_high                       1.6 
_refine_ls_shell.d_res_low                        1.66 
_refine_ls_shell.number_reflns_R_work             ? 
_refine_ls_shell.R_factor_R_work                  0.286 
_refine_ls_shell.percent_reflns_obs               99.7 
_refine_ls_shell.R_factor_R_free                  0.379 
_refine_ls_shell.R_factor_R_free_error            0.034 
_refine_ls_shell.percent_reflns_R_free            ? 
_refine_ls_shell.number_reflns_R_free             125 
_refine_ls_shell.number_reflns_obs                2651 
_refine_ls_shell.redundancy_reflns_obs            ? 
_refine_ls_shell.number_reflns_all                ? 
_refine_ls_shell.pdbx_refine_id                   'X-RAY DIFFRACTION' 
_refine_ls_shell.R_factor_all                     ? 
# 
_struct.entry_id                  1ZNK 
_struct.title                     'Strong Solute-Solute Dispersive Interactions in a Protein-Ligand Complex' 
_struct.pdbx_model_details        ? 
_struct.pdbx_CASP_flag            ? 
_struct.pdbx_model_type_details   ? 
# 
_struct_keywords.entry_id        1ZNK 
_struct_keywords.pdbx_keywords   'TRANSPORT PROTEIN' 
_struct_keywords.text            'LIPOCALIN, BETA-BARREL, Transport Protein' 
# 
loop_
_struct_asym.id 
_struct_asym.pdbx_blank_PDB_chainid_flag 
_struct_asym.pdbx_modified 
_struct_asym.entity_id 
_struct_asym.details 
A N N 1 ? 
B N N 2 ? 
C N N 2 ? 
D N N 3 ? 
E N N 4 ? 
# 
_struct_ref.id                         1 
_struct_ref.db_name                    UNP 
_struct_ref.db_code                    MUP2_MOUSE 
_struct_ref.pdbx_db_accession          P11589 
_struct_ref.entity_id                  1 
_struct_ref.pdbx_seq_one_letter_code   
;EEASSTGRNFNVEKINGEWHTIILASDKREKIEDNGNFRLFLEQIHVLEKSLVLKFHTVRDEECSELSMVADKTEKAGEY
SVTYDGFNTFTIPKTDYDNFLMAHLINEKDGETFQLMGLYGREPDLSSDIKERFAQLCEEHGILRENIIDLSNANRCLQA
RE
;
_struct_ref.pdbx_align_begin           19 
_struct_ref.pdbx_db_isoform            ? 
# 
_struct_ref_seq.align_id                      1 
_struct_ref_seq.ref_id                        1 
_struct_ref_seq.pdbx_PDB_id_code              1ZNK 
_struct_ref_seq.pdbx_strand_id                A 
_struct_ref_seq.seq_align_beg                 13 
_struct_ref_seq.pdbx_seq_align_beg_ins_code   ? 
_struct_ref_seq.seq_align_end                 174 
_struct_ref_seq.pdbx_seq_align_end_ins_code   ? 
_struct_ref_seq.pdbx_db_accession             P11589 
_struct_ref_seq.db_align_beg                  19 
_struct_ref_seq.pdbx_db_align_beg_ins_code    ? 
_struct_ref_seq.db_align_end                  180 
_struct_ref_seq.pdbx_db_align_end_ins_code    ? 
_struct_ref_seq.pdbx_auth_seq_align_beg       1 
_struct_ref_seq.pdbx_auth_seq_align_end       162 
# 
loop_
_struct_ref_seq_dif.align_id 
_struct_ref_seq_dif.pdbx_pdb_id_code 
_struct_ref_seq_dif.mon_id 
_struct_ref_seq_dif.pdbx_pdb_strand_id 
_struct_ref_seq_dif.seq_num 
_struct_ref_seq_dif.pdbx_pdb_ins_code 
_struct_ref_seq_dif.pdbx_seq_db_name 
_struct_ref_seq_dif.pdbx_seq_db_accession_code 
_struct_ref_seq_dif.db_mon_id 
_struct_ref_seq_dif.pdbx_seq_db_seq_num 
_struct_ref_seq_dif.details 
_struct_ref_seq_dif.pdbx_auth_seq_num 
_struct_ref_seq_dif.pdbx_ordinal 
1 1ZNK MET A 1  ? UNP P11589 ? ? 'cloning artifact' -11 1  
1 1ZNK ARG A 2  ? UNP P11589 ? ? 'cloning artifact' -10 2  
1 1ZNK GLY A 3  ? UNP P11589 ? ? 'cloning artifact' -9  3  
1 1ZNK SER A 4  ? UNP P11589 ? ? 'cloning artifact' -8  4  
1 1ZNK HIS A 5  ? UNP P11589 ? ? 'expression tag'   -7  5  
1 1ZNK HIS A 6  ? UNP P11589 ? ? 'expression tag'   -6  6  
1 1ZNK HIS A 7  ? UNP P11589 ? ? 'expression tag'   -5  7  
1 1ZNK HIS A 8  ? UNP P11589 ? ? 'expression tag'   -4  8  
1 1ZNK HIS A 9  ? UNP P11589 ? ? 'expression tag'   -3  9  
1 1ZNK HIS A 10 ? UNP P11589 ? ? 'expression tag'   -2  10 
1 1ZNK GLY A 11 ? UNP P11589 ? ? 'cloning artifact' -1  11 
1 1ZNK SER A 12 ? UNP P11589 ? ? 'cloning artifact' 0   12 
# 
_pdbx_struct_assembly.id                   1 
_pdbx_struct_assembly.details              author_defined_assembly 
_pdbx_struct_assembly.method_details       ? 
_pdbx_struct_assembly.oligomeric_details   monomeric 
_pdbx_struct_assembly.oligomeric_count     1 
# 
_pdbx_struct_assembly_gen.assembly_id       1 
_pdbx_struct_assembly_gen.oper_expression   1 
_pdbx_struct_assembly_gen.asym_id_list      A,B,C,D,E 
# 
_pdbx_struct_oper_list.id                   1 
_pdbx_struct_oper_list.type                 'identity operation' 
_pdbx_struct_oper_list.name                 1_555 
_pdbx_struct_oper_list.symmetry_operation   x,y,z 
_pdbx_struct_oper_list.matrix[1][1]         1.0000000000 
_pdbx_struct_oper_list.matrix[1][2]         0.0000000000 
_pdbx_struct_oper_list.matrix[1][3]         0.0000000000 
_pdbx_struct_oper_list.vector[1]            0.0000000000 
_pdbx_struct_oper_list.matrix[2][1]         0.0000000000 
_pdbx_struct_oper_list.matrix[2][2]         1.0000000000 
_pdbx_struct_oper_list.matrix[2][3]         0.0000000000 
_pdbx_struct_oper_list.vector[2]            0.0000000000 
_pdbx_struct_oper_list.matrix[3][1]         0.0000000000 
_pdbx_struct_oper_list.matrix[3][2]         0.0000000000 
_pdbx_struct_oper_list.matrix[3][3]         1.0000000000 
_pdbx_struct_oper_list.vector[3]            0.0000000000 
# 
_struct_biol.id                    1 
_struct_biol.pdbx_parent_biol_id   ? 
_struct_biol.details               ? 
# 
loop_
_struct_conf.conf_type_id 
_struct_conf.id 
_struct_conf.pdbx_PDB_helix_id 
_struct_conf.beg_label_comp_id 
_struct_conf.beg_label_asym_id 
_struct_conf.beg_label_seq_id 
_struct_conf.pdbx_beg_PDB_ins_code 
_struct_conf.end_label_comp_id 
_struct_conf.end_label_asym_id 
_struct_conf.end_label_seq_id 
_struct_conf.pdbx_end_PDB_ins_code 
_struct_conf.beg_auth_comp_id 
_struct_conf.beg_auth_asym_id 
_struct_conf.beg_auth_seq_id 
_struct_conf.end_auth_comp_id 
_struct_conf.end_auth_asym_id 
_struct_conf.end_auth_seq_id 
_struct_conf.pdbx_PDB_helix_class 
_struct_conf.details 
_struct_conf.pdbx_PDB_helix_length 
HELX_P HELX_P1 1 ASN A 23  ? ASN A 28  ? ASN A 11  ASN A 16  5 ? 6  
HELX_P HELX_P2 2 LYS A 40  ? GLU A 45  ? LYS A 28  GLU A 33  5 ? 6  
HELX_P HELX_P3 3 SER A 139 ? HIS A 153 ? SER A 127 HIS A 141 1 ? 15 
HELX_P HELX_P4 4 LEU A 156 ? GLU A 158 ? LEU A 144 GLU A 146 5 ? 3  
# 
_struct_conf_type.id          HELX_P 
_struct_conf_type.criteria    ? 
_struct_conf_type.reference   ? 
# 
loop_
_struct_conn.id 
_struct_conn.conn_type_id 
_struct_conn.pdbx_leaving_atom_flag 
_struct_conn.pdbx_PDB_id 
_struct_conn.ptnr1_label_asym_id 
_struct_conn.ptnr1_label_comp_id 
_struct_conn.ptnr1_label_seq_id 
_struct_conn.ptnr1_label_atom_id 
_struct_conn.pdbx_ptnr1_label_alt_id 
_struct_conn.pdbx_ptnr1_PDB_ins_code 
_struct_conn.pdbx_ptnr1_standard_comp_id 
_struct_conn.ptnr1_symmetry 
_struct_conn.ptnr2_label_asym_id 
_struct_conn.ptnr2_label_comp_id 
_struct_conn.ptnr2_label_seq_id 
_struct_conn.ptnr2_label_atom_id 
_struct_conn.pdbx_ptnr2_label_alt_id 
_struct_conn.pdbx_ptnr2_PDB_ins_code 
_struct_conn.ptnr1_auth_asym_id 
_struct_conn.ptnr1_auth_comp_id 
_struct_conn.ptnr1_auth_seq_id 
_struct_conn.ptnr2_auth_asym_id 
_struct_conn.ptnr2_auth_comp_id 
_struct_conn.ptnr2_auth_seq_id 
_struct_conn.ptnr2_symmetry 
_struct_conn.pdbx_ptnr3_label_atom_id 
_struct_conn.pdbx_ptnr3_label_seq_id 
_struct_conn.pdbx_ptnr3_label_comp_id 
_struct_conn.pdbx_ptnr3_label_asym_id 
_struct_conn.pdbx_ptnr3_label_alt_id 
_struct_conn.pdbx_ptnr3_PDB_ins_code 
_struct_conn.details 
_struct_conn.pdbx_dist_value 
_struct_conn.pdbx_value_order 
_struct_conn.pdbx_role 
disulf1  disulf ? ? A CYS 76  SG  ? ? ? 1_555 A CYS 169 SG ? ? A CYS 64  A CYS 157 1_555 ? ? ? ? ? ? ? 2.035 ? ? 
metalc1  metalc ? ? A GLU 25  OE2 ? ? ? 1_555 C CD  .   CD ? ? A GLU 13  A CD  201 1_555 ? ? ? ? ? ? ? 2.534 ? ? 
metalc2  metalc ? ? A GLU 25  OE1 ? ? ? 1_555 C CD  .   CD ? ? A GLU 13  A CD  201 1_555 ? ? ? ? ? ? ? 2.312 ? ? 
metalc3  metalc ? ? A GLU 30  OE2 ? ? ? 5_645 B CD  .   CD ? ? A GLU 18  A CD  200 1_555 ? ? ? ? ? ? ? 2.391 ? ? 
metalc4  metalc ? ? A GLU 30  OE1 ? ? ? 5_645 B CD  .   CD ? ? A GLU 18  A CD  200 1_555 ? ? ? ? ? ? ? 2.366 ? ? 
metalc5  metalc ? ? A ASP 122 OD2 ? ? ? 8_675 C CD  .   CD ? ? A ASP 110 A CD  201 1_555 ? ? ? ? ? ? ? 2.259 ? ? 
metalc6  metalc ? ? A GLU 151 OE1 ? ? ? 1_555 B CD  .   CD ? ? A GLU 139 A CD  200 1_555 ? ? ? ? ? ? ? 2.274 ? ? 
metalc7  metalc ? ? A GLU 151 OE2 ? ? ? 1_555 B CD  .   CD ? ? A GLU 139 A CD  200 1_555 ? ? ? ? ? ? ? 2.474 ? ? 
metalc8  metalc ? ? B CD  .   CD  ? ? ? 1_555 E HOH .   O  ? ? A CD  200 A HOH 457 1_555 ? ? ? ? ? ? ? 2.341 ? ? 
metalc9  metalc ? ? B CD  .   CD  ? ? ? 1_555 E HOH .   O  ? ? A CD  200 A HOH 458 1_555 ? ? ? ? ? ? ? 2.297 ? ? 
metalc10 metalc ? ? B CD  .   CD  ? ? ? 1_555 E HOH .   O  ? ? A CD  200 A HOH 460 1_555 ? ? ? ? ? ? ? 2.275 ? ? 
metalc11 metalc ? ? C CD  .   CD  ? ? ? 1_555 E HOH .   O  ? ? A CD  201 A HOH 227 1_555 ? ? ? ? ? ? ? 2.192 ? ? 
metalc12 metalc ? ? C CD  .   CD  ? ? ? 1_555 E HOH .   O  ? ? A CD  201 A HOH 425 8_675 ? ? ? ? ? ? ? 2.397 ? ? 
metalc13 metalc ? ? C CD  .   CD  ? ? ? 1_555 E HOH .   O  ? ? A CD  201 A HOH 466 1_555 ? ? ? ? ? ? ? 2.338 ? ? 
metalc14 metalc ? ? C CD  .   CD  ? ? ? 1_555 E HOH .   O  ? ? A CD  201 A HOH 467 1_555 ? ? ? ? ? ? ? 2.390 ? ? 
# 
loop_
_struct_conn_type.id 
_struct_conn_type.criteria 
_struct_conn_type.reference 
disulf ? ? 
metalc ? ? 
# 
loop_
_pdbx_struct_conn_angle.id 
_pdbx_struct_conn_angle.ptnr1_label_atom_id 
_pdbx_struct_conn_angle.ptnr1_label_alt_id 
_pdbx_struct_conn_angle.ptnr1_label_asym_id 
_pdbx_struct_conn_angle.ptnr1_label_comp_id 
_pdbx_struct_conn_angle.ptnr1_label_seq_id 
_pdbx_struct_conn_angle.ptnr1_auth_atom_id 
_pdbx_struct_conn_angle.ptnr1_auth_asym_id 
_pdbx_struct_conn_angle.ptnr1_auth_comp_id 
_pdbx_struct_conn_angle.ptnr1_auth_seq_id 
_pdbx_struct_conn_angle.ptnr1_PDB_ins_code 
_pdbx_struct_conn_angle.ptnr1_symmetry 
_pdbx_struct_conn_angle.ptnr2_label_atom_id 
_pdbx_struct_conn_angle.ptnr2_label_alt_id 
_pdbx_struct_conn_angle.ptnr2_label_asym_id 
_pdbx_struct_conn_angle.ptnr2_label_comp_id 
_pdbx_struct_conn_angle.ptnr2_label_seq_id 
_pdbx_struct_conn_angle.ptnr2_auth_atom_id 
_pdbx_struct_conn_angle.ptnr2_auth_asym_id 
_pdbx_struct_conn_angle.ptnr2_auth_comp_id 
_pdbx_struct_conn_angle.ptnr2_auth_seq_id 
_pdbx_struct_conn_angle.ptnr2_PDB_ins_code 
_pdbx_struct_conn_angle.ptnr2_symmetry 
_pdbx_struct_conn_angle.ptnr3_label_atom_id 
_pdbx_struct_conn_angle.ptnr3_label_alt_id 
_pdbx_struct_conn_angle.ptnr3_label_asym_id 
_pdbx_struct_conn_angle.ptnr3_label_comp_id 
_pdbx_struct_conn_angle.ptnr3_label_seq_id 
_pdbx_struct_conn_angle.ptnr3_auth_atom_id 
_pdbx_struct_conn_angle.ptnr3_auth_asym_id 
_pdbx_struct_conn_angle.ptnr3_auth_comp_id 
_pdbx_struct_conn_angle.ptnr3_auth_seq_id 
_pdbx_struct_conn_angle.ptnr3_PDB_ins_code 
_pdbx_struct_conn_angle.ptnr3_symmetry 
_pdbx_struct_conn_angle.value 
_pdbx_struct_conn_angle.value_esd 
1  OE2 ? A GLU 25  ? A GLU 13  ? 1_555 CD ? C CD . ? A CD 201 ? 1_555 OE1 ? A GLU 25  ? A GLU 13  ? 1_555 53.7  ? 
2  OE2 ? A GLU 25  ? A GLU 13  ? 1_555 CD ? C CD . ? A CD 201 ? 1_555 OD2 ? A ASP 122 ? A ASP 110 ? 8_675 81.0  ? 
3  OE1 ? A GLU 25  ? A GLU 13  ? 1_555 CD ? C CD . ? A CD 201 ? 1_555 OD2 ? A ASP 122 ? A ASP 110 ? 8_675 115.1 ? 
4  OE2 ? A GLU 25  ? A GLU 13  ? 1_555 CD ? C CD . ? A CD 201 ? 1_555 O   ? E HOH .   ? A HOH 227 ? 1_555 116.0 ? 
5  OE1 ? A GLU 25  ? A GLU 13  ? 1_555 CD ? C CD . ? A CD 201 ? 1_555 O   ? E HOH .   ? A HOH 227 ? 1_555 84.3  ? 
6  OD2 ? A ASP 122 ? A ASP 110 ? 8_675 CD ? C CD . ? A CD 201 ? 1_555 O   ? E HOH .   ? A HOH 227 ? 1_555 76.4  ? 
7  OE2 ? A GLU 25  ? A GLU 13  ? 1_555 CD ? C CD . ? A CD 201 ? 1_555 O   ? E HOH .   ? A HOH 425 ? 8_675 143.7 ? 
8  OE1 ? A GLU 25  ? A GLU 13  ? 1_555 CD ? C CD . ? A CD 201 ? 1_555 O   ? E HOH .   ? A HOH 425 ? 8_675 155.6 ? 
9  OD2 ? A ASP 122 ? A ASP 110 ? 8_675 CD ? C CD . ? A CD 201 ? 1_555 O   ? E HOH .   ? A HOH 425 ? 8_675 88.1  ? 
10 O   ? E HOH .   ? A HOH 227 ? 1_555 CD ? C CD . ? A CD 201 ? 1_555 O   ? E HOH .   ? A HOH 425 ? 8_675 94.5  ? 
11 OE2 ? A GLU 25  ? A GLU 13  ? 1_555 CD ? C CD . ? A CD 201 ? 1_555 O   ? E HOH .   ? A HOH 466 ? 1_555 58.2  ? 
12 OE1 ? A GLU 25  ? A GLU 13  ? 1_555 CD ? C CD . ? A CD 201 ? 1_555 O   ? E HOH .   ? A HOH 466 ? 1_555 95.3  ? 
13 OD2 ? A ASP 122 ? A ASP 110 ? 8_675 CD ? C CD . ? A CD 201 ? 1_555 O   ? E HOH .   ? A HOH 466 ? 1_555 96.5  ? 
14 O   ? E HOH .   ? A HOH 227 ? 1_555 CD ? C CD . ? A CD 201 ? 1_555 O   ? E HOH .   ? A HOH 466 ? 1_555 171.9 ? 
15 O   ? E HOH .   ? A HOH 425 ? 8_675 CD ? C CD . ? A CD 201 ? 1_555 O   ? E HOH .   ? A HOH 466 ? 1_555 89.1  ? 
16 OE2 ? A GLU 25  ? A GLU 13  ? 1_555 CD ? C CD . ? A CD 201 ? 1_555 O   ? E HOH .   ? A HOH 467 ? 1_555 131.7 ? 
17 OE1 ? A GLU 25  ? A GLU 13  ? 1_555 CD ? C CD . ? A CD 201 ? 1_555 O   ? E HOH .   ? A HOH 467 ? 1_555 91.2  ? 
18 OD2 ? A ASP 122 ? A ASP 110 ? 8_675 CD ? C CD . ? A CD 201 ? 1_555 O   ? E HOH .   ? A HOH 467 ? 1_555 147.2 ? 
19 O   ? E HOH .   ? A HOH 227 ? 1_555 CD ? C CD . ? A CD 201 ? 1_555 O   ? E HOH .   ? A HOH 467 ? 1_555 87.8  ? 
20 O   ? E HOH .   ? A HOH 425 ? 8_675 CD ? C CD . ? A CD 201 ? 1_555 O   ? E HOH .   ? A HOH 467 ? 1_555 64.4  ? 
21 O   ? E HOH .   ? A HOH 466 ? 1_555 CD ? C CD . ? A CD 201 ? 1_555 O   ? E HOH .   ? A HOH 467 ? 1_555 100.3 ? 
22 OE2 ? A GLU 30  ? A GLU 18  ? 5_645 CD ? B CD . ? A CD 200 ? 1_555 OE1 ? A GLU 30  ? A GLU 18  ? 5_645 54.7  ? 
23 OE2 ? A GLU 30  ? A GLU 18  ? 5_645 CD ? B CD . ? A CD 200 ? 1_555 OE1 ? A GLU 151 ? A GLU 139 ? 1_555 161.2 ? 
24 OE1 ? A GLU 30  ? A GLU 18  ? 5_645 CD ? B CD . ? A CD 200 ? 1_555 OE1 ? A GLU 151 ? A GLU 139 ? 1_555 144.1 ? 
25 OE2 ? A GLU 30  ? A GLU 18  ? 5_645 CD ? B CD . ? A CD 200 ? 1_555 OE2 ? A GLU 151 ? A GLU 139 ? 1_555 144.4 ? 
26 OE1 ? A GLU 30  ? A GLU 18  ? 5_645 CD ? B CD . ? A CD 200 ? 1_555 OE2 ? A GLU 151 ? A GLU 139 ? 1_555 89.8  ? 
27 OE1 ? A GLU 151 ? A GLU 139 ? 1_555 CD ? B CD . ? A CD 200 ? 1_555 OE2 ? A GLU 151 ? A GLU 139 ? 1_555 54.3  ? 
28 OE2 ? A GLU 30  ? A GLU 18  ? 5_645 CD ? B CD . ? A CD 200 ? 1_555 O   ? E HOH .   ? A HOH 457 ? 1_555 93.8  ? 
29 OE1 ? A GLU 30  ? A GLU 18  ? 5_645 CD ? B CD . ? A CD 200 ? 1_555 O   ? E HOH .   ? A HOH 457 ? 1_555 84.6  ? 
30 OE1 ? A GLU 151 ? A GLU 139 ? 1_555 CD ? B CD . ? A CD 200 ? 1_555 O   ? E HOH .   ? A HOH 457 ? 1_555 91.1  ? 
31 OE2 ? A GLU 151 ? A GLU 139 ? 1_555 CD ? B CD . ? A CD 200 ? 1_555 O   ? E HOH .   ? A HOH 457 ? 1_555 82.7  ? 
32 OE2 ? A GLU 30  ? A GLU 18  ? 5_645 CD ? B CD . ? A CD 200 ? 1_555 O   ? E HOH .   ? A HOH 458 ? 1_555 92.5  ? 
33 OE1 ? A GLU 30  ? A GLU 18  ? 5_645 CD ? B CD . ? A CD 200 ? 1_555 O   ? E HOH .   ? A HOH 458 ? 1_555 86.5  ? 
34 OE1 ? A GLU 151 ? A GLU 139 ? 1_555 CD ? B CD . ? A CD 200 ? 1_555 O   ? E HOH .   ? A HOH 458 ? 1_555 87.8  ? 
35 OE2 ? A GLU 151 ? A GLU 139 ? 1_555 CD ? B CD . ? A CD 200 ? 1_555 O   ? E HOH .   ? A HOH 458 ? 1_555 83.2  ? 
36 O   ? E HOH .   ? A HOH 457 ? 1_555 CD ? B CD . ? A CD 200 ? 1_555 O   ? E HOH .   ? A HOH 458 ? 1_555 163.4 ? 
37 OE2 ? A GLU 30  ? A GLU 18  ? 5_645 CD ? B CD . ? A CD 200 ? 1_555 O   ? E HOH .   ? A HOH 460 ? 1_555 79.6  ? 
38 OE1 ? A GLU 30  ? A GLU 18  ? 5_645 CD ? B CD . ? A CD 200 ? 1_555 O   ? E HOH .   ? A HOH 460 ? 1_555 134.2 ? 
39 OE1 ? A GLU 151 ? A GLU 139 ? 1_555 CD ? B CD . ? A CD 200 ? 1_555 O   ? E HOH .   ? A HOH 460 ? 1_555 81.5  ? 
40 OE2 ? A GLU 151 ? A GLU 139 ? 1_555 CD ? B CD . ? A CD 200 ? 1_555 O   ? E HOH .   ? A HOH 460 ? 1_555 135.8 ? 
41 O   ? E HOH .   ? A HOH 457 ? 1_555 CD ? B CD . ? A CD 200 ? 1_555 O   ? E HOH .   ? A HOH 460 ? 1_555 102.6 ? 
42 O   ? E HOH .   ? A HOH 458 ? 1_555 CD ? B CD . ? A CD 200 ? 1_555 O   ? E HOH .   ? A HOH 460 ? 1_555 93.6  ? 
# 
_pdbx_modification_feature.ordinal                            1 
_pdbx_modification_feature.label_comp_id                      CYS 
_pdbx_modification_feature.label_asym_id                      A 
_pdbx_modification_feature.label_seq_id                       76 
_pdbx_modification_feature.label_alt_id                       ? 
_pdbx_modification_feature.modified_residue_label_comp_id     CYS 
_pdbx_modification_feature.modified_residue_label_asym_id     A 
_pdbx_modification_feature.modified_residue_label_seq_id      169 
_pdbx_modification_feature.modified_residue_label_alt_id      ? 
_pdbx_modification_feature.auth_comp_id                       CYS 
_pdbx_modification_feature.auth_asym_id                       A 
_pdbx_modification_feature.auth_seq_id                        64 
_pdbx_modification_feature.PDB_ins_code                       ? 
_pdbx_modification_feature.symmetry                           1_555 
_pdbx_modification_feature.modified_residue_auth_comp_id      CYS 
_pdbx_modification_feature.modified_residue_auth_asym_id      A 
_pdbx_modification_feature.modified_residue_auth_seq_id       157 
_pdbx_modification_feature.modified_residue_PDB_ins_code      ? 
_pdbx_modification_feature.modified_residue_symmetry          1_555 
_pdbx_modification_feature.comp_id_linking_atom               SG 
_pdbx_modification_feature.modified_residue_id_linking_atom   SG 
_pdbx_modification_feature.modified_residue_id                . 
_pdbx_modification_feature.ref_pcm_id                         . 
_pdbx_modification_feature.ref_comp_id                        . 
_pdbx_modification_feature.type                               None 
_pdbx_modification_feature.category                           'Disulfide bridge' 
# 
_struct_sheet.id               A 
_struct_sheet.type             ? 
_struct_sheet.number_strands   10 
_struct_sheet.details          ? 
# 
loop_
_struct_sheet_order.sheet_id 
_struct_sheet_order.range_id_1 
_struct_sheet_order.range_id_2 
_struct_sheet_order.offset 
_struct_sheet_order.sense 
A 1 2  ? anti-parallel 
A 2 3  ? anti-parallel 
A 3 4  ? anti-parallel 
A 4 5  ? anti-parallel 
A 5 6  ? anti-parallel 
A 6 7  ? anti-parallel 
A 7 8  ? anti-parallel 
A 8 9  ? anti-parallel 
A 9 10 ? anti-parallel 
# 
loop_
_struct_sheet_range.sheet_id 
_struct_sheet_range.id 
_struct_sheet_range.beg_label_comp_id 
_struct_sheet_range.beg_label_asym_id 
_struct_sheet_range.beg_label_seq_id 
_struct_sheet_range.pdbx_beg_PDB_ins_code 
_struct_sheet_range.end_label_comp_id 
_struct_sheet_range.end_label_asym_id 
_struct_sheet_range.end_label_seq_id 
_struct_sheet_range.pdbx_end_PDB_ins_code 
_struct_sheet_range.beg_auth_comp_id 
_struct_sheet_range.beg_auth_asym_id 
_struct_sheet_range.beg_auth_seq_id 
_struct_sheet_range.end_auth_comp_id 
_struct_sheet_range.end_auth_asym_id 
_struct_sheet_range.end_auth_seq_id 
A 1  GLY A 29  ? GLU A 30  ? GLY A 17  GLU A 18  
A 2  PHE A 53  ? LEU A 60  ? PHE A 41  LEU A 48  
A 3  SER A 63  ? ARG A 72  ? SER A 51  ARG A 60  
A 4  GLU A 75  ? LYS A 85  ? GLU A 63  LYS A 73  
A 5  TYR A 92  ? THR A 95  ? TYR A 80  THR A 83  
A 6  PHE A 99  ? THR A 107 ? PHE A 87  THR A 95  
A 7  PHE A 112 ? LYS A 121 ? PHE A 100 LYS A 109 
A 8  GLU A 124 ? GLY A 133 ? GLU A 112 GLY A 121 
A 9  HIS A 32  ? SER A 38  ? HIS A 20  SER A 26  
A 10 ILE A 160 ? ASP A 162 ? ILE A 148 ASP A 150 
# 
loop_
_pdbx_struct_sheet_hbond.sheet_id 
_pdbx_struct_sheet_hbond.range_id_1 
_pdbx_struct_sheet_hbond.range_id_2 
_pdbx_struct_sheet_hbond.range_1_label_atom_id 
_pdbx_struct_sheet_hbond.range_1_label_comp_id 
_pdbx_struct_sheet_hbond.range_1_label_asym_id 
_pdbx_struct_sheet_hbond.range_1_label_seq_id 
_pdbx_struct_sheet_hbond.range_1_PDB_ins_code 
_pdbx_struct_sheet_hbond.range_1_auth_atom_id 
_pdbx_struct_sheet_hbond.range_1_auth_comp_id 
_pdbx_struct_sheet_hbond.range_1_auth_asym_id 
_pdbx_struct_sheet_hbond.range_1_auth_seq_id 
_pdbx_struct_sheet_hbond.range_2_label_atom_id 
_pdbx_struct_sheet_hbond.range_2_label_comp_id 
_pdbx_struct_sheet_hbond.range_2_label_asym_id 
_pdbx_struct_sheet_hbond.range_2_label_seq_id 
_pdbx_struct_sheet_hbond.range_2_PDB_ins_code 
_pdbx_struct_sheet_hbond.range_2_auth_atom_id 
_pdbx_struct_sheet_hbond.range_2_auth_comp_id 
_pdbx_struct_sheet_hbond.range_2_auth_asym_id 
_pdbx_struct_sheet_hbond.range_2_auth_seq_id 
A 1 2  N GLY A 29  ? N GLY A 17  O ILE A 57  ? O ILE A 45  
A 2 3  N GLU A 55  ? N GLU A 43  O LYS A 67  ? O LYS A 55  
A 3 4  N PHE A 68  ? N PHE A 56  O LEU A 79  ? O LEU A 67  
A 4 5  N ASP A 84  ? N ASP A 72  O SER A 93  ? O SER A 81  
A 5 6  N TYR A 92  ? N TYR A 80  O PHE A 102 ? O PHE A 90  
A 6 7  N PHE A 99  ? N PHE A 87  O GLU A 120 ? O GLU A 108 
A 7 8  N LEU A 117 ? N LEU A 105 O LEU A 128 ? O LEU A 116 
A 8 9  O LEU A 131 ? O LEU A 119 N ILE A 34  ? N ILE A 22  
A 9 10 N LEU A 36  ? N LEU A 24  O ILE A 161 ? O ILE A 149 
# 
loop_
_struct_site.id 
_struct_site.pdbx_evidence_code 
_struct_site.pdbx_auth_asym_id 
_struct_site.pdbx_auth_comp_id 
_struct_site.pdbx_auth_seq_id 
_struct_site.pdbx_auth_ins_code 
_struct_site.pdbx_num_residues 
_struct_site.details 
AC1 Software A CD  200 ? 5 'BINDING SITE FOR RESIDUE CD A 200'  
AC2 Software A CD  201 ? 6 'BINDING SITE FOR RESIDUE CD A 201'  
AC3 Software A F09 202 ? 3 'BINDING SITE FOR RESIDUE F09 A 202' 
# 
loop_
_struct_site_gen.id 
_struct_site_gen.site_id 
_struct_site_gen.pdbx_num_res 
_struct_site_gen.label_comp_id 
_struct_site_gen.label_asym_id 
_struct_site_gen.label_seq_id 
_struct_site_gen.pdbx_auth_ins_code 
_struct_site_gen.auth_comp_id 
_struct_site_gen.auth_asym_id 
_struct_site_gen.auth_seq_id 
_struct_site_gen.label_atom_id 
_struct_site_gen.label_alt_id 
_struct_site_gen.symmetry 
_struct_site_gen.details 
1  AC1 5 GLU A 30  ? GLU A 18  . ? 5_645 ? 
2  AC1 5 GLU A 151 ? GLU A 139 . ? 1_555 ? 
3  AC1 5 HOH E .   ? HOH A 457 . ? 1_555 ? 
4  AC1 5 HOH E .   ? HOH A 458 . ? 1_555 ? 
5  AC1 5 HOH E .   ? HOH A 460 . ? 1_555 ? 
6  AC2 6 GLU A 25  ? GLU A 13  . ? 1_555 ? 
7  AC2 6 ASP A 122 ? ASP A 110 . ? 8_675 ? 
8  AC2 6 HOH E .   ? HOH A 227 . ? 1_555 ? 
9  AC2 6 HOH E .   ? HOH A 425 . ? 8_675 ? 
10 AC2 6 HOH E .   ? HOH A 466 . ? 1_555 ? 
11 AC2 6 HOH E .   ? HOH A 467 . ? 1_555 ? 
12 AC3 3 PHE A 50  ? PHE A 38  . ? 1_555 ? 
13 AC3 3 TYR A 132 ? TYR A 120 . ? 1_555 ? 
14 AC3 3 HOH E .   ? HOH A 207 . ? 1_555 ? 
# 
_pdbx_entry_details.entry_id                   1ZNK 
_pdbx_entry_details.compound_details           ? 
_pdbx_entry_details.source_details             ? 
_pdbx_entry_details.nonpolymer_details         ? 
_pdbx_entry_details.sequence_details           ? 
_pdbx_entry_details.has_ligand_of_interest     ? 
_pdbx_entry_details.has_protein_modification   Y 
# 
_pdbx_validate_close_contact.id               1 
_pdbx_validate_close_contact.PDB_model_num    1 
_pdbx_validate_close_contact.auth_atom_id_1   O 
_pdbx_validate_close_contact.auth_asym_id_1   A 
_pdbx_validate_close_contact.auth_comp_id_1   HOH 
_pdbx_validate_close_contact.auth_seq_id_1    230 
_pdbx_validate_close_contact.PDB_ins_code_1   ? 
_pdbx_validate_close_contact.label_alt_id_1   ? 
_pdbx_validate_close_contact.auth_atom_id_2   O 
_pdbx_validate_close_contact.auth_asym_id_2   A 
_pdbx_validate_close_contact.auth_comp_id_2   HOH 
_pdbx_validate_close_contact.auth_seq_id_2    462 
_pdbx_validate_close_contact.PDB_ins_code_2   ? 
_pdbx_validate_close_contact.label_alt_id_2   ? 
_pdbx_validate_close_contact.dist             2.14 
# 
loop_
_pdbx_validate_torsion.id 
_pdbx_validate_torsion.PDB_model_num 
_pdbx_validate_torsion.auth_comp_id 
_pdbx_validate_torsion.auth_asym_id 
_pdbx_validate_torsion.auth_seq_id 
_pdbx_validate_torsion.PDB_ins_code 
_pdbx_validate_torsion.label_alt_id 
_pdbx_validate_torsion.phi 
_pdbx_validate_torsion.psi 
1 1 THR A 74  ? ? -100.07 -165.85 
2 1 TYR A 84  ? ? -166.74 114.68  
3 1 TYR A 97  ? ? 65.21   -43.29  
4 1 ASN A 99  ? ? -126.25 -55.96  
5 1 PRO A 124 ? ? -69.36  0.30    
6 1 ALA A 154 ? ? -154.57 25.74   
# 
loop_
_pdbx_struct_special_symmetry.id 
_pdbx_struct_special_symmetry.PDB_model_num 
_pdbx_struct_special_symmetry.auth_asym_id 
_pdbx_struct_special_symmetry.auth_comp_id 
_pdbx_struct_special_symmetry.auth_seq_id 
_pdbx_struct_special_symmetry.PDB_ins_code 
_pdbx_struct_special_symmetry.label_asym_id 
_pdbx_struct_special_symmetry.label_comp_id 
_pdbx_struct_special_symmetry.label_seq_id 
1 1 A HOH 459 ? E HOH . 
2 1 A HOH 461 ? E HOH . 
# 
loop_
_pdbx_unobs_or_zero_occ_residues.id 
_pdbx_unobs_or_zero_occ_residues.PDB_model_num 
_pdbx_unobs_or_zero_occ_residues.polymer_flag 
_pdbx_unobs_or_zero_occ_residues.occupancy_flag 
_pdbx_unobs_or_zero_occ_residues.auth_asym_id 
_pdbx_unobs_or_zero_occ_residues.auth_comp_id 
_pdbx_unobs_or_zero_occ_residues.auth_seq_id 
_pdbx_unobs_or_zero_occ_residues.PDB_ins_code 
_pdbx_unobs_or_zero_occ_residues.label_asym_id 
_pdbx_unobs_or_zero_occ_residues.label_comp_id 
_pdbx_unobs_or_zero_occ_residues.label_seq_id 
1  1 Y 1 A MET -11 ? A MET 1   
2  1 Y 1 A ARG -10 ? A ARG 2   
3  1 Y 1 A GLY -9  ? A GLY 3   
4  1 Y 1 A SER -8  ? A SER 4   
5  1 Y 1 A HIS -7  ? A HIS 5   
6  1 Y 1 A HIS -6  ? A HIS 6   
7  1 Y 1 A HIS -5  ? A HIS 7   
8  1 Y 1 A HIS -4  ? A HIS 8   
9  1 Y 1 A HIS -3  ? A HIS 9   
10 1 Y 1 A HIS -2  ? A HIS 10  
11 1 Y 1 A GLY -1  ? A GLY 11  
12 1 Y 1 A SER 0   ? A SER 12  
13 1 Y 1 A LEU 158 ? A LEU 170 
14 1 Y 1 A GLN 159 ? A GLN 171 
15 1 Y 1 A ALA 160 ? A ALA 172 
16 1 Y 1 A ARG 161 ? A ARG 173 
17 1 Y 1 A GLU 162 ? A GLU 174 
# 
loop_
_chem_comp_atom.comp_id 
_chem_comp_atom.atom_id 
_chem_comp_atom.type_symbol 
_chem_comp_atom.pdbx_aromatic_flag 
_chem_comp_atom.pdbx_stereo_config 
_chem_comp_atom.pdbx_ordinal 
ALA N    N  N N 1   
ALA CA   C  N S 2   
ALA C    C  N N 3   
ALA O    O  N N 4   
ALA CB   C  N N 5   
ALA OXT  O  N N 6   
ALA H    H  N N 7   
ALA H2   H  N N 8   
ALA HA   H  N N 9   
ALA HB1  H  N N 10  
ALA HB2  H  N N 11  
ALA HB3  H  N N 12  
ALA HXT  H  N N 13  
ARG N    N  N N 14  
ARG CA   C  N S 15  
ARG C    C  N N 16  
ARG O    O  N N 17  
ARG CB   C  N N 18  
ARG CG   C  N N 19  
ARG CD   C  N N 20  
ARG NE   N  N N 21  
ARG CZ   C  N N 22  
ARG NH1  N  N N 23  
ARG NH2  N  N N 24  
ARG OXT  O  N N 25  
ARG H    H  N N 26  
ARG H2   H  N N 27  
ARG HA   H  N N 28  
ARG HB2  H  N N 29  
ARG HB3  H  N N 30  
ARG HG2  H  N N 31  
ARG HG3  H  N N 32  
ARG HD2  H  N N 33  
ARG HD3  H  N N 34  
ARG HE   H  N N 35  
ARG HH11 H  N N 36  
ARG HH12 H  N N 37  
ARG HH21 H  N N 38  
ARG HH22 H  N N 39  
ARG HXT  H  N N 40  
ASN N    N  N N 41  
ASN CA   C  N S 42  
ASN C    C  N N 43  
ASN O    O  N N 44  
ASN CB   C  N N 45  
ASN CG   C  N N 46  
ASN OD1  O  N N 47  
ASN ND2  N  N N 48  
ASN OXT  O  N N 49  
ASN H    H  N N 50  
ASN H2   H  N N 51  
ASN HA   H  N N 52  
ASN HB2  H  N N 53  
ASN HB3  H  N N 54  
ASN HD21 H  N N 55  
ASN HD22 H  N N 56  
ASN HXT  H  N N 57  
ASP N    N  N N 58  
ASP CA   C  N S 59  
ASP C    C  N N 60  
ASP O    O  N N 61  
ASP CB   C  N N 62  
ASP CG   C  N N 63  
ASP OD1  O  N N 64  
ASP OD2  O  N N 65  
ASP OXT  O  N N 66  
ASP H    H  N N 67  
ASP H2   H  N N 68  
ASP HA   H  N N 69  
ASP HB2  H  N N 70  
ASP HB3  H  N N 71  
ASP HD2  H  N N 72  
ASP HXT  H  N N 73  
CD  CD   CD N N 74  
CYS N    N  N N 75  
CYS CA   C  N R 76  
CYS C    C  N N 77  
CYS O    O  N N 78  
CYS CB   C  N N 79  
CYS SG   S  N N 80  
CYS OXT  O  N N 81  
CYS H    H  N N 82  
CYS H2   H  N N 83  
CYS HA   H  N N 84  
CYS HB2  H  N N 85  
CYS HB3  H  N N 86  
CYS HG   H  N N 87  
CYS HXT  H  N N 88  
F09 C1   C  N N 89  
F09 C2   C  N N 90  
F09 C3   C  N N 91  
F09 C4   C  N N 92  
F09 C5   C  N N 93  
F09 C6   C  N N 94  
F09 C7   C  N N 95  
F09 C8   C  N N 96  
F09 C9   C  N N 97  
F09 OXT  O  N N 98  
F09 H11  H  N N 99  
F09 H12  H  N N 100 
F09 H13  H  N N 101 
F09 H21  H  N N 102 
F09 H22  H  N N 103 
F09 H31  H  N N 104 
F09 H32  H  N N 105 
F09 H41  H  N N 106 
F09 H42  H  N N 107 
F09 H51  H  N N 108 
F09 H52  H  N N 109 
F09 H61  H  N N 110 
F09 H62  H  N N 111 
F09 H71  H  N N 112 
F09 H72  H  N N 113 
F09 H81  H  N N 114 
F09 H82  H  N N 115 
F09 H91  H  N N 116 
F09 H92  H  N N 117 
F09 HXT  H  N N 118 
GLN N    N  N N 119 
GLN CA   C  N S 120 
GLN C    C  N N 121 
GLN O    O  N N 122 
GLN CB   C  N N 123 
GLN CG   C  N N 124 
GLN CD   C  N N 125 
GLN OE1  O  N N 126 
GLN NE2  N  N N 127 
GLN OXT  O  N N 128 
GLN H    H  N N 129 
GLN H2   H  N N 130 
GLN HA   H  N N 131 
GLN HB2  H  N N 132 
GLN HB3  H  N N 133 
GLN HG2  H  N N 134 
GLN HG3  H  N N 135 
GLN HE21 H  N N 136 
GLN HE22 H  N N 137 
GLN HXT  H  N N 138 
GLU N    N  N N 139 
GLU CA   C  N S 140 
GLU C    C  N N 141 
GLU O    O  N N 142 
GLU CB   C  N N 143 
GLU CG   C  N N 144 
GLU CD   C  N N 145 
GLU OE1  O  N N 146 
GLU OE2  O  N N 147 
GLU OXT  O  N N 148 
GLU H    H  N N 149 
GLU H2   H  N N 150 
GLU HA   H  N N 151 
GLU HB2  H  N N 152 
GLU HB3  H  N N 153 
GLU HG2  H  N N 154 
GLU HG3  H  N N 155 
GLU HE2  H  N N 156 
GLU HXT  H  N N 157 
GLY N    N  N N 158 
GLY CA   C  N N 159 
GLY C    C  N N 160 
GLY O    O  N N 161 
GLY OXT  O  N N 162 
GLY H    H  N N 163 
GLY H2   H  N N 164 
GLY HA2  H  N N 165 
GLY HA3  H  N N 166 
GLY HXT  H  N N 167 
HIS N    N  N N 168 
HIS CA   C  N S 169 
HIS C    C  N N 170 
HIS O    O  N N 171 
HIS CB   C  N N 172 
HIS CG   C  Y N 173 
HIS ND1  N  Y N 174 
HIS CD2  C  Y N 175 
HIS CE1  C  Y N 176 
HIS NE2  N  Y N 177 
HIS OXT  O  N N 178 
HIS H    H  N N 179 
HIS H2   H  N N 180 
HIS HA   H  N N 181 
HIS HB2  H  N N 182 
HIS HB3  H  N N 183 
HIS HD1  H  N N 184 
HIS HD2  H  N N 185 
HIS HE1  H  N N 186 
HIS HE2  H  N N 187 
HIS HXT  H  N N 188 
HOH O    O  N N 189 
HOH H1   H  N N 190 
HOH H2   H  N N 191 
ILE N    N  N N 192 
ILE CA   C  N S 193 
ILE C    C  N N 194 
ILE O    O  N N 195 
ILE CB   C  N S 196 
ILE CG1  C  N N 197 
ILE CG2  C  N N 198 
ILE CD1  C  N N 199 
ILE OXT  O  N N 200 
ILE H    H  N N 201 
ILE H2   H  N N 202 
ILE HA   H  N N 203 
ILE HB   H  N N 204 
ILE HG12 H  N N 205 
ILE HG13 H  N N 206 
ILE HG21 H  N N 207 
ILE HG22 H  N N 208 
ILE HG23 H  N N 209 
ILE HD11 H  N N 210 
ILE HD12 H  N N 211 
ILE HD13 H  N N 212 
ILE HXT  H  N N 213 
LEU N    N  N N 214 
LEU CA   C  N S 215 
LEU C    C  N N 216 
LEU O    O  N N 217 
LEU CB   C  N N 218 
LEU CG   C  N N 219 
LEU CD1  C  N N 220 
LEU CD2  C  N N 221 
LEU OXT  O  N N 222 
LEU H    H  N N 223 
LEU H2   H  N N 224 
LEU HA   H  N N 225 
LEU HB2  H  N N 226 
LEU HB3  H  N N 227 
LEU HG   H  N N 228 
LEU HD11 H  N N 229 
LEU HD12 H  N N 230 
LEU HD13 H  N N 231 
LEU HD21 H  N N 232 
LEU HD22 H  N N 233 
LEU HD23 H  N N 234 
LEU HXT  H  N N 235 
LYS N    N  N N 236 
LYS CA   C  N S 237 
LYS C    C  N N 238 
LYS O    O  N N 239 
LYS CB   C  N N 240 
LYS CG   C  N N 241 
LYS CD   C  N N 242 
LYS CE   C  N N 243 
LYS NZ   N  N N 244 
LYS OXT  O  N N 245 
LYS H    H  N N 246 
LYS H2   H  N N 247 
LYS HA   H  N N 248 
LYS HB2  H  N N 249 
LYS HB3  H  N N 250 
LYS HG2  H  N N 251 
LYS HG3  H  N N 252 
LYS HD2  H  N N 253 
LYS HD3  H  N N 254 
LYS HE2  H  N N 255 
LYS HE3  H  N N 256 
LYS HZ1  H  N N 257 
LYS HZ2  H  N N 258 
LYS HZ3  H  N N 259 
LYS HXT  H  N N 260 
MET N    N  N N 261 
MET CA   C  N S 262 
MET C    C  N N 263 
MET O    O  N N 264 
MET CB   C  N N 265 
MET CG   C  N N 266 
MET SD   S  N N 267 
MET CE   C  N N 268 
MET OXT  O  N N 269 
MET H    H  N N 270 
MET H2   H  N N 271 
MET HA   H  N N 272 
MET HB2  H  N N 273 
MET HB3  H  N N 274 
MET HG2  H  N N 275 
MET HG3  H  N N 276 
MET HE1  H  N N 277 
MET HE2  H  N N 278 
MET HE3  H  N N 279 
MET HXT  H  N N 280 
PHE N    N  N N 281 
PHE CA   C  N S 282 
PHE C    C  N N 283 
PHE O    O  N N 284 
PHE CB   C  N N 285 
PHE CG   C  Y N 286 
PHE CD1  C  Y N 287 
PHE CD2  C  Y N 288 
PHE CE1  C  Y N 289 
PHE CE2  C  Y N 290 
PHE CZ   C  Y N 291 
PHE OXT  O  N N 292 
PHE H    H  N N 293 
PHE H2   H  N N 294 
PHE HA   H  N N 295 
PHE HB2  H  N N 296 
PHE HB3  H  N N 297 
PHE HD1  H  N N 298 
PHE HD2  H  N N 299 
PHE HE1  H  N N 300 
PHE HE2  H  N N 301 
PHE HZ   H  N N 302 
PHE HXT  H  N N 303 
PRO N    N  N N 304 
PRO CA   C  N S 305 
PRO C    C  N N 306 
PRO O    O  N N 307 
PRO CB   C  N N 308 
PRO CG   C  N N 309 
PRO CD   C  N N 310 
PRO OXT  O  N N 311 
PRO H    H  N N 312 
PRO HA   H  N N 313 
PRO HB2  H  N N 314 
PRO HB3  H  N N 315 
PRO HG2  H  N N 316 
PRO HG3  H  N N 317 
PRO HD2  H  N N 318 
PRO HD3  H  N N 319 
PRO HXT  H  N N 320 
SER N    N  N N 321 
SER CA   C  N S 322 
SER C    C  N N 323 
SER O    O  N N 324 
SER CB   C  N N 325 
SER OG   O  N N 326 
SER OXT  O  N N 327 
SER H    H  N N 328 
SER H2   H  N N 329 
SER HA   H  N N 330 
SER HB2  H  N N 331 
SER HB3  H  N N 332 
SER HG   H  N N 333 
SER HXT  H  N N 334 
THR N    N  N N 335 
THR CA   C  N S 336 
THR C    C  N N 337 
THR O    O  N N 338 
THR CB   C  N R 339 
THR OG1  O  N N 340 
THR CG2  C  N N 341 
THR OXT  O  N N 342 
THR H    H  N N 343 
THR H2   H  N N 344 
THR HA   H  N N 345 
THR HB   H  N N 346 
THR HG1  H  N N 347 
THR HG21 H  N N 348 
THR HG22 H  N N 349 
THR HG23 H  N N 350 
THR HXT  H  N N 351 
TRP N    N  N N 352 
TRP CA   C  N S 353 
TRP C    C  N N 354 
TRP O    O  N N 355 
TRP CB   C  N N 356 
TRP CG   C  Y N 357 
TRP CD1  C  Y N 358 
TRP CD2  C  Y N 359 
TRP NE1  N  Y N 360 
TRP CE2  C  Y N 361 
TRP CE3  C  Y N 362 
TRP CZ2  C  Y N 363 
TRP CZ3  C  Y N 364 
TRP CH2  C  Y N 365 
TRP OXT  O  N N 366 
TRP H    H  N N 367 
TRP H2   H  N N 368 
TRP HA   H  N N 369 
TRP HB2  H  N N 370 
TRP HB3  H  N N 371 
TRP HD1  H  N N 372 
TRP HE1  H  N N 373 
TRP HE3  H  N N 374 
TRP HZ2  H  N N 375 
TRP HZ3  H  N N 376 
TRP HH2  H  N N 377 
TRP HXT  H  N N 378 
TYR N    N  N N 379 
TYR CA   C  N S 380 
TYR C    C  N N 381 
TYR O    O  N N 382 
TYR CB   C  N N 383 
TYR CG   C  Y N 384 
TYR CD1  C  Y N 385 
TYR CD2  C  Y N 386 
TYR CE1  C  Y N 387 
TYR CE2  C  Y N 388 
TYR CZ   C  Y N 389 
TYR OH   O  N N 390 
TYR OXT  O  N N 391 
TYR H    H  N N 392 
TYR H2   H  N N 393 
TYR HA   H  N N 394 
TYR HB2  H  N N 395 
TYR HB3  H  N N 396 
TYR HD1  H  N N 397 
TYR HD2  H  N N 398 
TYR HE1  H  N N 399 
TYR HE2  H  N N 400 
TYR HH   H  N N 401 
TYR HXT  H  N N 402 
VAL N    N  N N 403 
VAL CA   C  N S 404 
VAL C    C  N N 405 
VAL O    O  N N 406 
VAL CB   C  N N 407 
VAL CG1  C  N N 408 
VAL CG2  C  N N 409 
VAL OXT  O  N N 410 
VAL H    H  N N 411 
VAL H2   H  N N 412 
VAL HA   H  N N 413 
VAL HB   H  N N 414 
VAL HG11 H  N N 415 
VAL HG12 H  N N 416 
VAL HG13 H  N N 417 
VAL HG21 H  N N 418 
VAL HG22 H  N N 419 
VAL HG23 H  N N 420 
VAL HXT  H  N N 421 
# 
loop_
_chem_comp_bond.comp_id 
_chem_comp_bond.atom_id_1 
_chem_comp_bond.atom_id_2 
_chem_comp_bond.value_order 
_chem_comp_bond.pdbx_aromatic_flag 
_chem_comp_bond.pdbx_stereo_config 
_chem_comp_bond.pdbx_ordinal 
ALA N   CA   sing N N 1   
ALA N   H    sing N N 2   
ALA N   H2   sing N N 3   
ALA CA  C    sing N N 4   
ALA CA  CB   sing N N 5   
ALA CA  HA   sing N N 6   
ALA C   O    doub N N 7   
ALA C   OXT  sing N N 8   
ALA CB  HB1  sing N N 9   
ALA CB  HB2  sing N N 10  
ALA CB  HB3  sing N N 11  
ALA OXT HXT  sing N N 12  
ARG N   CA   sing N N 13  
ARG N   H    sing N N 14  
ARG N   H2   sing N N 15  
ARG CA  C    sing N N 16  
ARG CA  CB   sing N N 17  
ARG CA  HA   sing N N 18  
ARG C   O    doub N N 19  
ARG C   OXT  sing N N 20  
ARG CB  CG   sing N N 21  
ARG CB  HB2  sing N N 22  
ARG CB  HB3  sing N N 23  
ARG CG  CD   sing N N 24  
ARG CG  HG2  sing N N 25  
ARG CG  HG3  sing N N 26  
ARG CD  NE   sing N N 27  
ARG CD  HD2  sing N N 28  
ARG CD  HD3  sing N N 29  
ARG NE  CZ   sing N N 30  
ARG NE  HE   sing N N 31  
ARG CZ  NH1  sing N N 32  
ARG CZ  NH2  doub N N 33  
ARG NH1 HH11 sing N N 34  
ARG NH1 HH12 sing N N 35  
ARG NH2 HH21 sing N N 36  
ARG NH2 HH22 sing N N 37  
ARG OXT HXT  sing N N 38  
ASN N   CA   sing N N 39  
ASN N   H    sing N N 40  
ASN N   H2   sing N N 41  
ASN CA  C    sing N N 42  
ASN CA  CB   sing N N 43  
ASN CA  HA   sing N N 44  
ASN C   O    doub N N 45  
ASN C   OXT  sing N N 46  
ASN CB  CG   sing N N 47  
ASN CB  HB2  sing N N 48  
ASN CB  HB3  sing N N 49  
ASN CG  OD1  doub N N 50  
ASN CG  ND2  sing N N 51  
ASN ND2 HD21 sing N N 52  
ASN ND2 HD22 sing N N 53  
ASN OXT HXT  sing N N 54  
ASP N   CA   sing N N 55  
ASP N   H    sing N N 56  
ASP N   H2   sing N N 57  
ASP CA  C    sing N N 58  
ASP CA  CB   sing N N 59  
ASP CA  HA   sing N N 60  
ASP C   O    doub N N 61  
ASP C   OXT  sing N N 62  
ASP CB  CG   sing N N 63  
ASP CB  HB2  sing N N 64  
ASP CB  HB3  sing N N 65  
ASP CG  OD1  doub N N 66  
ASP CG  OD2  sing N N 67  
ASP OD2 HD2  sing N N 68  
ASP OXT HXT  sing N N 69  
CYS N   CA   sing N N 70  
CYS N   H    sing N N 71  
CYS N   H2   sing N N 72  
CYS CA  C    sing N N 73  
CYS CA  CB   sing N N 74  
CYS CA  HA   sing N N 75  
CYS C   O    doub N N 76  
CYS C   OXT  sing N N 77  
CYS CB  SG   sing N N 78  
CYS CB  HB2  sing N N 79  
CYS CB  HB3  sing N N 80  
CYS SG  HG   sing N N 81  
CYS OXT HXT  sing N N 82  
F09 C1  C2   sing N N 83  
F09 C1  H11  sing N N 84  
F09 C1  H12  sing N N 85  
F09 C1  H13  sing N N 86  
F09 C2  C3   sing N N 87  
F09 C2  H21  sing N N 88  
F09 C2  H22  sing N N 89  
F09 C3  C4   sing N N 90  
F09 C3  H31  sing N N 91  
F09 C3  H32  sing N N 92  
F09 C4  C5   sing N N 93  
F09 C4  H41  sing N N 94  
F09 C4  H42  sing N N 95  
F09 C5  C6   sing N N 96  
F09 C5  H51  sing N N 97  
F09 C5  H52  sing N N 98  
F09 C6  C7   sing N N 99  
F09 C6  H61  sing N N 100 
F09 C6  H62  sing N N 101 
F09 C7  C8   sing N N 102 
F09 C7  H71  sing N N 103 
F09 C7  H72  sing N N 104 
F09 C8  C9   sing N N 105 
F09 C8  H81  sing N N 106 
F09 C8  H82  sing N N 107 
F09 C9  OXT  sing N N 108 
F09 C9  H91  sing N N 109 
F09 C9  H92  sing N N 110 
F09 OXT HXT  sing N N 111 
GLN N   CA   sing N N 112 
GLN N   H    sing N N 113 
GLN N   H2   sing N N 114 
GLN CA  C    sing N N 115 
GLN CA  CB   sing N N 116 
GLN CA  HA   sing N N 117 
GLN C   O    doub N N 118 
GLN C   OXT  sing N N 119 
GLN CB  CG   sing N N 120 
GLN CB  HB2  sing N N 121 
GLN CB  HB3  sing N N 122 
GLN CG  CD   sing N N 123 
GLN CG  HG2  sing N N 124 
GLN CG  HG3  sing N N 125 
GLN CD  OE1  doub N N 126 
GLN CD  NE2  sing N N 127 
GLN NE2 HE21 sing N N 128 
GLN NE2 HE22 sing N N 129 
GLN OXT HXT  sing N N 130 
GLU N   CA   sing N N 131 
GLU N   H    sing N N 132 
GLU N   H2   sing N N 133 
GLU CA  C    sing N N 134 
GLU CA  CB   sing N N 135 
GLU CA  HA   sing N N 136 
GLU C   O    doub N N 137 
GLU C   OXT  sing N N 138 
GLU CB  CG   sing N N 139 
GLU CB  HB2  sing N N 140 
GLU CB  HB3  sing N N 141 
GLU CG  CD   sing N N 142 
GLU CG  HG2  sing N N 143 
GLU CG  HG3  sing N N 144 
GLU CD  OE1  doub N N 145 
GLU CD  OE2  sing N N 146 
GLU OE2 HE2  sing N N 147 
GLU OXT HXT  sing N N 148 
GLY N   CA   sing N N 149 
GLY N   H    sing N N 150 
GLY N   H2   sing N N 151 
GLY CA  C    sing N N 152 
GLY CA  HA2  sing N N 153 
GLY CA  HA3  sing N N 154 
GLY C   O    doub N N 155 
GLY C   OXT  sing N N 156 
GLY OXT HXT  sing N N 157 
HIS N   CA   sing N N 158 
HIS N   H    sing N N 159 
HIS N   H2   sing N N 160 
HIS CA  C    sing N N 161 
HIS CA  CB   sing N N 162 
HIS CA  HA   sing N N 163 
HIS C   O    doub N N 164 
HIS C   OXT  sing N N 165 
HIS CB  CG   sing N N 166 
HIS CB  HB2  sing N N 167 
HIS CB  HB3  sing N N 168 
HIS CG  ND1  sing Y N 169 
HIS CG  CD2  doub Y N 170 
HIS ND1 CE1  doub Y N 171 
HIS ND1 HD1  sing N N 172 
HIS CD2 NE2  sing Y N 173 
HIS CD2 HD2  sing N N 174 
HIS CE1 NE2  sing Y N 175 
HIS CE1 HE1  sing N N 176 
HIS NE2 HE2  sing N N 177 
HIS OXT HXT  sing N N 178 
HOH O   H1   sing N N 179 
HOH O   H2   sing N N 180 
ILE N   CA   sing N N 181 
ILE N   H    sing N N 182 
ILE N   H2   sing N N 183 
ILE CA  C    sing N N 184 
ILE CA  CB   sing N N 185 
ILE CA  HA   sing N N 186 
ILE C   O    doub N N 187 
ILE C   OXT  sing N N 188 
ILE CB  CG1  sing N N 189 
ILE CB  CG2  sing N N 190 
ILE CB  HB   sing N N 191 
ILE CG1 CD1  sing N N 192 
ILE CG1 HG12 sing N N 193 
ILE CG1 HG13 sing N N 194 
ILE CG2 HG21 sing N N 195 
ILE CG2 HG22 sing N N 196 
ILE CG2 HG23 sing N N 197 
ILE CD1 HD11 sing N N 198 
ILE CD1 HD12 sing N N 199 
ILE CD1 HD13 sing N N 200 
ILE OXT HXT  sing N N 201 
LEU N   CA   sing N N 202 
LEU N   H    sing N N 203 
LEU N   H2   sing N N 204 
LEU CA  C    sing N N 205 
LEU CA  CB   sing N N 206 
LEU CA  HA   sing N N 207 
LEU C   O    doub N N 208 
LEU C   OXT  sing N N 209 
LEU CB  CG   sing N N 210 
LEU CB  HB2  sing N N 211 
LEU CB  HB3  sing N N 212 
LEU CG  CD1  sing N N 213 
LEU CG  CD2  sing N N 214 
LEU CG  HG   sing N N 215 
LEU CD1 HD11 sing N N 216 
LEU CD1 HD12 sing N N 217 
LEU CD1 HD13 sing N N 218 
LEU CD2 HD21 sing N N 219 
LEU CD2 HD22 sing N N 220 
LEU CD2 HD23 sing N N 221 
LEU OXT HXT  sing N N 222 
LYS N   CA   sing N N 223 
LYS N   H    sing N N 224 
LYS N   H2   sing N N 225 
LYS CA  C    sing N N 226 
LYS CA  CB   sing N N 227 
LYS CA  HA   sing N N 228 
LYS C   O    doub N N 229 
LYS C   OXT  sing N N 230 
LYS CB  CG   sing N N 231 
LYS CB  HB2  sing N N 232 
LYS CB  HB3  sing N N 233 
LYS CG  CD   sing N N 234 
LYS CG  HG2  sing N N 235 
LYS CG  HG3  sing N N 236 
LYS CD  CE   sing N N 237 
LYS CD  HD2  sing N N 238 
LYS CD  HD3  sing N N 239 
LYS CE  NZ   sing N N 240 
LYS CE  HE2  sing N N 241 
LYS CE  HE3  sing N N 242 
LYS NZ  HZ1  sing N N 243 
LYS NZ  HZ2  sing N N 244 
LYS NZ  HZ3  sing N N 245 
LYS OXT HXT  sing N N 246 
MET N   CA   sing N N 247 
MET N   H    sing N N 248 
MET N   H2   sing N N 249 
MET CA  C    sing N N 250 
MET CA  CB   sing N N 251 
MET CA  HA   sing N N 252 
MET C   O    doub N N 253 
MET C   OXT  sing N N 254 
MET CB  CG   sing N N 255 
MET CB  HB2  sing N N 256 
MET CB  HB3  sing N N 257 
MET CG  SD   sing N N 258 
MET CG  HG2  sing N N 259 
MET CG  HG3  sing N N 260 
MET SD  CE   sing N N 261 
MET CE  HE1  sing N N 262 
MET CE  HE2  sing N N 263 
MET CE  HE3  sing N N 264 
MET OXT HXT  sing N N 265 
PHE N   CA   sing N N 266 
PHE N   H    sing N N 267 
PHE N   H2   sing N N 268 
PHE CA  C    sing N N 269 
PHE CA  CB   sing N N 270 
PHE CA  HA   sing N N 271 
PHE C   O    doub N N 272 
PHE C   OXT  sing N N 273 
PHE CB  CG   sing N N 274 
PHE CB  HB2  sing N N 275 
PHE CB  HB3  sing N N 276 
PHE CG  CD1  doub Y N 277 
PHE CG  CD2  sing Y N 278 
PHE CD1 CE1  sing Y N 279 
PHE CD1 HD1  sing N N 280 
PHE CD2 CE2  doub Y N 281 
PHE CD2 HD2  sing N N 282 
PHE CE1 CZ   doub Y N 283 
PHE CE1 HE1  sing N N 284 
PHE CE2 CZ   sing Y N 285 
PHE CE2 HE2  sing N N 286 
PHE CZ  HZ   sing N N 287 
PHE OXT HXT  sing N N 288 
PRO N   CA   sing N N 289 
PRO N   CD   sing N N 290 
PRO N   H    sing N N 291 
PRO CA  C    sing N N 292 
PRO CA  CB   sing N N 293 
PRO CA  HA   sing N N 294 
PRO C   O    doub N N 295 
PRO C   OXT  sing N N 296 
PRO CB  CG   sing N N 297 
PRO CB  HB2  sing N N 298 
PRO CB  HB3  sing N N 299 
PRO CG  CD   sing N N 300 
PRO CG  HG2  sing N N 301 
PRO CG  HG3  sing N N 302 
PRO CD  HD2  sing N N 303 
PRO CD  HD3  sing N N 304 
PRO OXT HXT  sing N N 305 
SER N   CA   sing N N 306 
SER N   H    sing N N 307 
SER N   H2   sing N N 308 
SER CA  C    sing N N 309 
SER CA  CB   sing N N 310 
SER CA  HA   sing N N 311 
SER C   O    doub N N 312 
SER C   OXT  sing N N 313 
SER CB  OG   sing N N 314 
SER CB  HB2  sing N N 315 
SER CB  HB3  sing N N 316 
SER OG  HG   sing N N 317 
SER OXT HXT  sing N N 318 
THR N   CA   sing N N 319 
THR N   H    sing N N 320 
THR N   H2   sing N N 321 
THR CA  C    sing N N 322 
THR CA  CB   sing N N 323 
THR CA  HA   sing N N 324 
THR C   O    doub N N 325 
THR C   OXT  sing N N 326 
THR CB  OG1  sing N N 327 
THR CB  CG2  sing N N 328 
THR CB  HB   sing N N 329 
THR OG1 HG1  sing N N 330 
THR CG2 HG21 sing N N 331 
THR CG2 HG22 sing N N 332 
THR CG2 HG23 sing N N 333 
THR OXT HXT  sing N N 334 
TRP N   CA   sing N N 335 
TRP N   H    sing N N 336 
TRP N   H2   sing N N 337 
TRP CA  C    sing N N 338 
TRP CA  CB   sing N N 339 
TRP CA  HA   sing N N 340 
TRP C   O    doub N N 341 
TRP C   OXT  sing N N 342 
TRP CB  CG   sing N N 343 
TRP CB  HB2  sing N N 344 
TRP CB  HB3  sing N N 345 
TRP CG  CD1  doub Y N 346 
TRP CG  CD2  sing Y N 347 
TRP CD1 NE1  sing Y N 348 
TRP CD1 HD1  sing N N 349 
TRP CD2 CE2  doub Y N 350 
TRP CD2 CE3  sing Y N 351 
TRP NE1 CE2  sing Y N 352 
TRP NE1 HE1  sing N N 353 
TRP CE2 CZ2  sing Y N 354 
TRP CE3 CZ3  doub Y N 355 
TRP CE3 HE3  sing N N 356 
TRP CZ2 CH2  doub Y N 357 
TRP CZ2 HZ2  sing N N 358 
TRP CZ3 CH2  sing Y N 359 
TRP CZ3 HZ3  sing N N 360 
TRP CH2 HH2  sing N N 361 
TRP OXT HXT  sing N N 362 
TYR N   CA   sing N N 363 
TYR N   H    sing N N 364 
TYR N   H2   sing N N 365 
TYR CA  C    sing N N 366 
TYR CA  CB   sing N N 367 
TYR CA  HA   sing N N 368 
TYR C   O    doub N N 369 
TYR C   OXT  sing N N 370 
TYR CB  CG   sing N N 371 
TYR CB  HB2  sing N N 372 
TYR CB  HB3  sing N N 373 
TYR CG  CD1  doub Y N 374 
TYR CG  CD2  sing Y N 375 
TYR CD1 CE1  sing Y N 376 
TYR CD1 HD1  sing N N 377 
TYR CD2 CE2  doub Y N 378 
TYR CD2 HD2  sing N N 379 
TYR CE1 CZ   doub Y N 380 
TYR CE1 HE1  sing N N 381 
TYR CE2 CZ   sing Y N 382 
TYR CE2 HE2  sing N N 383 
TYR CZ  OH   sing N N 384 
TYR OH  HH   sing N N 385 
TYR OXT HXT  sing N N 386 
VAL N   CA   sing N N 387 
VAL N   H    sing N N 388 
VAL N   H2   sing N N 389 
VAL CA  C    sing N N 390 
VAL CA  CB   sing N N 391 
VAL CA  HA   sing N N 392 
VAL C   O    doub N N 393 
VAL C   OXT  sing N N 394 
VAL CB  CG1  sing N N 395 
VAL CB  CG2  sing N N 396 
VAL CB  HB   sing N N 397 
VAL CG1 HG11 sing N N 398 
VAL CG1 HG12 sing N N 399 
VAL CG1 HG13 sing N N 400 
VAL CG2 HG21 sing N N 401 
VAL CG2 HG22 sing N N 402 
VAL CG2 HG23 sing N N 403 
VAL OXT HXT  sing N N 404 
# 
_pdbx_initial_refinement_model.id               1 
_pdbx_initial_refinement_model.entity_id_list   ? 
_pdbx_initial_refinement_model.type             'experimental model' 
_pdbx_initial_refinement_model.source_name      PDB 
_pdbx_initial_refinement_model.accession_code   1QY0 
_pdbx_initial_refinement_model.details          ? 
# 
_atom_sites.entry_id                    1ZNK 
_atom_sites.fract_transf_matrix[1][1]   0.01678186 
_atom_sites.fract_transf_matrix[1][2]   -0.00203049 
_atom_sites.fract_transf_matrix[1][3]   -0.00797730 
_atom_sites.fract_transf_matrix[2][1]   0.00229748 
_atom_sites.fract_transf_matrix[2][2]   0.01854993 
_atom_sites.fract_transf_matrix[2][3]   0.00011163 
_atom_sites.fract_transf_matrix[3][1]   0.00307775 
_atom_sites.fract_transf_matrix[3][2]   -0.00042080 
_atom_sites.fract_transf_matrix[3][3]   0.00658177 
_atom_sites.fract_transf_vector[1]      0.876696 
_atom_sites.fract_transf_vector[2]      0.433601 
_atom_sites.fract_transf_vector[3]      0.312026 
# 
loop_
_atom_type.symbol 
C  
CD 
N  
O  
S  
# 
loop_
_atom_site.group_PDB 
_atom_site.id 
_atom_site.type_symbol 
_atom_site.label_atom_id 
_atom_site.label_alt_id 
_atom_site.label_comp_id 
_atom_site.label_asym_id 
_atom_site.label_entity_id 
_atom_site.label_seq_id 
_atom_site.pdbx_PDB_ins_code 
_atom_site.Cartn_x 
_atom_site.Cartn_y 
_atom_site.Cartn_z 
_atom_site.occupancy 
_atom_site.B_iso_or_equiv 
_atom_site.pdbx_formal_charge 
_atom_site.auth_seq_id 
_atom_site.auth_comp_id 
_atom_site.auth_asym_id 
_atom_site.auth_atom_id 
_atom_site.pdbx_PDB_model_num 
ATOM   1    N  N   . GLU A 1 13  ? -12.655 8.534   13.348  1.00 47.89 ? 1   GLU A N   1 
ATOM   2    C  CA  . GLU A 1 13  ? -13.533 8.329   12.159  1.00 48.65 ? 1   GLU A CA  1 
ATOM   3    C  C   . GLU A 1 13  ? -12.730 7.668   11.041  1.00 42.67 ? 1   GLU A C   1 
ATOM   4    O  O   . GLU A 1 13  ? -11.518 7.867   10.923  1.00 41.60 ? 1   GLU A O   1 
ATOM   5    C  CB  . GLU A 1 13  ? -14.112 9.662   11.666  1.00 55.30 ? 1   GLU A CB  1 
ATOM   6    C  CG  . GLU A 1 13  ? -13.106 10.591  11.002  1.00 66.27 ? 1   GLU A CG  1 
ATOM   7    C  CD  . GLU A 1 13  ? -12.168 11.256  11.990  1.00 72.86 ? 1   GLU A CD  1 
ATOM   8    O  OE1 . GLU A 1 13  ? -11.235 11.955  11.531  1.00 76.15 ? 1   GLU A OE1 1 
ATOM   9    O  OE2 . GLU A 1 13  ? -12.366 11.090  13.216  1.00 74.64 ? 1   GLU A OE2 1 
ATOM   10   N  N   . GLU A 1 14  ? -13.411 6.882   10.221  1.00 33.17 ? 2   GLU A N   1 
ATOM   11   C  CA  . GLU A 1 14  ? -12.741 6.169   9.143   1.00 24.87 ? 2   GLU A CA  1 
ATOM   12   C  C   . GLU A 1 14  ? -13.344 6.518   7.792   1.00 27.28 ? 2   GLU A C   1 
ATOM   13   O  O   . GLU A 1 14  ? -14.497 6.953   7.707   1.00 29.57 ? 2   GLU A O   1 
ATOM   14   C  CB  . GLU A 1 14  ? -12.835 4.667   9.412   1.00 21.84 ? 2   GLU A CB  1 
ATOM   15   C  CG  . GLU A 1 14  ? -12.199 4.306   10.762  1.00 24.96 ? 2   GLU A CG  1 
ATOM   16   C  CD  . GLU A 1 14  ? -12.081 2.820   11.011  1.00 28.16 ? 2   GLU A CD  1 
ATOM   17   O  OE1 . GLU A 1 14  ? -12.716 2.024   10.276  1.00 30.92 ? 2   GLU A OE1 1 
ATOM   18   O  OE2 . GLU A 1 14  ? -11.355 2.456   11.967  1.00 27.20 ? 2   GLU A OE2 1 
ATOM   19   N  N   . ALA A 1 15  ? -12.556 6.351   6.737   1.00 20.23 ? 3   ALA A N   1 
ATOM   20   C  CA  . ALA A 1 15  ? -13.035 6.664   5.406   1.00 20.43 ? 3   ALA A CA  1 
ATOM   21   C  C   . ALA A 1 15  ? -12.403 5.742   4.394   1.00 21.90 ? 3   ALA A C   1 
ATOM   22   O  O   . ALA A 1 15  ? -11.438 5.030   4.692   1.00 19.17 ? 3   ALA A O   1 
ATOM   23   C  CB  . ALA A 1 15  ? -12.699 8.118   5.042   1.00 22.07 ? 3   ALA A CB  1 
ATOM   24   N  N   . SER A 1 16  ? -12.993 5.759   3.202   1.00 20.93 ? 4   SER A N   1 
ATOM   25   C  CA  . SER A 1 16  ? -12.530 5.021   2.039   1.00 20.48 ? 4   SER A CA  1 
ATOM   26   C  C   . SER A 1 16  ? -12.240 6.122   1.000   1.00 17.98 ? 4   SER A C   1 
ATOM   27   O  O   . SER A 1 16  ? -12.915 7.159   0.994   1.00 22.26 ? 4   SER A O   1 
ATOM   28   C  CB  . SER A 1 16  ? -13.645 4.082   1.551   1.00 24.67 ? 4   SER A CB  1 
ATOM   29   O  OG  . SER A 1 16  ? -13.265 3.433   0.342   1.00 36.72 ? 4   SER A OG  1 
ATOM   30   N  N   . SER A 1 17  ? -11.226 5.945   0.151   1.00 17.23 ? 5   SER A N   1 
ATOM   31   C  CA  . SER A 1 17  ? -10.908 6.978   -0.839  1.00 16.38 ? 5   SER A CA  1 
ATOM   32   C  C   . SER A 1 17  ? -12.034 7.151   -1.849  1.00 18.33 ? 5   SER A C   1 
ATOM   33   O  O   . SER A 1 17  ? -12.189 8.223   -2.436  1.00 19.65 ? 5   SER A O   1 
ATOM   34   C  CB  . SER A 1 17  ? -9.581  6.671   -1.574  1.00 15.25 ? 5   SER A CB  1 
ATOM   35   O  OG  . SER A 1 17  ? -9.675  5.466   -2.329  1.00 16.29 ? 5   SER A OG  1 
ATOM   36   N  N   . THR A 1 18  ? -12.840 6.115   -2.006  1.00 18.45 ? 6   THR A N   1 
ATOM   37   C  CA  . THR A 1 18  ? -13.942 6.160   -2.957  1.00 23.51 ? 6   THR A CA  1 
ATOM   38   C  C   . THR A 1 18  ? -15.209 6.723   -2.330  1.00 25.79 ? 6   THR A C   1 
ATOM   39   O  O   . THR A 1 18  ? -16.204 6.904   -3.021  1.00 28.52 ? 6   THR A O   1 
ATOM   40   C  CB  . THR A 1 18  ? -14.227 4.749   -3.537  1.00 21.67 ? 6   THR A CB  1 
ATOM   41   O  OG1 . THR A 1 18  ? -14.480 3.824   -2.471  1.00 30.77 ? 6   THR A OG1 1 
ATOM   42   C  CG2 . THR A 1 18  ? -13.038 4.276   -4.346  1.00 25.35 ? 6   THR A CG2 1 
ATOM   43   N  N   . GLY A 1 19  ? -15.157 7.013   -1.033  1.00 24.36 ? 7   GLY A N   1 
ATOM   44   C  CA  . GLY A 1 19  ? -16.311 7.555   -0.329  1.00 28.63 ? 7   GLY A CA  1 
ATOM   45   C  C   . GLY A 1 19  ? -16.462 9.064   -0.437  1.00 32.44 ? 7   GLY A C   1 
ATOM   46   O  O   . GLY A 1 19  ? -15.495 9.801   -0.633  1.00 28.35 ? 7   GLY A O   1 
ATOM   47   N  N   . ARG A 1 20  ? -17.690 9.535   -0.270  1.00 36.08 ? 8   ARG A N   1 
ATOM   48   C  CA  . ARG A 1 20  ? -17.972 10.962  -0.377  1.00 40.40 ? 8   ARG A CA  1 
ATOM   49   C  C   . ARG A 1 20  ? -17.288 11.811  0.694   1.00 38.98 ? 8   ARG A C   1 
ATOM   50   O  O   . ARG A 1 20  ? -16.973 12.979  0.454   1.00 40.15 ? 8   ARG A O   1 
ATOM   51   C  CB  . ARG A 1 20  ? -19.482 11.195  -0.319  1.00 48.89 ? 8   ARG A CB  1 
ATOM   52   C  CG  . ARG A 1 20  ? -19.980 12.314  -1.227  1.00 62.21 ? 8   ARG A CG  1 
ATOM   53   C  CD  . ARG A 1 20  ? -19.672 12.007  -2.691  1.00 70.84 ? 8   ARG A CD  1 
ATOM   54   N  NE  . ARG A 1 20  ? -20.336 12.932  -3.607  1.00 79.12 ? 8   ARG A NE  1 
ATOM   55   C  CZ  . ARG A 1 20  ? -21.655 13.035  -3.741  1.00 83.21 ? 8   ARG A CZ  1 
ATOM   56   N  NH1 . ARG A 1 20  ? -22.463 12.266  -3.018  1.00 85.37 ? 8   ARG A NH1 1 
ATOM   57   N  NH2 . ARG A 1 20  ? -22.171 13.908  -4.599  1.00 85.34 ? 8   ARG A NH2 1 
ATOM   58   N  N   . ASN A 1 21  ? -17.047 11.232  1.864   1.00 35.05 ? 9   ASN A N   1 
ATOM   59   C  CA  . ASN A 1 21  ? -16.417 11.978  2.956   1.00 33.18 ? 9   ASN A CA  1 
ATOM   60   C  C   . ASN A 1 21  ? -14.895 11.852  3.015   1.00 29.58 ? 9   ASN A C   1 
ATOM   61   O  O   . ASN A 1 21  ? -14.287 12.300  3.980   1.00 31.66 ? 9   ASN A O   1 
ATOM   62   C  CB  . ASN A 1 21  ? -16.980 11.531  4.302   1.00 39.20 ? 9   ASN A CB  1 
ATOM   63   C  CG  . ASN A 1 21  ? -16.684 10.064  4.597   1.00 45.85 ? 9   ASN A CG  1 
ATOM   64   O  OD1 . ASN A 1 21  ? -16.901 9.584   5.712   1.00 49.49 ? 9   ASN A OD1 1 
ATOM   65   N  ND2 . ASN A 1 21  ? -16.197 9.341   3.588   1.00 46.12 ? 9   ASN A ND2 1 
ATOM   66   N  N   . PHE A 1 22  ? -14.274 11.250  2.004   1.00 24.16 ? 10  PHE A N   1 
ATOM   67   C  CA  . PHE A 1 22  ? -12.817 11.097  2.042   1.00 20.17 ? 10  PHE A CA  1 
ATOM   68   C  C   . PHE A 1 22  ? -12.103 12.446  2.014   1.00 20.87 ? 10  PHE A C   1 
ATOM   69   O  O   . PHE A 1 22  ? -12.439 13.327  1.220   1.00 23.32 ? 10  PHE A O   1 
ATOM   70   C  CB  . PHE A 1 22  ? -12.333 10.274  0.856   1.00 20.18 ? 10  PHE A CB  1 
ATOM   71   C  CG  . PHE A 1 22  ? -10.858 9.988   0.869   1.00 16.83 ? 10  PHE A CG  1 
ATOM   72   C  CD1 . PHE A 1 22  ? -10.278 9.303   1.926   1.00 17.91 ? 10  PHE A CD1 1 
ATOM   73   C  CD2 . PHE A 1 22  ? -10.074 10.324  -0.232  1.00 19.46 ? 10  PHE A CD2 1 
ATOM   74   C  CE1 . PHE A 1 22  ? -8.911  8.941   1.881   1.00 16.19 ? 10  PHE A CE1 1 
ATOM   75   C  CE2 . PHE A 1 22  ? -8.732  9.972   -0.294  1.00 19.73 ? 10  PHE A CE2 1 
ATOM   76   C  CZ  . PHE A 1 22  ? -8.148  9.276   0.770   1.00 19.07 ? 10  PHE A CZ  1 
ATOM   77   N  N   . ASN A 1 23  ? -11.094 12.595  2.862   1.00 18.85 ? 11  ASN A N   1 
ATOM   78   C  CA  . ASN A 1 23  ? -10.339 13.849  2.919   1.00 19.38 ? 11  ASN A CA  1 
ATOM   79   C  C   . ASN A 1 23  ? -8.883  13.480  2.645   1.00 18.63 ? 11  ASN A C   1 
ATOM   80   O  O   . ASN A 1 23  ? -8.116  13.165  3.578   1.00 21.34 ? 11  ASN A O   1 
ATOM   81   C  CB  . ASN A 1 23  ? -10.475 14.458  4.309   1.00 25.57 ? 11  ASN A CB  1 
ATOM   82   C  CG  . ASN A 1 23  ? -9.859  15.843  4.406   1.00 29.71 ? 11  ASN A CG  1 
ATOM   83   O  OD1 . ASN A 1 23  ? -10.052 16.542  5.402   1.00 35.41 ? 11  ASN A OD1 1 
ATOM   84   N  ND2 . ASN A 1 23  ? -9.117  16.247  3.379   1.00 28.51 ? 11  ASN A ND2 1 
ATOM   85   N  N   . VAL A 1 24  ? -8.510  13.507  1.374   1.00 17.95 ? 12  VAL A N   1 
ATOM   86   C  CA  . VAL A 1 24  ? -7.170  13.086  0.966   1.00 15.67 ? 12  VAL A CA  1 
ATOM   87   C  C   . VAL A 1 24  ? -6.014  13.810  1.627   1.00 21.32 ? 12  VAL A C   1 
ATOM   88   O  O   . VAL A 1 24  ? -4.960  13.220  1.865   1.00 16.49 ? 12  VAL A O   1 
ATOM   89   C  CB  . VAL A 1 24  ? -7.014  13.140  -0.582  1.00 19.22 ? 12  VAL A CB  1 
ATOM   90   C  CG1 . VAL A 1 24  ? -6.966  14.590  -1.066  1.00 19.93 ? 12  VAL A CG1 1 
ATOM   91   C  CG2 . VAL A 1 24  ? -5.765  12.324  -1.013  1.00 19.81 ? 12  VAL A CG2 1 
ATOM   92   N  N   . GLU A 1 25  ? -6.189  15.089  1.940   1.00 16.85 ? 13  GLU A N   1 
ATOM   93   C  CA  . GLU A 1 25  ? -5.097  15.809  2.590   1.00 19.63 ? 13  GLU A CA  1 
ATOM   94   C  C   . GLU A 1 25  ? -4.703  15.157  3.884   1.00 14.72 ? 13  GLU A C   1 
ATOM   95   O  O   . GLU A 1 25  ? -3.570  15.304  4.320   1.00 18.34 ? 13  GLU A O   1 
ATOM   96   C  CB  . GLU A 1 25  ? -5.478  17.267  2.911   1.00 22.45 ? 13  GLU A CB  1 
ATOM   97   C  CG  . GLU A 1 25  ? -5.653  18.159  1.711   1.00 25.88 ? 13  GLU A CG  1 
ATOM   98   C  CD  . GLU A 1 25  ? -6.174  19.534  2.119   1.00 29.94 ? 13  GLU A CD  1 
ATOM   99   O  OE1 . GLU A 1 25  ? -6.949  19.594  3.097   1.00 20.30 ? 13  GLU A OE1 1 
ATOM   100  O  OE2 . GLU A 1 25  ? -5.815  20.534  1.464   1.00 39.46 ? 13  GLU A OE2 1 
ATOM   101  N  N   . LYS A 1 26  ? -5.629  14.447  4.516   1.00 15.97 ? 14  LYS A N   1 
ATOM   102  C  CA  . LYS A 1 26  ? -5.336  13.822  5.804   1.00 15.42 ? 14  LYS A CA  1 
ATOM   103  C  C   . LYS A 1 26  ? -4.448  12.570  5.741   1.00 17.96 ? 14  LYS A C   1 
ATOM   104  O  O   . LYS A 1 26  ? -4.029  12.066  6.786   1.00 16.74 ? 14  LYS A O   1 
ATOM   105  C  CB  . LYS A 1 26  ? -6.630  13.547  6.584   1.00 17.20 ? 14  LYS A CB  1 
ATOM   106  C  CG  . LYS A 1 26  ? -7.311  14.826  7.103   1.00 26.45 ? 14  LYS A CG  1 
ATOM   107  C  CD  . LYS A 1 26  ? -8.528  14.520  7.998   1.00 29.32 ? 14  LYS A CD  1 
ATOM   108  C  CE  . LYS A 1 26  ? -8.794  15.700  8.940   1.00 37.72 ? 14  LYS A CE  1 
ATOM   109  N  NZ  . LYS A 1 26  ? -9.904  15.467  9.914   1.00 44.35 ? 14  LYS A NZ  1 
ATOM   110  N  N   . ILE A 1 27  ? -4.130  12.083  4.536   1.00 14.85 ? 15  ILE A N   1 
ATOM   111  C  CA  . ILE A 1 27  ? -3.211  10.945  4.462   1.00 14.93 ? 15  ILE A CA  1 
ATOM   112  C  C   . ILE A 1 27  ? -1.812  11.455  4.152   1.00 14.09 ? 15  ILE A C   1 
ATOM   113  O  O   . ILE A 1 27  ? -0.888  10.691  3.958   1.00 15.88 ? 15  ILE A O   1 
ATOM   114  C  CB  . ILE A 1 27  ? -3.604  9.869   3.397   1.00 13.78 ? 15  ILE A CB  1 
ATOM   115  C  CG1 . ILE A 1 27  ? -3.474  10.428  1.974   1.00 17.50 ? 15  ILE A CG1 1 
ATOM   116  C  CG2 . ILE A 1 27  ? -4.988  9.352   3.704   1.00 12.27 ? 15  ILE A CG2 1 
ATOM   117  C  CD1 . ILE A 1 27  ? -3.607  9.314   0.890   1.00 20.13 ? 15  ILE A CD1 1 
ATOM   118  N  N   . ASN A 1 28  ? -1.648  12.769  4.088   1.00 14.88 ? 16  ASN A N   1 
ATOM   119  C  CA  . ASN A 1 28  ? -0.336  13.309  3.836   1.00 14.34 ? 16  ASN A CA  1 
ATOM   120  C  C   . ASN A 1 28  ? 0.627   12.964  4.986   1.00 16.30 ? 16  ASN A C   1 
ATOM   121  O  O   . ASN A 1 28  ? 0.213   12.820  6.138   1.00 15.09 ? 16  ASN A O   1 
ATOM   122  C  CB  . ASN A 1 28  ? -0.453  14.833  3.745   1.00 14.50 ? 16  ASN A CB  1 
ATOM   123  C  CG  . ASN A 1 28  ? 0.835   15.503  3.332   1.00 18.10 ? 16  ASN A CG  1 
ATOM   124  O  OD1 . ASN A 1 28  ? 1.226   15.439  2.163   1.00 20.24 ? 16  ASN A OD1 1 
ATOM   125  N  ND2 . ASN A 1 28  ? 1.508   16.175  4.295   1.00 18.65 ? 16  ASN A ND2 1 
ATOM   126  N  N   . GLY A 1 29  ? 1.905   12.789  4.656   1.00 12.57 ? 17  GLY A N   1 
ATOM   127  C  CA  . GLY A 1 29  ? 2.885   12.609  5.712   1.00 13.79 ? 17  GLY A CA  1 
ATOM   128  C  C   . GLY A 1 29  ? 3.557   11.275  5.867   1.00 11.76 ? 17  GLY A C   1 
ATOM   129  O  O   . GLY A 1 29  ? 3.616   10.470  4.957   1.00 13.94 ? 17  GLY A O   1 
ATOM   130  N  N   . GLU A 1 30  ? 4.069   11.068  7.077   1.00 13.41 ? 18  GLU A N   1 
ATOM   131  C  CA  . GLU A 1 30  ? 4.788   9.863   7.415   1.00 11.10 ? 18  GLU A CA  1 
ATOM   132  C  C   . GLU A 1 30  ? 3.931   8.599   7.409   1.00 11.55 ? 18  GLU A C   1 
ATOM   133  O  O   . GLU A 1 30  ? 2.833   8.584   7.978   1.00 11.43 ? 18  GLU A O   1 
ATOM   134  C  CB  . GLU A 1 30  ? 5.397   10.012  8.819   1.00 10.98 ? 18  GLU A CB  1 
ATOM   135  C  CG  . GLU A 1 30  ? 6.172   8.766   9.330   1.00 13.29 ? 18  GLU A CG  1 
ATOM   136  C  CD  . GLU A 1 30  ? 6.597   8.856   10.801  1.00 16.36 ? 18  GLU A CD  1 
ATOM   137  O  OE1 . GLU A 1 30  ? 6.211   9.825   11.507  1.00 16.99 ? 18  GLU A OE1 1 
ATOM   138  O  OE2 . GLU A 1 30  ? 7.287   7.940   11.269  1.00 12.84 ? 18  GLU A OE2 1 
ATOM   139  N  N   . TRP A 1 31  ? 4.471   7.546   6.793   1.00 12.66 ? 19  TRP A N   1 
ATOM   140  C  CA  . TRP A 1 31  ? 3.859   6.213   6.783   1.00 13.87 ? 19  TRP A CA  1 
ATOM   141  C  C   . TRP A 1 31  ? 4.959   5.164   6.773   1.00 14.63 ? 19  TRP A C   1 
ATOM   142  O  O   . TRP A 1 31  ? 6.120   5.441   6.422   1.00 16.78 ? 19  TRP A O   1 
ATOM   143  C  CB  . TRP A 1 31  ? 2.935   5.979   5.555   1.00 13.06 ? 19  TRP A CB  1 
ATOM   144  C  CG  . TRP A 1 31  ? 1.658   6.772   5.623   1.00 11.93 ? 19  TRP A CG  1 
ATOM   145  C  CD1 . TRP A 1 31  ? 1.405   7.947   4.955   1.00 11.68 ? 19  TRP A CD1 1 
ATOM   146  C  CD2 . TRP A 1 31  ? 0.482   6.492   6.411   1.00 13.83 ? 19  TRP A CD2 1 
ATOM   147  N  NE1 . TRP A 1 31  ? 0.147   8.409   5.278   1.00 15.68 ? 19  TRP A NE1 1 
ATOM   148  C  CE2 . TRP A 1 31  ? -0.438  7.534   6.163   1.00 14.44 ? 19  TRP A CE2 1 
ATOM   149  C  CE3 . TRP A 1 31  ? 0.127   5.469   7.308   1.00 11.56 ? 19  TRP A CE3 1 
ATOM   150  C  CZ2 . TRP A 1 31  ? -1.692  7.584   6.770   1.00 12.97 ? 19  TRP A CZ2 1 
ATOM   151  C  CZ3 . TRP A 1 31  ? -1.140  5.515   7.932   1.00 10.70 ? 19  TRP A CZ3 1 
ATOM   152  C  CH2 . TRP A 1 31  ? -2.031  6.572   7.654   1.00 12.82 ? 19  TRP A CH2 1 
ATOM   153  N  N   . HIS A 1 32  ? 4.598   3.949   7.183   1.00 11.75 ? 20  HIS A N   1 
ATOM   154  C  CA  . HIS A 1 32  ? 5.514   2.826   7.189   1.00 12.06 ? 20  HIS A CA  1 
ATOM   155  C  C   . HIS A 1 32  ? 4.762   1.604   6.691   1.00 14.63 ? 20  HIS A C   1 
ATOM   156  O  O   . HIS A 1 32  ? 3.581   1.426   7.002   1.00 11.65 ? 20  HIS A O   1 
ATOM   157  C  CB  . HIS A 1 32  ? 6.010   2.514   8.609   1.00 14.57 ? 20  HIS A CB  1 
ATOM   158  C  CG  . HIS A 1 32  ? 6.732   3.650   9.254   1.00 14.84 ? 20  HIS A CG  1 
ATOM   159  N  ND1 . HIS A 1 32  ? 8.100   3.787   9.200   1.00 17.31 ? 20  HIS A ND1 1 
ATOM   160  C  CD2 . HIS A 1 32  ? 6.265   4.746   9.901   1.00 10.72 ? 20  HIS A CD2 1 
ATOM   161  C  CE1 . HIS A 1 32  ? 8.449   4.921   9.790   1.00 18.11 ? 20  HIS A CE1 1 
ATOM   162  N  NE2 . HIS A 1 32  ? 7.355   5.525   10.219  1.00 15.69 ? 20  HIS A NE2 1 
ATOM   163  N  N   . THR A 1 33  ? 5.451   0.755   5.937   1.00 13.63 ? 21  THR A N   1 
ATOM   164  C  CA  . THR A 1 33  ? 4.853   -0.488  5.478   1.00 12.41 ? 21  THR A CA  1 
ATOM   165  C  C   . THR A 1 33  ? 4.844   -1.435  6.664   1.00 14.52 ? 21  THR A C   1 
ATOM   166  O  O   . THR A 1 33  ? 5.890   -1.712  7.249   1.00 17.66 ? 21  THR A O   1 
ATOM   167  C  CB  . THR A 1 33  ? 5.673   -1.115  4.346   1.00 13.76 ? 21  THR A CB  1 
ATOM   168  O  OG1 . THR A 1 33  ? 5.511   -0.319  3.169   1.00 12.67 ? 21  THR A OG1 1 
ATOM   169  C  CG2 . THR A 1 33  ? 5.184   -2.562  4.064   1.00 14.99 ? 21  THR A CG2 1 
ATOM   170  N  N   . ILE A 1 34  ? 3.657   -1.922  7.026   1.00 11.64 ? 22  ILE A N   1 
ATOM   171  C  CA  . ILE A 1 34  ? 3.514   -2.849  8.132   1.00 11.90 ? 22  ILE A CA  1 
ATOM   172  C  C   . ILE A 1 34  ? 3.280   -4.266  7.642   1.00 12.66 ? 22  ILE A C   1 
ATOM   173  O  O   . ILE A 1 34  ? 3.930   -5.208  8.113   1.00 13.11 ? 22  ILE A O   1 
ATOM   174  C  CB  . ILE A 1 34  ? 2.331   -2.454  9.055   1.00 10.18 ? 22  ILE A CB  1 
ATOM   175  C  CG1 . ILE A 1 34  ? 2.452   -0.966  9.444   1.00 12.78 ? 22  ILE A CG1 1 
ATOM   176  C  CG2 . ILE A 1 34  ? 2.358   -3.297  10.349  1.00 12.77 ? 22  ILE A CG2 1 
ATOM   177  C  CD1 . ILE A 1 34  ? 3.902   -0.548  9.923   1.00 12.44 ? 22  ILE A CD1 1 
ATOM   178  N  N   . ILE A 1 35  ? 2.354   -4.414  6.695   1.00 10.95 ? 23  ILE A N   1 
ATOM   179  C  CA  . ILE A 1 35  ? 2.063   -5.743  6.168   1.00 10.85 ? 23  ILE A CA  1 
ATOM   180  C  C   . ILE A 1 35  ? 1.787   -5.617  4.676   1.00 12.94 ? 23  ILE A C   1 
ATOM   181  O  O   . ILE A 1 35  ? 1.199   -4.612  4.236   1.00 13.92 ? 23  ILE A O   1 
ATOM   182  C  CB  . ILE A 1 35  ? 0.786   -6.325  6.795   1.00 11.04 ? 23  ILE A CB  1 
ATOM   183  C  CG1 . ILE A 1 35  ? 0.890   -6.364  8.326   1.00 13.49 ? 23  ILE A CG1 1 
ATOM   184  C  CG2 . ILE A 1 35  ? 0.522   -7.755  6.218   1.00 14.52 ? 23  ILE A CG2 1 
ATOM   185  C  CD1 . ILE A 1 35  ? -0.379  -6.904  9.021   1.00 18.45 ? 23  ILE A CD1 1 
ATOM   186  N  N   . LEU A 1 36  ? 2.221   -6.612  3.895   1.00 12.58 ? 24  LEU A N   1 
ATOM   187  C  CA  . LEU A 1 36  ? 1.898   -6.625  2.458   1.00 10.85 ? 24  LEU A CA  1 
ATOM   188  C  C   . LEU A 1 36  ? 1.237   -7.942  2.180   1.00 13.22 ? 24  LEU A C   1 
ATOM   189  O  O   . LEU A 1 36  ? 1.531   -8.936  2.825   1.00 13.43 ? 24  LEU A O   1 
ATOM   190  C  CB  . LEU A 1 36  ? 3.138   -6.497  1.550   1.00 11.75 ? 24  LEU A CB  1 
ATOM   191  C  CG  . LEU A 1 36  ? 3.789   -5.109  1.590   1.00 11.55 ? 24  LEU A CG  1 
ATOM   192  C  CD1 . LEU A 1 36  ? 5.006   -5.166  0.661   1.00 12.16 ? 24  LEU A CD1 1 
ATOM   193  C  CD2 . LEU A 1 36  ? 2.856   -3.998  1.126   1.00 17.53 ? 24  LEU A CD2 1 
ATOM   194  N  N   . ALA A 1 37  ? 0.352   -7.949  1.199   1.00 10.57 ? 25  ALA A N   1 
ATOM   195  C  CA  . ALA A 1 37  ? -0.378  -9.159  0.839   1.00 10.49 ? 25  ALA A CA  1 
ATOM   196  C  C   . ALA A 1 37  ? -0.574  -9.231  -0.651  1.00 12.74 ? 25  ALA A C   1 
ATOM   197  O  O   . ALA A 1 37  ? -0.717  -8.210  -1.299  1.00 13.69 ? 25  ALA A O   1 
ATOM   198  C  CB  . ALA A 1 37  ? -1.734  -9.150  1.528   1.00 11.72 ? 25  ALA A CB  1 
ATOM   199  N  N   . SER A 1 38  ? -0.598  -10.447 -1.206  1.00 10.33 ? 26  SER A N   1 
ATOM   200  C  CA  . SER A 1 38  ? -0.814  -10.544 -2.650  1.00 10.38 ? 26  SER A CA  1 
ATOM   201  C  C   . SER A 1 38  ? -1.339  -11.899 -3.062  1.00 14.44 ? 26  SER A C   1 
ATOM   202  O  O   . SER A 1 38  ? -0.985  -12.905 -2.440  1.00 16.58 ? 26  SER A O   1 
ATOM   203  C  CB  . SER A 1 38  ? 0.507   -10.328 -3.396  1.00 12.99 ? 26  SER A CB  1 
ATOM   204  O  OG  . SER A 1 38  ? 0.243   -10.340 -4.801  1.00 15.58 ? 26  SER A OG  1 
ATOM   205  N  N   . ASP A 1 39  ? -2.183  -11.946 -4.094  1.00 14.08 ? 27  ASP A N   1 
ATOM   206  C  CA  . ASP A 1 39  ? -2.579  -13.268 -4.571  1.00 19.05 ? 27  ASP A CA  1 
ATOM   207  C  C   . ASP A 1 39  ? -1.500  -13.884 -5.487  1.00 20.04 ? 27  ASP A C   1 
ATOM   208  O  O   . ASP A 1 39  ? -1.715  -14.957 -6.052  1.00 23.79 ? 27  ASP A O   1 
ATOM   209  C  CB  . ASP A 1 39  ? -3.983  -13.295 -5.199  1.00 17.61 ? 27  ASP A CB  1 
ATOM   210  C  CG  . ASP A 1 39  ? -4.200  -12.236 -6.263  1.00 20.75 ? 27  ASP A CG  1 
ATOM   211  O  OD1 . ASP A 1 39  ? -3.234  -11.580 -6.687  1.00 16.96 ? 27  ASP A OD1 1 
ATOM   212  O  OD2 . ASP A 1 39  ? -5.382  -12.093 -6.679  1.00 18.83 ? 27  ASP A OD2 1 
ATOM   213  N  N   . LYS A 1 40  ? -0.368  -13.190 -5.649  1.00 16.30 ? 28  LYS A N   1 
ATOM   214  C  CA  . LYS A 1 40  ? 0.851   -13.715 -6.351  1.00 17.19 ? 28  LYS A CA  1 
ATOM   215  C  C   . LYS A 1 40  ? 1.980   -13.394 -5.342  1.00 18.85 ? 28  LYS A C   1 
ATOM   216  O  O   . LYS A 1 40  ? 2.712   -12.403 -5.459  1.00 15.71 ? 28  LYS A O   1 
ATOM   217  C  CB  . LYS A 1 40  ? 1.131   -13.024 -7.691  1.00 22.71 ? 28  LYS A CB  1 
ATOM   218  C  CG  . LYS A 1 40  ? 0.313   -13.587 -8.849  1.00 25.68 ? 28  LYS A CG  1 
ATOM   219  C  CD  . LYS A 1 40  ? 0.884   -13.194 -10.222 1.00 28.06 ? 28  LYS A CD  1 
ATOM   220  C  CE  . LYS A 1 40  ? -0.149  -13.491 -11.331 1.00 32.64 ? 28  LYS A CE  1 
ATOM   221  N  NZ  . LYS A 1 40  ? 0.337   -13.263 -12.733 1.00 32.12 ? 28  LYS A NZ  1 
ATOM   222  N  N   . ARG A 1 41  ? 2.121   -14.270 -4.361  1.00 20.18 ? 29  ARG A N   1 
ATOM   223  C  CA  . ARG A 1 41  ? 3.059   -14.051 -3.256  1.00 17.84 ? 29  ARG A CA  1 
ATOM   224  C  C   . ARG A 1 41  ? 4.503   -13.686 -3.614  1.00 16.83 ? 29  ARG A C   1 
ATOM   225  O  O   . ARG A 1 41  ? 5.139   -12.915 -2.899  1.00 15.46 ? 29  ARG A O   1 
ATOM   226  C  CB  . ARG A 1 41  ? 3.048   -15.277 -2.354  1.00 17.63 ? 29  ARG A CB  1 
ATOM   227  C  CG  . ARG A 1 41  ? 3.443   -15.020 -0.901  1.00 18.98 ? 29  ARG A CG  1 
ATOM   228  C  CD  . ARG A 1 41  ? 3.419   -16.343 -0.137  1.00 19.62 ? 29  ARG A CD  1 
ATOM   229  N  NE  . ARG A 1 41  ? 3.427   -16.173 1.310   1.00 21.89 ? 29  ARG A NE  1 
ATOM   230  C  CZ  . ARG A 1 41  ? 4.516   -16.006 2.049   1.00 23.89 ? 29  ARG A CZ  1 
ATOM   231  N  NH1 . ARG A 1 41  ? 5.724   -15.979 1.494   1.00 23.14 ? 29  ARG A NH1 1 
ATOM   232  N  NH2 . ARG A 1 41  ? 4.392   -15.886 3.361   1.00 21.38 ? 29  ARG A NH2 1 
ATOM   233  N  N   . GLU A 1 42  ? 5.014   -14.225 -4.716  1.00 17.43 ? 30  GLU A N   1 
ATOM   234  C  CA  . GLU A 1 42  ? 6.393   -13.951 -5.107  1.00 20.80 ? 30  GLU A CA  1 
ATOM   235  C  C   . GLU A 1 42  ? 6.654   -12.467 -5.287  1.00 21.56 ? 30  GLU A C   1 
ATOM   236  O  O   . GLU A 1 42  ? 7.788   -12.012 -5.116  1.00 18.65 ? 30  GLU A O   1 
ATOM   237  C  CB  . GLU A 1 42  ? 6.729   -14.685 -6.412  1.00 29.38 ? 30  GLU A CB  1 
ATOM   238  C  CG  . GLU A 1 42  ? 5.748   -14.324 -7.517  1.00 45.51 ? 30  GLU A CG  1 
ATOM   239  C  CD  . GLU A 1 42  ? 5.987   -15.062 -8.812  1.00 58.26 ? 30  GLU A CD  1 
ATOM   240  O  OE1 . GLU A 1 42  ? 6.949   -14.706 -9.533  1.00 64.24 ? 30  GLU A OE1 1 
ATOM   241  O  OE2 . GLU A 1 42  ? 5.208   -15.997 -9.106  1.00 61.85 ? 30  GLU A OE2 1 
ATOM   242  N  N   . LYS A 1 43  ? 5.598   -11.713 -5.602  1.00 16.84 ? 31  LYS A N   1 
ATOM   243  C  CA  . LYS A 1 43  ? 5.745   -10.286 -5.836  1.00 18.47 ? 31  LYS A CA  1 
ATOM   244  C  C   . LYS A 1 43  ? 6.142   -9.493  -4.606  1.00 15.60 ? 31  LYS A C   1 
ATOM   245  O  O   . LYS A 1 43  ? 6.707   -8.413  -4.733  1.00 15.87 ? 31  LYS A O   1 
ATOM   246  C  CB  . LYS A 1 43  ? 4.445   -9.698  -6.387  1.00 18.56 ? 31  LYS A CB  1 
ATOM   247  C  CG  . LYS A 1 43  ? 4.036   -10.266 -7.747  1.00 24.98 ? 31  LYS A CG  1 
ATOM   248  C  CD  . LYS A 1 43  ? 4.952   -9.723  -8.826  1.00 36.82 ? 31  LYS A CD  1 
ATOM   249  C  CE  . LYS A 1 43  ? 4.423   -10.049 -10.200 1.00 44.25 ? 31  LYS A CE  1 
ATOM   250  N  NZ  . LYS A 1 43  ? 4.411   -11.503 -10.467 1.00 49.00 ? 31  LYS A NZ  1 
ATOM   251  N  N   . ILE A 1 44  ? 5.856   -10.047 -3.434  1.00 16.86 ? 32  ILE A N   1 
ATOM   252  C  CA  . ILE A 1 44  ? 6.146   -9.361  -2.177  1.00 13.23 ? 32  ILE A CA  1 
ATOM   253  C  C   . ILE A 1 44  ? 7.124   -10.110 -1.315  1.00 18.26 ? 32  ILE A C   1 
ATOM   254  O  O   . ILE A 1 44  ? 7.377   -9.719  -0.161  1.00 18.31 ? 32  ILE A O   1 
ATOM   255  C  CB  . ILE A 1 44  ? 4.831   -9.082  -1.384  1.00 14.66 ? 32  ILE A CB  1 
ATOM   256  C  CG1 . ILE A 1 44  ? 4.058   -10.383 -1.141  1.00 14.68 ? 32  ILE A CG1 1 
ATOM   257  C  CG2 . ILE A 1 44  ? 3.997   -8.063  -2.157  1.00 14.28 ? 32  ILE A CG2 1 
ATOM   258  C  CD1 . ILE A 1 44  ? 2.922   -10.221 -0.034  1.00 13.27 ? 32  ILE A CD1 1 
ATOM   259  N  N   . GLU A 1 45  ? 7.675   -11.195 -1.866  1.00 16.86 ? 33  GLU A N   1 
ATOM   260  C  CA  . GLU A 1 45  ? 8.698   -11.950 -1.143  1.00 20.45 ? 33  GLU A CA  1 
ATOM   261  C  C   . GLU A 1 45  ? 10.038  -11.229 -1.274  1.00 24.16 ? 33  GLU A C   1 
ATOM   262  O  O   . GLU A 1 45  ? 10.147  -10.224 -1.976  1.00 21.89 ? 33  GLU A O   1 
ATOM   263  C  CB  . GLU A 1 45  ? 8.779   -13.388 -1.667  1.00 20.37 ? 33  GLU A CB  1 
ATOM   264  C  CG  . GLU A 1 45  ? 7.677   -14.260 -1.064  1.00 22.90 ? 33  GLU A CG  1 
ATOM   265  C  CD  . GLU A 1 45  ? 7.518   -15.591 -1.763  1.00 27.88 ? 33  GLU A CD  1 
ATOM   266  O  OE1 . GLU A 1 45  ? 8.179   -15.823 -2.799  1.00 27.48 ? 33  GLU A OE1 1 
ATOM   267  O  OE2 . GLU A 1 45  ? 6.712   -16.401 -1.279  1.00 24.53 ? 33  GLU A OE2 1 
ATOM   268  N  N   . ASP A 1 46  ? 11.054  -11.742 -0.586  1.00 26.20 ? 34  ASP A N   1 
ATOM   269  C  CA  . ASP A 1 46  ? 12.382  -11.127 -0.554  1.00 32.19 ? 34  ASP A CA  1 
ATOM   270  C  C   . ASP A 1 46  ? 12.917  -10.366 -1.753  1.00 33.60 ? 34  ASP A C   1 
ATOM   271  O  O   . ASP A 1 46  ? 13.417  -9.254  -1.597  1.00 37.77 ? 34  ASP A O   1 
ATOM   272  C  CB  . ASP A 1 46  ? 13.414  -12.155 -0.096  1.00 36.29 ? 34  ASP A CB  1 
ATOM   273  C  CG  . ASP A 1 46  ? 13.466  -12.281 1.416   1.00 43.80 ? 34  ASP A CG  1 
ATOM   274  O  OD1 . ASP A 1 46  ? 12.395  -12.423 2.042   1.00 49.84 ? 34  ASP A OD1 1 
ATOM   275  O  OD2 . ASP A 1 46  ? 14.577  -12.239 1.983   1.00 53.34 ? 34  ASP A OD2 1 
ATOM   276  N  N   . ASN A 1 47  ? 12.847  -10.918 -2.950  1.00 30.32 ? 35  ASN A N   1 
ATOM   277  C  CA  . ASN A 1 47  ? 13.374  -10.133 -4.055  1.00 36.85 ? 35  ASN A CA  1 
ATOM   278  C  C   . ASN A 1 47  ? 12.277  -9.608  -4.977  1.00 32.93 ? 35  ASN A C   1 
ATOM   279  O  O   . ASN A 1 47  ? 12.546  -9.174  -6.091  1.00 34.01 ? 35  ASN A O   1 
ATOM   280  C  CB  . ASN A 1 47  ? 14.397  -10.966 -4.833  1.00 43.64 ? 35  ASN A CB  1 
ATOM   281  C  CG  . ASN A 1 47  ? 15.650  -11.252 -4.016  1.00 50.21 ? 35  ASN A CG  1 
ATOM   282  O  OD1 . ASN A 1 47  ? 16.134  -12.386 -3.978  1.00 55.84 ? 35  ASN A OD1 1 
ATOM   283  N  ND2 . ASN A 1 47  ? 16.184  -10.219 -3.361  1.00 50.32 ? 35  ASN A ND2 1 
ATOM   284  N  N   . GLY A 1 48  ? 11.043  -9.616  -4.487  1.00 28.10 ? 36  GLY A N   1 
ATOM   285  C  CA  . GLY A 1 48  ? 9.938   -9.162  -5.306  1.00 24.03 ? 36  GLY A CA  1 
ATOM   286  C  C   . GLY A 1 48  ? 9.948   -7.666  -5.527  1.00 19.99 ? 36  GLY A C   1 
ATOM   287  O  O   . GLY A 1 48  ? 10.329  -6.900  -4.640  1.00 20.45 ? 36  GLY A O   1 
ATOM   288  N  N   . ASN A 1 49  ? 9.475   -7.242  -6.689  1.00 18.82 ? 37  ASN A N   1 
ATOM   289  C  CA  . ASN A 1 49  ? 9.473   -5.821  -7.013  1.00 18.03 ? 37  ASN A CA  1 
ATOM   290  C  C   . ASN A 1 49  ? 8.471   -5.034  -6.208  1.00 17.63 ? 37  ASN A C   1 
ATOM   291  O  O   . ASN A 1 49  ? 8.560   -3.819  -6.144  1.00 18.48 ? 37  ASN A O   1 
ATOM   292  C  CB  . ASN A 1 49  ? 9.180   -5.620  -8.504  1.00 22.39 ? 37  ASN A CB  1 
ATOM   293  C  CG  . ASN A 1 49  ? 10.324  -6.098  -9.382  1.00 30.08 ? 37  ASN A CG  1 
ATOM   294  O  OD1 . ASN A 1 49  ? 10.152  -6.365  -10.575 1.00 30.64 ? 37  ASN A OD1 1 
ATOM   295  N  ND2 . ASN A 1 49  ? 11.508  -6.203  -8.788  1.00 27.52 ? 37  ASN A ND2 1 
ATOM   296  N  N   . PHE A 1 50  ? 7.518   -5.720  -5.587  1.00 16.47 ? 38  PHE A N   1 
ATOM   297  C  CA  . PHE A 1 50  ? 6.490   -5.009  -4.824  1.00 17.47 ? 38  PHE A CA  1 
ATOM   298  C  C   . PHE A 1 50  ? 6.660   -5.014  -3.306  1.00 17.97 ? 38  PHE A C   1 
ATOM   299  O  O   . PHE A 1 50  ? 5.760   -4.621  -2.568  1.00 16.81 ? 38  PHE A O   1 
ATOM   300  C  CB  . PHE A 1 50  ? 5.103   -5.521  -5.229  1.00 14.95 ? 38  PHE A CB  1 
ATOM   301  C  CG  . PHE A 1 50  ? 4.746   -5.168  -6.656  1.00 19.53 ? 38  PHE A CG  1 
ATOM   302  C  CD1 . PHE A 1 50  ? 5.405   -5.800  -7.732  1.00 19.13 ? 38  PHE A CD1 1 
ATOM   303  C  CD2 . PHE A 1 50  ? 3.869   -4.130  -6.929  1.00 19.01 ? 38  PHE A CD2 1 
ATOM   304  C  CE1 . PHE A 1 50  ? 5.196   -5.388  -9.039  1.00 18.79 ? 38  PHE A CE1 1 
ATOM   305  C  CE2 . PHE A 1 50  ? 3.653   -3.706  -8.238  1.00 21.46 ? 38  PHE A CE2 1 
ATOM   306  C  CZ  . PHE A 1 50  ? 4.328   -4.343  -9.301  1.00 20.57 ? 38  PHE A CZ  1 
ATOM   307  N  N   . ARG A 1 51  ? 7.818   -5.461  -2.853  1.00 16.10 ? 39  ARG A N   1 
ATOM   308  C  CA  . ARG A 1 51  ? 8.111   -5.474  -1.420  1.00 15.36 ? 39  ARG A CA  1 
ATOM   309  C  C   . ARG A 1 51  ? 8.667   -4.070  -1.207  1.00 17.94 ? 39  ARG A C   1 
ATOM   310  O  O   . ARG A 1 51  ? 9.883   -3.871  -1.091  1.00 18.11 ? 39  ARG A O   1 
ATOM   311  C  CB  . ARG A 1 51  ? 9.171   -6.528  -1.128  1.00 16.71 ? 39  ARG A CB  1 
ATOM   312  C  CG  . ARG A 1 51  ? 9.469   -6.764  0.362   1.00 19.31 ? 39  ARG A CG  1 
ATOM   313  C  CD  . ARG A 1 51  ? 10.478  -7.911  0.434   1.00 23.62 ? 39  ARG A CD  1 
ATOM   314  N  NE  . ARG A 1 51  ? 10.847  -8.383  1.768   1.00 31.73 ? 39  ARG A NE  1 
ATOM   315  C  CZ  . ARG A 1 51  ? 10.255  -9.368  2.443   1.00 27.42 ? 39  ARG A CZ  1 
ATOM   316  N  NH1 . ARG A 1 51  ? 9.205   -10.046 1.962   1.00 27.91 ? 39  ARG A NH1 1 
ATOM   317  N  NH2 . ARG A 1 51  ? 10.780  -9.728  3.604   1.00 31.21 ? 39  ARG A NH2 1 
ATOM   318  N  N   . LEU A 1 52  ? 7.758   -3.103  -1.192  1.00 16.77 ? 40  LEU A N   1 
ATOM   319  C  CA  . LEU A 1 52  ? 8.136   -1.711  -1.059  1.00 16.12 ? 40  LEU A CA  1 
ATOM   320  C  C   . LEU A 1 52  ? 7.839   -1.175  0.335   1.00 16.84 ? 40  LEU A C   1 
ATOM   321  O  O   . LEU A 1 52  ? 6.739   -1.370  0.896   1.00 15.79 ? 40  LEU A O   1 
ATOM   322  C  CB  . LEU A 1 52  ? 7.427   -0.854  -2.121  1.00 19.05 ? 40  LEU A CB  1 
ATOM   323  C  CG  . LEU A 1 52  ? 7.630   -1.233  -3.601  1.00 22.88 ? 40  LEU A CG  1 
ATOM   324  C  CD1 . LEU A 1 52  ? 7.022   -0.163  -4.503  1.00 25.00 ? 40  LEU A CD1 1 
ATOM   325  C  CD2 . LEU A 1 52  ? 9.119   -1.369  -3.885  1.00 25.01 ? 40  LEU A CD2 1 
ATOM   326  N  N   . PHE A 1 53  ? 8.824   -0.467  0.877   1.00 15.16 ? 41  PHE A N   1 
ATOM   327  C  CA  . PHE A 1 53  ? 8.720   0.109   2.208   1.00 16.56 ? 41  PHE A CA  1 
ATOM   328  C  C   . PHE A 1 53  ? 8.364   1.580   2.100   1.00 14.14 ? 41  PHE A C   1 
ATOM   329  O  O   . PHE A 1 53  ? 9.208   2.410   1.772   1.00 16.94 ? 41  PHE A O   1 
ATOM   330  C  CB  . PHE A 1 53  ? 10.041  -0.111  2.949   1.00 17.16 ? 41  PHE A CB  1 
ATOM   331  C  CG  . PHE A 1 53  ? 10.316  -1.566  3.227   1.00 17.30 ? 41  PHE A CG  1 
ATOM   332  C  CD1 . PHE A 1 53  ? 11.091  -2.331  2.350   1.00 17.99 ? 41  PHE A CD1 1 
ATOM   333  C  CD2 . PHE A 1 53  ? 9.723   -2.185  4.315   1.00 15.79 ? 41  PHE A CD2 1 
ATOM   334  C  CE1 . PHE A 1 53  ? 11.257  -3.713  2.568   1.00 20.08 ? 41  PHE A CE1 1 
ATOM   335  C  CE2 . PHE A 1 53  ? 9.882   -3.557  4.537   1.00 20.21 ? 41  PHE A CE2 1 
ATOM   336  C  CZ  . PHE A 1 53  ? 10.651  -4.316  3.658   1.00 17.56 ? 41  PHE A CZ  1 
ATOM   337  N  N   . LEU A 1 54  ? 7.091   1.907   2.333   1.00 12.79 ? 42  LEU A N   1 
ATOM   338  C  CA  . LEU A 1 54  ? 6.641   3.283   2.208   1.00 13.64 ? 42  LEU A CA  1 
ATOM   339  C  C   . LEU A 1 54  ? 7.254   4.137   3.308   1.00 13.63 ? 42  LEU A C   1 
ATOM   340  O  O   . LEU A 1 54  ? 7.454   3.681   4.435   1.00 17.39 ? 42  LEU A O   1 
ATOM   341  C  CB  . LEU A 1 54  ? 5.102   3.339   2.262   1.00 14.31 ? 42  LEU A CB  1 
ATOM   342  C  CG  . LEU A 1 54  ? 4.452   4.709   2.013   1.00 15.27 ? 42  LEU A CG  1 
ATOM   343  C  CD1 . LEU A 1 54  ? 4.741   5.184   0.577   1.00 17.36 ? 42  LEU A CD1 1 
ATOM   344  C  CD2 . LEU A 1 54  ? 2.933   4.584   2.229   1.00 13.22 ? 42  LEU A CD2 1 
ATOM   345  N  N   . GLU A 1 55  ? 7.551   5.388   2.974   1.00 13.89 ? 43  GLU A N   1 
ATOM   346  C  CA  . GLU A 1 55  ? 8.144   6.319   3.931   1.00 16.46 ? 43  GLU A CA  1 
ATOM   347  C  C   . GLU A 1 55  ? 7.297   7.571   4.085   1.00 17.10 ? 43  GLU A C   1 
ATOM   348  O  O   . GLU A 1 55  ? 7.129   8.076   5.191   1.00 17.96 ? 43  GLU A O   1 
ATOM   349  C  CB  . GLU A 1 55  ? 9.562   6.706   3.493   1.00 15.81 ? 43  GLU A CB  1 
ATOM   350  C  CG  . GLU A 1 55  ? 10.502  5.537   3.506   1.00 23.28 ? 43  GLU A CG  1 
ATOM   351  C  CD  . GLU A 1 55  ? 11.878  5.861   2.961   1.00 28.83 ? 43  GLU A CD  1 
ATOM   352  O  OE1 . GLU A 1 55  ? 12.130  7.034   2.616   1.00 31.54 ? 43  GLU A OE1 1 
ATOM   353  O  OE2 . GLU A 1 55  ? 12.703  4.927   2.888   1.00 31.14 ? 43  GLU A OE2 1 
ATOM   354  N  N   . GLN A 1 56  ? 6.777   8.071   2.974   1.00 15.10 ? 44  GLN A N   1 
ATOM   355  C  CA  . GLN A 1 56  ? 5.918   9.236   3.037   1.00 17.27 ? 44  GLN A CA  1 
ATOM   356  C  C   . GLN A 1 56  ? 5.040   9.380   1.830   1.00 15.98 ? 44  GLN A C   1 
ATOM   357  O  O   . GLN A 1 56  ? 5.318   8.818   0.770   1.00 16.42 ? 44  GLN A O   1 
ATOM   358  C  CB  . GLN A 1 56  ? 6.727   10.520  3.218   1.00 27.84 ? 44  GLN A CB  1 
ATOM   359  C  CG  . GLN A 1 56  ? 7.767   10.815  2.209   1.00 41.33 ? 44  GLN A CG  1 
ATOM   360  C  CD  . GLN A 1 56  ? 8.674   11.942  2.695   1.00 51.36 ? 44  GLN A CD  1 
ATOM   361  O  OE1 . GLN A 1 56  ? 8.195   12.979  3.161   1.00 54.10 ? 44  GLN A OE1 1 
ATOM   362  N  NE2 . GLN A 1 56  ? 9.985   11.740  2.596   1.00 54.42 ? 44  GLN A NE2 1 
ATOM   363  N  N   . ILE A 1 57  ? 3.945   10.101  2.026   1.00 15.30 ? 45  ILE A N   1 
ATOM   364  C  CA  . ILE A 1 57  ? 3.011   10.411  0.974   1.00 14.12 ? 45  ILE A CA  1 
ATOM   365  C  C   . ILE A 1 57  ? 2.910   11.929  0.932   1.00 19.81 ? 45  ILE A C   1 
ATOM   366  O  O   . ILE A 1 57  ? 2.682   12.567  1.963   1.00 18.80 ? 45  ILE A O   1 
ATOM   367  C  CB  . ILE A 1 57  ? 1.605   9.872   1.278   1.00 15.01 ? 45  ILE A CB  1 
ATOM   368  C  CG1 . ILE A 1 57  ? 1.659   8.337   1.339   1.00 15.07 ? 45  ILE A CG1 1 
ATOM   369  C  CG2 . ILE A 1 57  ? 0.612   10.414  0.197   1.00 15.45 ? 45  ILE A CG2 1 
ATOM   370  C  CD1 . ILE A 1 57  ? 0.280   7.624   1.631   1.00 15.07 ? 45  ILE A CD1 1 
ATOM   371  N  N   . HIS A 1 58  ? 3.117   12.520  -0.236  1.00 16.96 ? 46  HIS A N   1 
ATOM   372  C  CA  . HIS A 1 58  ? 2.928   13.961  -0.359  1.00 23.33 ? 46  HIS A CA  1 
ATOM   373  C  C   . HIS A 1 58  ? 1.683   14.150  -1.218  1.00 21.20 ? 46  HIS A C   1 
ATOM   374  O  O   . HIS A 1 58  ? 1.646   13.747  -2.385  1.00 22.04 ? 46  HIS A O   1 
ATOM   375  C  CB  . HIS A 1 58  ? 4.125   14.649  -1.021  1.00 26.99 ? 46  HIS A CB  1 
ATOM   376  C  CG  . HIS A 1 58  ? 5.240   14.954  -0.073  1.00 42.74 ? 46  HIS A CG  1 
ATOM   377  N  ND1 . HIS A 1 58  ? 6.134   13.998  0.357   1.00 46.33 ? 46  HIS A ND1 1 
ATOM   378  C  CD2 . HIS A 1 58  ? 5.587   16.104  0.553   1.00 47.73 ? 46  HIS A CD2 1 
ATOM   379  C  CE1 . HIS A 1 58  ? 6.985   14.547  1.206   1.00 49.14 ? 46  HIS A CE1 1 
ATOM   380  N  NE2 . HIS A 1 58  ? 6.676   15.824  1.342   1.00 50.34 ? 46  HIS A NE2 1 
ATOM   381  N  N   . VAL A 1 59  ? 0.662   14.768  -0.640  1.00 20.87 ? 47  VAL A N   1 
ATOM   382  C  CA  . VAL A 1 59  ? -0.582  14.979  -1.344  1.00 20.04 ? 47  VAL A CA  1 
ATOM   383  C  C   . VAL A 1 59  ? -0.575  16.261  -2.144  1.00 25.60 ? 47  VAL A C   1 
ATOM   384  O  O   . VAL A 1 59  ? -0.321  17.344  -1.605  1.00 24.80 ? 47  VAL A O   1 
ATOM   385  C  CB  . VAL A 1 59  ? -1.765  15.033  -0.359  1.00 21.63 ? 47  VAL A CB  1 
ATOM   386  C  CG1 . VAL A 1 59  ? -3.045  15.339  -1.105  1.00 22.21 ? 47  VAL A CG1 1 
ATOM   387  C  CG2 . VAL A 1 59  ? -1.872  13.712  0.425   1.00 19.12 ? 47  VAL A CG2 1 
ATOM   388  N  N   . LEU A 1 60  ? -0.836  16.135  -3.440  1.00 24.58 ? 48  LEU A N   1 
ATOM   389  C  CA  . LEU A 1 60  ? -0.905  17.302  -4.320  1.00 29.29 ? 48  LEU A CA  1 
ATOM   390  C  C   . LEU A 1 60  ? -2.319  17.380  -4.907  1.00 28.50 ? 48  LEU A C   1 
ATOM   391  O  O   . LEU A 1 60  ? -3.144  16.479  -4.708  1.00 26.72 ? 48  LEU A O   1 
ATOM   392  C  CB  . LEU A 1 60  ? 0.149   17.201  -5.433  1.00 22.88 ? 48  LEU A CB  1 
ATOM   393  C  CG  . LEU A 1 60  ? 1.640   17.103  -5.090  1.00 26.93 ? 48  LEU A CG  1 
ATOM   394  C  CD1 . LEU A 1 60  ? 2.427   16.932  -6.393  1.00 28.65 ? 48  LEU A CD1 1 
ATOM   395  C  CD2 . LEU A 1 60  ? 2.122   18.342  -4.327  1.00 31.26 ? 48  LEU A CD2 1 
ATOM   396  N  N   . GLU A 1 61  ? -2.609  18.461  -5.627  1.00 30.82 ? 49  GLU A N   1 
ATOM   397  C  CA  . GLU A 1 61  ? -3.929  18.664  -6.222  1.00 34.25 ? 49  GLU A CA  1 
ATOM   398  C  C   . GLU A 1 61  ? -4.551  17.455  -6.904  1.00 28.58 ? 49  GLU A C   1 
ATOM   399  O  O   . GLU A 1 61  ? -5.701  17.112  -6.635  1.00 26.21 ? 49  GLU A O   1 
ATOM   400  C  CB  . GLU A 1 61  ? -3.899  19.785  -7.274  1.00 41.84 ? 49  GLU A CB  1 
ATOM   401  C  CG  . GLU A 1 61  ? -3.752  21.196  -6.757  1.00 57.19 ? 49  GLU A CG  1 
ATOM   402  C  CD  . GLU A 1 61  ? -3.898  22.229  -7.873  1.00 62.99 ? 49  GLU A CD  1 
ATOM   403  O  OE1 . GLU A 1 61  ? -3.673  23.432  -7.615  1.00 67.04 ? 49  GLU A OE1 1 
ATOM   404  O  OE2 . GLU A 1 61  ? -4.243  21.832  -9.011  1.00 64.43 ? 49  GLU A OE2 1 
ATOM   405  N  N   . LYS A 1 62  ? -3.795  16.839  -7.811  1.00 25.93 ? 50  LYS A N   1 
ATOM   406  C  CA  . LYS A 1 62  ? -4.293  15.710  -8.592  1.00 29.16 ? 50  LYS A CA  1 
ATOM   407  C  C   . LYS A 1 62  ? -3.356  14.516  -8.599  1.00 26.51 ? 50  LYS A C   1 
ATOM   408  O  O   . LYS A 1 62  ? -3.389  13.714  -9.539  1.00 26.45 ? 50  LYS A O   1 
ATOM   409  C  CB  . LYS A 1 62  ? -4.524  16.150  -10.049 1.00 34.41 ? 50  LYS A CB  1 
ATOM   410  C  CG  . LYS A 1 62  ? -5.492  17.311  -10.204 1.00 44.38 ? 50  LYS A CG  1 
ATOM   411  C  CD  . LYS A 1 62  ? -5.621  17.734  -11.661 1.00 51.53 ? 50  LYS A CD  1 
ATOM   412  C  CE  . LYS A 1 62  ? -6.602  18.888  -11.802 1.00 55.11 ? 50  LYS A CE  1 
ATOM   413  N  NZ  . LYS A 1 62  ? -6.751  19.316  -13.218 1.00 58.66 ? 50  LYS A NZ  1 
ATOM   414  N  N   . SER A 1 63  ? -2.528  14.388  -7.570  1.00 21.60 ? 51  SER A N   1 
ATOM   415  C  CA  . SER A 1 63  ? -1.589  13.274  -7.532  1.00 21.53 ? 51  SER A CA  1 
ATOM   416  C  C   . SER A 1 63  ? -1.088  13.055  -6.123  1.00 23.01 ? 51  SER A C   1 
ATOM   417  O  O   . SER A 1 63  ? -1.394  13.836  -5.227  1.00 22.71 ? 51  SER A O   1 
ATOM   418  C  CB  . SER A 1 63  ? -0.396  13.542  -8.464  1.00 21.29 ? 51  SER A CB  1 
ATOM   419  O  OG  . SER A 1 63  ? 0.290   14.752  -8.128  1.00 23.39 ? 51  SER A OG  1 
ATOM   420  N  N   . LEU A 1 64  ? -0.379  11.947  -5.931  1.00 19.48 ? 52  LEU A N   1 
ATOM   421  C  CA  . LEU A 1 64  ? 0.229   11.628  -4.649  1.00 18.52 ? 52  LEU A CA  1 
ATOM   422  C  C   . LEU A 1 64  ? 1.684   11.329  -4.981  1.00 19.90 ? 52  LEU A C   1 
ATOM   423  O  O   . LEU A 1 64  ? 1.949   10.558  -5.895  1.00 22.20 ? 52  LEU A O   1 
ATOM   424  C  CB  . LEU A 1 64  ? -0.397  10.369  -4.029  1.00 15.38 ? 52  LEU A CB  1 
ATOM   425  C  CG  . LEU A 1 64  ? -1.892  10.400  -3.711  1.00 19.47 ? 52  LEU A CG  1 
ATOM   426  C  CD1 . LEU A 1 64  ? -2.340  9.016   -3.220  1.00 19.72 ? 52  LEU A CD1 1 
ATOM   427  C  CD2 . LEU A 1 64  ? -2.175  11.471  -2.668  1.00 19.43 ? 52  LEU A CD2 1 
ATOM   428  N  N   . VAL A 1 65  ? 2.628   11.935  -4.272  1.00 16.05 ? 53  VAL A N   1 
ATOM   429  C  CA  . VAL A 1 65  ? 4.021   11.599  -4.525  1.00 17.78 ? 53  VAL A CA  1 
ATOM   430  C  C   . VAL A 1 65  ? 4.400   10.588  -3.442  1.00 18.45 ? 53  VAL A C   1 
ATOM   431  O  O   . VAL A 1 65  ? 4.389   10.895  -2.249  1.00 20.50 ? 53  VAL A O   1 
ATOM   432  C  CB  . VAL A 1 65  ? 4.930   12.831  -4.465  1.00 22.32 ? 53  VAL A CB  1 
ATOM   433  C  CG1 . VAL A 1 65  ? 6.395   12.394  -4.595  1.00 22.32 ? 53  VAL A CG1 1 
ATOM   434  C  CG2 . VAL A 1 65  ? 4.558   13.786  -5.605  1.00 24.44 ? 53  VAL A CG2 1 
ATOM   435  N  N   . LEU A 1 66  ? 4.735   9.373   -3.858  1.00 17.71 ? 54  LEU A N   1 
ATOM   436  C  CA  . LEU A 1 66  ? 5.039   8.311   -2.919  1.00 16.97 ? 54  LEU A CA  1 
ATOM   437  C  C   . LEU A 1 66  ? 6.534   8.046   -2.790  1.00 17.40 ? 54  LEU A C   1 
ATOM   438  O  O   . LEU A 1 66  ? 7.210   7.803   -3.798  1.00 22.82 ? 54  LEU A O   1 
ATOM   439  C  CB  . LEU A 1 66  ? 4.339   7.033   -3.390  1.00 16.53 ? 54  LEU A CB  1 
ATOM   440  C  CG  . LEU A 1 66  ? 2.849   7.126   -3.724  1.00 20.97 ? 54  LEU A CG  1 
ATOM   441  C  CD1 . LEU A 1 66  ? 2.390   5.747   -4.235  1.00 19.01 ? 54  LEU A CD1 1 
ATOM   442  C  CD2 . LEU A 1 66  ? 2.049   7.533   -2.471  1.00 19.43 ? 54  LEU A CD2 1 
ATOM   443  N  N   . LYS A 1 67  ? 7.057   8.077   -1.566  1.00 15.26 ? 55  LYS A N   1 
ATOM   444  C  CA  . LYS A 1 67  ? 8.480   7.821   -1.345  1.00 19.42 ? 55  LYS A CA  1 
ATOM   445  C  C   . LYS A 1 67  ? 8.652   6.499   -0.623  1.00 19.05 ? 55  LYS A C   1 
ATOM   446  O  O   . LYS A 1 67  ? 8.089   6.306   0.457   1.00 19.69 ? 55  LYS A O   1 
ATOM   447  C  CB  . LYS A 1 67  ? 9.114   8.937   -0.512  1.00 23.94 ? 55  LYS A CB  1 
ATOM   448  C  CG  . LYS A 1 67  ? 9.084   10.291  -1.201  1.00 39.41 ? 55  LYS A CG  1 
ATOM   449  C  CD  . LYS A 1 67  ? 9.852   11.326  -0.393  1.00 46.55 ? 55  LYS A CD  1 
ATOM   450  C  CE  . LYS A 1 67  ? 9.648   12.741  -0.942  1.00 52.05 ? 55  LYS A CE  1 
ATOM   451  N  NZ  . LYS A 1 67  ? 10.461  13.737  -0.171  1.00 54.48 ? 55  LYS A NZ  1 
ATOM   452  N  N   . PHE A 1 68  ? 9.434   5.606   -1.221  1.00 17.41 ? 56  PHE A N   1 
ATOM   453  C  CA  . PHE A 1 68  ? 9.667   4.266   -0.684  1.00 18.14 ? 56  PHE A CA  1 
ATOM   454  C  C   . PHE A 1 68  ? 11.148  3.946   -0.635  1.00 21.22 ? 56  PHE A C   1 
ATOM   455  O  O   . PHE A 1 68  ? 11.979  4.712   -1.100  1.00 23.31 ? 56  PHE A O   1 
ATOM   456  C  CB  . PHE A 1 68  ? 9.141   3.163   -1.627  1.00 17.88 ? 56  PHE A CB  1 
ATOM   457  C  CG  . PHE A 1 68  ? 7.662   3.205   -1.938  1.00 16.90 ? 56  PHE A CG  1 
ATOM   458  C  CD1 . PHE A 1 68  ? 7.185   3.904   -3.033  1.00 17.35 ? 56  PHE A CD1 1 
ATOM   459  C  CD2 . PHE A 1 68  ? 6.765   2.431   -1.192  1.00 18.96 ? 56  PHE A CD2 1 
ATOM   460  C  CE1 . PHE A 1 68  ? 5.829   3.828   -3.400  1.00 17.35 ? 56  PHE A CE1 1 
ATOM   461  C  CE2 . PHE A 1 68  ? 5.407   2.353   -1.551  1.00 15.85 ? 56  PHE A CE2 1 
ATOM   462  C  CZ  . PHE A 1 68  ? 4.944   3.047   -2.659  1.00 18.52 ? 56  PHE A CZ  1 
ATOM   463  N  N   . HIS A 1 69  ? 11.456  2.789   -0.062  1.00 21.63 ? 57  HIS A N   1 
ATOM   464  C  CA  . HIS A 1 69  ? 12.814  2.267   -0.182  1.00 22.11 ? 57  HIS A CA  1 
ATOM   465  C  C   . HIS A 1 69  ? 12.609  0.785   -0.436  1.00 22.98 ? 57  HIS A C   1 
ATOM   466  O  O   . HIS A 1 69  ? 11.568  0.211   -0.081  1.00 20.64 ? 57  HIS A O   1 
ATOM   467  C  CB  . HIS A 1 69  ? 13.724  2.521   1.039   1.00 22.52 ? 57  HIS A CB  1 
ATOM   468  C  CG  . HIS A 1 69  ? 13.365  1.754   2.272   1.00 24.41 ? 57  HIS A CG  1 
ATOM   469  N  ND1 . HIS A 1 69  ? 12.803  2.361   3.375   1.00 22.48 ? 57  HIS A ND1 1 
ATOM   470  C  CD2 . HIS A 1 69  ? 13.570  0.459   2.618   1.00 22.84 ? 57  HIS A CD2 1 
ATOM   471  C  CE1 . HIS A 1 69  ? 12.686  1.480   4.349   1.00 21.24 ? 57  HIS A CE1 1 
ATOM   472  N  NE2 . HIS A 1 69  ? 13.148  0.318   3.920   1.00 26.11 ? 57  HIS A NE2 1 
ATOM   473  N  N   . THR A 1 70  ? 13.567  0.177   -1.118  1.00 24.65 ? 58  THR A N   1 
ATOM   474  C  CA  . THR A 1 70  ? 13.521  -1.252  -1.372  1.00 26.72 ? 58  THR A CA  1 
ATOM   475  C  C   . THR A 1 70  ? 14.761  -1.809  -0.688  1.00 28.15 ? 58  THR A C   1 
ATOM   476  O  O   . THR A 1 70  ? 15.688  -1.066  -0.372  1.00 26.46 ? 58  THR A O   1 
ATOM   477  C  CB  . THR A 1 70  ? 13.605  -1.578  -2.870  1.00 29.75 ? 58  THR A CB  1 
ATOM   478  O  OG1 . THR A 1 70  ? 14.779  -0.973  -3.434  1.00 32.35 ? 58  THR A OG1 1 
ATOM   479  C  CG2 . THR A 1 70  ? 12.378  -1.072  -3.589  1.00 33.21 ? 58  THR A CG2 1 
ATOM   480  N  N   . VAL A 1 71  ? 14.788  -3.113  -0.464  1.00 31.04 ? 59  VAL A N   1 
ATOM   481  C  CA  . VAL A 1 71  ? 15.936  -3.718  0.182   1.00 35.58 ? 59  VAL A CA  1 
ATOM   482  C  C   . VAL A 1 71  ? 16.462  -4.854  -0.666  1.00 39.73 ? 59  VAL A C   1 
ATOM   483  O  O   . VAL A 1 71  ? 15.702  -5.531  -1.349  1.00 35.74 ? 59  VAL A O   1 
ATOM   484  C  CB  . VAL A 1 71  ? 15.580  -4.292  1.571   1.00 34.01 ? 59  VAL A CB  1 
ATOM   485  C  CG1 . VAL A 1 71  ? 16.840  -4.877  2.227   1.00 36.90 ? 59  VAL A CG1 1 
ATOM   486  C  CG2 . VAL A 1 71  ? 14.990  -3.218  2.456   1.00 32.95 ? 59  VAL A CG2 1 
ATOM   487  N  N   . ARG A 1 72  ? 17.778  -5.035  -0.627  1.00 48.66 ? 60  ARG A N   1 
ATOM   488  C  CA  . ARG A 1 72  ? 18.460  -6.101  -1.349  1.00 59.05 ? 60  ARG A CA  1 
ATOM   489  C  C   . ARG A 1 72  ? 19.796  -6.354  -0.655  1.00 62.23 ? 60  ARG A C   1 
ATOM   490  O  O   . ARG A 1 72  ? 20.584  -5.430  -0.439  1.00 61.64 ? 60  ARG A O   1 
ATOM   491  C  CB  . ARG A 1 72  ? 18.667  -5.725  -2.823  1.00 64.50 ? 60  ARG A CB  1 
ATOM   492  C  CG  . ARG A 1 72  ? 19.120  -4.290  -3.090  1.00 74.08 ? 60  ARG A CG  1 
ATOM   493  C  CD  . ARG A 1 72  ? 20.568  -4.047  -2.688  1.00 81.91 ? 60  ARG A CD  1 
ATOM   494  N  NE  . ARG A 1 72  ? 21.486  -4.987  -3.327  1.00 88.44 ? 60  ARG A NE  1 
ATOM   495  C  CZ  . ARG A 1 72  ? 22.780  -5.081  -3.040  1.00 90.92 ? 60  ARG A CZ  1 
ATOM   496  N  NH1 . ARG A 1 72  ? 23.317  -4.291  -2.120  1.00 92.37 ? 60  ARG A NH1 1 
ATOM   497  N  NH2 . ARG A 1 72  ? 23.539  -5.967  -3.673  1.00 93.20 ? 60  ARG A NH2 1 
ATOM   498  N  N   . ASP A 1 73  ? 20.037  -7.603  -0.272  1.00 65.17 ? 61  ASP A N   1 
ATOM   499  C  CA  . ASP A 1 73  ? 21.277  -7.951  0.409   1.00 68.20 ? 61  ASP A CA  1 
ATOM   500  C  C   . ASP A 1 73  ? 21.525  -6.977  1.560   1.00 67.91 ? 61  ASP A C   1 
ATOM   501  O  O   . ASP A 1 73  ? 22.618  -6.431  1.702   1.00 69.27 ? 61  ASP A O   1 
ATOM   502  C  CB  . ASP A 1 73  ? 22.452  -7.904  -0.572  1.00 71.62 ? 61  ASP A CB  1 
ATOM   503  C  CG  . ASP A 1 73  ? 22.339  -8.947  -1.672  1.00 74.01 ? 61  ASP A CG  1 
ATOM   504  O  OD1 . ASP A 1 73  ? 21.312  -8.965  -2.382  1.00 76.13 ? 61  ASP A OD1 1 
ATOM   505  O  OD2 . ASP A 1 73  ? 23.284  -9.748  -1.831  1.00 75.66 ? 61  ASP A OD2 1 
ATOM   506  N  N   . GLU A 1 74  ? 20.494  -6.753  2.367   1.00 67.45 ? 62  GLU A N   1 
ATOM   507  C  CA  . GLU A 1 74  ? 20.583  -5.857  3.515   1.00 66.57 ? 62  GLU A CA  1 
ATOM   508  C  C   . GLU A 1 74  ? 20.949  -4.417  3.158   1.00 63.48 ? 62  GLU A C   1 
ATOM   509  O  O   . GLU A 1 74  ? 21.404  -3.661  4.016   1.00 64.12 ? 62  GLU A O   1 
ATOM   510  C  CB  . GLU A 1 74  ? 21.594  -6.405  4.525   1.00 70.37 ? 62  GLU A CB  1 
ATOM   511  C  CG  . GLU A 1 74  ? 21.178  -7.723  5.158   1.00 76.10 ? 62  GLU A CG  1 
ATOM   512  C  CD  . GLU A 1 74  ? 22.212  -8.257  6.133   1.00 80.22 ? 62  GLU A CD  1 
ATOM   513  O  OE1 . GLU A 1 74  ? 22.543  -7.542  7.105   1.00 82.08 ? 62  GLU A OE1 1 
ATOM   514  O  OE2 . GLU A 1 74  ? 22.690  -9.393  5.926   1.00 81.88 ? 62  GLU A OE2 1 
ATOM   515  N  N   . GLU A 1 75  ? 20.745  -4.036  1.904   1.00 60.01 ? 63  GLU A N   1 
ATOM   516  C  CA  . GLU A 1 75  ? 21.058  -2.677  1.472   1.00 56.46 ? 63  GLU A CA  1 
ATOM   517  C  C   . GLU A 1 75  ? 19.821  -1.933  0.958   1.00 50.18 ? 63  GLU A C   1 
ATOM   518  O  O   . GLU A 1 75  ? 19.134  -2.398  0.052   1.00 45.12 ? 63  GLU A O   1 
ATOM   519  C  CB  . GLU A 1 75  ? 22.136  -2.708  0.385   1.00 60.37 ? 63  GLU A CB  1 
ATOM   520  C  CG  . GLU A 1 75  ? 22.596  -1.333  -0.058  1.00 66.62 ? 63  GLU A CG  1 
ATOM   521  C  CD  . GLU A 1 75  ? 23.696  -1.395  -1.104  1.00 72.12 ? 63  GLU A CD  1 
ATOM   522  O  OE1 . GLU A 1 75  ? 24.766  -1.974  -0.810  1.00 73.41 ? 63  GLU A OE1 1 
ATOM   523  O  OE2 . GLU A 1 75  ? 23.489  -0.863  -2.218  1.00 73.44 ? 63  GLU A OE2 1 
ATOM   524  N  N   . CYS A 1 76  ? 19.556  -0.768  1.540   1.00 45.10 ? 64  CYS A N   1 
ATOM   525  C  CA  . CYS A 1 76  ? 18.410  0.049   1.156   1.00 42.58 ? 64  CYS A CA  1 
ATOM   526  C  C   . CYS A 1 76  ? 18.657  0.941   -0.050  1.00 41.08 ? 64  CYS A C   1 
ATOM   527  O  O   . CYS A 1 76  ? 19.758  1.441   -0.255  1.00 41.00 ? 64  CYS A O   1 
ATOM   528  C  CB  . CYS A 1 76  ? 17.975  0.923   2.332   1.00 41.72 ? 64  CYS A CB  1 
ATOM   529  S  SG  . CYS A 1 76  ? 16.979  0.042   3.570   1.00 38.45 ? 64  CYS A SG  1 
ATOM   530  N  N   . SER A 1 77  ? 17.612  1.140   -0.842  1.00 39.84 ? 65  SER A N   1 
ATOM   531  C  CA  . SER A 1 77  ? 17.680  1.985   -2.023  1.00 37.26 ? 65  SER A CA  1 
ATOM   532  C  C   . SER A 1 77  ? 16.369  2.757   -2.111  1.00 37.25 ? 65  SER A C   1 
ATOM   533  O  O   . SER A 1 77  ? 15.285  2.186   -1.973  1.00 38.93 ? 65  SER A O   1 
ATOM   534  C  CB  . SER A 1 77  ? 17.895  1.128   -3.274  1.00 41.75 ? 65  SER A CB  1 
ATOM   535  O  OG  . SER A 1 77  ? 17.797  1.913   -4.445  1.00 49.08 ? 65  SER A OG  1 
ATOM   536  N  N   . GLU A 1 78  ? 16.462  4.062   -2.325  1.00 35.81 ? 66  GLU A N   1 
ATOM   537  C  CA  . GLU A 1 78  ? 15.269  4.889   -2.403  1.00 35.02 ? 66  GLU A CA  1 
ATOM   538  C  C   . GLU A 1 78  ? 14.591  4.827   -3.770  1.00 34.88 ? 66  GLU A C   1 
ATOM   539  O  O   . GLU A 1 78  ? 15.225  4.549   -4.797  1.00 30.32 ? 66  GLU A O   1 
ATOM   540  C  CB  . GLU A 1 78  ? 15.617  6.352   -2.080  1.00 38.09 ? 66  GLU A CB  1 
ATOM   541  C  CG  . GLU A 1 78  ? 16.131  6.603   -0.651  1.00 48.35 ? 66  GLU A CG  1 
ATOM   542  C  CD  . GLU A 1 78  ? 15.055  6.413   0.423   1.00 54.41 ? 66  GLU A CD  1 
ATOM   543  O  OE1 . GLU A 1 78  ? 14.456  5.322   0.480   1.00 56.00 ? 66  GLU A OE1 1 
ATOM   544  O  OE2 . GLU A 1 78  ? 14.810  7.353   1.217   1.00 58.44 ? 66  GLU A OE2 1 
ATOM   545  N  N   . LEU A 1 79  ? 13.287  5.062   -3.777  1.00 30.69 ? 67  LEU A N   1 
ATOM   546  C  CA  . LEU A 1 79  ? 12.539  5.121   -5.023  1.00 29.51 ? 67  LEU A CA  1 
ATOM   547  C  C   . LEU A 1 79  ? 11.273  5.919   -4.804  1.00 28.60 ? 67  LEU A C   1 
ATOM   548  O  O   . LEU A 1 79  ? 10.580  5.748   -3.799  1.00 31.46 ? 67  LEU A O   1 
ATOM   549  C  CB  . LEU A 1 79  ? 12.195  3.735   -5.573  1.00 36.51 ? 67  LEU A CB  1 
ATOM   550  C  CG  . LEU A 1 79  ? 11.185  2.833   -4.889  1.00 41.14 ? 67  LEU A CG  1 
ATOM   551  C  CD1 . LEU A 1 79  ? 10.435  1.980   -5.921  1.00 41.43 ? 67  LEU A CD1 1 
ATOM   552  C  CD2 . LEU A 1 79  ? 11.928  1.973   -3.888  1.00 44.07 ? 67  LEU A CD2 1 
ATOM   553  N  N   . SER A 1 80  ? 11.001  6.821   -5.739  1.00 23.92 ? 68  SER A N   1 
ATOM   554  C  CA  . SER A 1 80  ? 9.819   7.673   -5.687  1.00 26.75 ? 68  SER A CA  1 
ATOM   555  C  C   . SER A 1 80  ? 8.973   7.413   -6.906  1.00 25.80 ? 68  SER A C   1 
ATOM   556  O  O   . SER A 1 80  ? 9.474   7.024   -7.957  1.00 27.47 ? 68  SER A O   1 
ATOM   557  C  CB  . SER A 1 80  ? 10.194  9.158   -5.629  1.00 26.72 ? 68  SER A CB  1 
ATOM   558  O  OG  . SER A 1 80  ? 10.697  9.477   -4.349  1.00 39.83 ? 68  SER A OG  1 
ATOM   559  N  N   . MET A 1 81  ? 7.678   7.624   -6.739  1.00 25.28 ? 69  MET A N   1 
ATOM   560  C  CA  . MET A 1 81  ? 6.683   7.399   -7.778  1.00 24.94 ? 69  MET A CA  1 
ATOM   561  C  C   . MET A 1 81  ? 5.662   8.483   -7.648  1.00 23.61 ? 69  MET A C   1 
ATOM   562  O  O   . MET A 1 81  ? 5.420   8.965   -6.542  1.00 24.23 ? 69  MET A O   1 
ATOM   563  C  CB  . MET A 1 81  ? 5.901   6.123   -7.490  1.00 26.33 ? 69  MET A CB  1 
ATOM   564  C  CG  . MET A 1 81  ? 6.352   4.899   -8.115  1.00 34.93 ? 69  MET A CG  1 
ATOM   565  S  SD  . MET A 1 81  ? 5.289   3.703   -7.307  1.00 25.17 ? 69  MET A SD  1 
ATOM   566  C  CE  . MET A 1 81  ? 6.591   2.518   -6.923  1.00 28.24 ? 69  MET A CE  1 
ATOM   567  N  N   . VAL A 1 82  ? 5.028   8.832   -8.762  1.00 18.59 ? 70  VAL A N   1 
ATOM   568  C  CA  . VAL A 1 82  ? 3.963   9.812   -8.751  1.00 20.20 ? 70  VAL A CA  1 
ATOM   569  C  C   . VAL A 1 82  ? 2.690   9.085   -9.167  1.00 19.63 ? 70  VAL A C   1 
ATOM   570  O  O   . VAL A 1 82  ? 2.628   8.536   -10.264 1.00 21.06 ? 70  VAL A O   1 
ATOM   571  C  CB  . VAL A 1 82  ? 4.217   10.952  -9.761  1.00 21.71 ? 70  VAL A CB  1 
ATOM   572  C  CG1 . VAL A 1 82  ? 3.029   11.921  -9.760  1.00 24.10 ? 70  VAL A CG1 1 
ATOM   573  C  CG2 . VAL A 1 82  ? 5.506   11.671  -9.411  1.00 26.24 ? 70  VAL A CG2 1 
ATOM   574  N  N   . ALA A 1 83  ? 1.667   9.090   -8.313  1.00 18.38 ? 71  ALA A N   1 
ATOM   575  C  CA  . ALA A 1 83  ? 0.422   8.423   -8.649  1.00 16.76 ? 71  ALA A CA  1 
ATOM   576  C  C   . ALA A 1 83  ? -0.590  9.498   -9.025  1.00 18.46 ? 71  ALA A C   1 
ATOM   577  O  O   . ALA A 1 83  ? -0.822  10.450  -8.278  1.00 20.65 ? 71  ALA A O   1 
ATOM   578  C  CB  . ALA A 1 83  ? -0.078  7.584   -7.432  1.00 18.80 ? 71  ALA A CB  1 
ATOM   579  N  N   . ASP A 1 84  ? -1.171  9.360   -10.209 1.00 18.72 ? 72  ASP A N   1 
ATOM   580  C  CA  . ASP A 1 84  ? -2.137  10.324  -10.701 1.00 21.41 ? 72  ASP A CA  1 
ATOM   581  C  C   . ASP A 1 84  ? -3.584  9.915   -10.483 1.00 20.38 ? 72  ASP A C   1 
ATOM   582  O  O   . ASP A 1 84  ? -3.938  8.736   -10.581 1.00 19.32 ? 72  ASP A O   1 
ATOM   583  C  CB  . ASP A 1 84  ? -1.892  10.542  -12.200 1.00 19.38 ? 72  ASP A CB  1 
ATOM   584  C  CG  . ASP A 1 84  ? -0.586  11.245  -12.455 1.00 29.33 ? 72  ASP A CG  1 
ATOM   585  O  OD1 . ASP A 1 84  ? -0.431  12.398  -11.995 1.00 27.71 ? 72  ASP A OD1 1 
ATOM   586  O  OD2 . ASP A 1 84  ? 0.290   10.647  -13.093 1.00 29.60 ? 72  ASP A OD2 1 
ATOM   587  N  N   . LYS A 1 85  ? -4.439  10.888  -10.188 1.00 21.44 ? 73  LYS A N   1 
ATOM   588  C  CA  . LYS A 1 85  ? -5.850  10.559  -10.048 1.00 24.18 ? 73  LYS A CA  1 
ATOM   589  C  C   . LYS A 1 85  ? -6.364  10.012  -11.374 1.00 26.19 ? 73  LYS A C   1 
ATOM   590  O  O   . LYS A 1 85  ? -5.948  10.473  -12.433 1.00 25.78 ? 73  LYS A O   1 
ATOM   591  C  CB  . LYS A 1 85  ? -6.681  11.805  -9.741  1.00 30.38 ? 73  LYS A CB  1 
ATOM   592  C  CG  . LYS A 1 85  ? -6.528  12.382  -8.352  1.00 34.62 ? 73  LYS A CG  1 
ATOM   593  C  CD  . LYS A 1 85  ? -7.534  13.510  -8.221  1.00 42.72 ? 73  LYS A CD  1 
ATOM   594  C  CE  . LYS A 1 85  ? -7.640  14.079  -6.834  1.00 49.43 ? 73  LYS A CE  1 
ATOM   595  N  NZ  . LYS A 1 85  ? -8.751  15.085  -6.753  1.00 54.51 ? 73  LYS A NZ  1 
ATOM   596  N  N   . THR A 1 86  ? -7.253  9.028   -11.330 1.00 26.73 ? 74  THR A N   1 
ATOM   597  C  CA  . THR A 1 86  ? -7.834  8.518   -12.573 1.00 24.13 ? 74  THR A CA  1 
ATOM   598  C  C   . THR A 1 86  ? -9.209  9.185   -12.673 1.00 28.86 ? 74  THR A C   1 
ATOM   599  O  O   . THR A 1 86  ? -9.499  10.144  -11.941 1.00 26.65 ? 74  THR A O   1 
ATOM   600  C  CB  . THR A 1 86  ? -8.037  6.991   -12.564 1.00 22.17 ? 74  THR A CB  1 
ATOM   601  O  OG1 . THR A 1 86  ? -9.072  6.642   -11.631 1.00 22.15 ? 74  THR A OG1 1 
ATOM   602  C  CG2 . THR A 1 86  ? -6.736  6.277   -12.221 1.00 21.07 ? 74  THR A CG2 1 
ATOM   603  N  N   . GLU A 1 87  ? -10.061 8.672   -13.561 1.00 30.11 ? 75  GLU A N   1 
ATOM   604  C  CA  . GLU A 1 87  ? -11.393 9.227   -13.721 1.00 34.13 ? 75  GLU A CA  1 
ATOM   605  C  C   . GLU A 1 87  ? -12.349 8.767   -12.626 1.00 34.90 ? 75  GLU A C   1 
ATOM   606  O  O   . GLU A 1 87  ? -13.440 9.323   -12.477 1.00 35.29 ? 75  GLU A O   1 
ATOM   607  C  CB  . GLU A 1 87  ? -11.944 8.888   -15.108 1.00 40.94 ? 75  GLU A CB  1 
ATOM   608  C  CG  . GLU A 1 87  ? -11.189 9.599   -16.231 1.00 53.91 ? 75  GLU A CG  1 
ATOM   609  C  CD  . GLU A 1 87  ? -11.793 9.357   -17.607 1.00 61.98 ? 75  GLU A CD  1 
ATOM   610  O  OE1 . GLU A 1 87  ? -11.823 8.185   -18.047 1.00 67.37 ? 75  GLU A OE1 1 
ATOM   611  O  OE2 . GLU A 1 87  ? -12.237 10.338  -18.247 1.00 64.85 ? 75  GLU A OE2 1 
ATOM   612  N  N   . LYS A 1 88  ? -11.978 7.751   -11.856 1.00 30.89 ? 76  LYS A N   1 
ATOM   613  C  CA  . LYS A 1 88  ? -12.883 7.352   -10.787 1.00 35.75 ? 76  LYS A CA  1 
ATOM   614  C  C   . LYS A 1 88  ? -12.388 7.905   -9.456  1.00 32.21 ? 76  LYS A C   1 
ATOM   615  O  O   . LYS A 1 88  ? -11.228 7.746   -9.098  1.00 26.49 ? 76  LYS A O   1 
ATOM   616  C  CB  . LYS A 1 88  ? -13.069 5.832   -10.735 1.00 41.69 ? 76  LYS A CB  1 
ATOM   617  C  CG  . LYS A 1 88  ? -11.831 5.006   -10.852 1.00 49.68 ? 76  LYS A CG  1 
ATOM   618  C  CD  . LYS A 1 88  ? -12.179 3.527   -10.681 1.00 55.81 ? 76  LYS A CD  1 
ATOM   619  C  CE  . LYS A 1 88  ? -13.055 3.017   -11.815 1.00 57.29 ? 76  LYS A CE  1 
ATOM   620  N  NZ  . LYS A 1 88  ? -12.371 3.153   -13.129 1.00 58.62 ? 76  LYS A NZ  1 
ATOM   621  N  N   . ALA A 1 89  ? -13.275 8.583   -8.735  1.00 30.43 ? 77  ALA A N   1 
ATOM   622  C  CA  . ALA A 1 89  ? -12.911 9.188   -7.457  1.00 29.11 ? 77  ALA A CA  1 
ATOM   623  C  C   . ALA A 1 89  ? -12.294 8.173   -6.494  1.00 25.28 ? 77  ALA A C   1 
ATOM   624  O  O   . ALA A 1 89  ? -12.763 7.040   -6.357  1.00 31.07 ? 77  ALA A O   1 
ATOM   625  C  CB  . ALA A 1 89  ? -14.141 9.860   -6.815  1.00 29.35 ? 77  ALA A CB  1 
ATOM   626  N  N   . GLY A 1 90  ? -11.230 8.590   -5.833  1.00 25.50 ? 78  GLY A N   1 
ATOM   627  C  CA  . GLY A 1 90  ? -10.570 7.708   -4.896  1.00 24.05 ? 78  GLY A CA  1 
ATOM   628  C  C   . GLY A 1 90  ? -9.612  6.722   -5.544  1.00 22.44 ? 78  GLY A C   1 
ATOM   629  O  O   . GLY A 1 90  ? -9.028  5.914   -4.832  1.00 18.89 ? 78  GLY A O   1 
ATOM   630  N  N   . GLU A 1 91  ? -9.441  6.767   -6.868  1.00 19.25 ? 79  GLU A N   1 
ATOM   631  C  CA  . GLU A 1 91  ? -8.516  5.849   -7.540  1.00 17.75 ? 79  GLU A CA  1 
ATOM   632  C  C   . GLU A 1 91  ? -7.359  6.611   -8.170  1.00 21.17 ? 79  GLU A C   1 
ATOM   633  O  O   . GLU A 1 91  ? -7.548  7.712   -8.717  1.00 19.16 ? 79  GLU A O   1 
ATOM   634  C  CB  . GLU A 1 91  ? -9.245  5.044   -8.640  1.00 20.16 ? 79  GLU A CB  1 
ATOM   635  C  CG  . GLU A 1 91  ? -8.348  4.004   -9.320  1.00 23.41 ? 79  GLU A CG  1 
ATOM   636  C  CD  . GLU A 1 91  ? -9.050  3.241   -10.424 1.00 30.69 ? 79  GLU A CD  1 
ATOM   637  O  OE1 . GLU A 1 91  ? -9.401  2.062   -10.210 1.00 33.67 ? 79  GLU A OE1 1 
ATOM   638  O  OE2 . GLU A 1 91  ? -9.257  3.822   -11.510 1.00 31.65 ? 79  GLU A OE2 1 
ATOM   639  N  N   . TYR A 1 92  ? -6.171  6.017   -8.098  1.00 16.80 ? 80  TYR A N   1 
ATOM   640  C  CA  . TYR A 1 92  ? -4.959  6.601   -8.634  1.00 15.57 ? 80  TYR A CA  1 
ATOM   641  C  C   . TYR A 1 92  ? -4.276  5.563   -9.495  1.00 16.46 ? 80  TYR A C   1 
ATOM   642  O  O   . TYR A 1 92  ? -4.514  4.368   -9.321  1.00 19.57 ? 80  TYR A O   1 
ATOM   643  C  CB  . TYR A 1 92  ? -3.996  6.990   -7.495  1.00 16.34 ? 80  TYR A CB  1 
ATOM   644  C  CG  . TYR A 1 92  ? -4.486  8.120   -6.646  1.00 19.42 ? 80  TYR A CG  1 
ATOM   645  C  CD1 . TYR A 1 92  ? -5.388  7.898   -5.618  1.00 19.97 ? 80  TYR A CD1 1 
ATOM   646  C  CD2 . TYR A 1 92  ? -4.064  9.426   -6.889  1.00 18.96 ? 80  TYR A CD2 1 
ATOM   647  C  CE1 . TYR A 1 92  ? -5.864  8.970   -4.848  1.00 18.96 ? 80  TYR A CE1 1 
ATOM   648  C  CE2 . TYR A 1 92  ? -4.526  10.485  -6.127  1.00 23.82 ? 80  TYR A CE2 1 
ATOM   649  C  CZ  . TYR A 1 92  ? -5.431  10.240  -5.109  1.00 23.25 ? 80  TYR A CZ  1 
ATOM   650  O  OH  . TYR A 1 92  ? -5.924  11.271  -4.349  1.00 26.03 ? 80  TYR A OH  1 
ATOM   651  N  N   . SER A 1 93  ? -3.444  6.008   -10.431 1.00 16.98 ? 81  SER A N   1 
ATOM   652  C  CA  . SER A 1 93  ? -2.704  5.067   -11.276 1.00 16.51 ? 81  SER A CA  1 
ATOM   653  C  C   . SER A 1 93  ? -1.211  5.441   -11.274 1.00 18.39 ? 81  SER A C   1 
ATOM   654  O  O   . SER A 1 93  ? -0.829  6.598   -11.040 1.00 18.28 ? 81  SER A O   1 
ATOM   655  C  CB  . SER A 1 93  ? -3.238  5.090   -12.726 1.00 15.19 ? 81  SER A CB  1 
ATOM   656  O  OG  . SER A 1 93  ? -2.981  6.367   -13.308 1.00 21.56 ? 81  SER A OG  1 
ATOM   657  N  N   . VAL A 1 94  ? -0.350  4.462   -11.528 1.00 16.48 ? 82  VAL A N   1 
ATOM   658  C  CA  . VAL A 1 94  ? 1.073   4.750   -11.570 1.00 17.94 ? 82  VAL A CA  1 
ATOM   659  C  C   . VAL A 1 94  ? 1.769   3.640   -12.316 1.00 19.13 ? 82  VAL A C   1 
ATOM   660  O  O   . VAL A 1 94  ? 1.403   2.460   -12.206 1.00 17.28 ? 82  VAL A O   1 
ATOM   661  C  CB  . VAL A 1 94  ? 1.676   4.888   -10.132 1.00 19.22 ? 82  VAL A CB  1 
ATOM   662  C  CG1 . VAL A 1 94  ? 1.376   3.621   -9.314  1.00 23.97 ? 82  VAL A CG1 1 
ATOM   663  C  CG2 . VAL A 1 94  ? 3.195   5.099   -10.216 1.00 19.82 ? 82  VAL A CG2 1 
ATOM   664  N  N   . THR A 1 95  ? 2.749   4.015   -13.123 1.00 20.59 ? 83  THR A N   1 
ATOM   665  C  CA  . THR A 1 95  ? 3.506   3.035   -13.862 1.00 20.02 ? 83  THR A CA  1 
ATOM   666  C  C   . THR A 1 95  ? 4.680   2.605   -12.986 1.00 20.47 ? 83  THR A C   1 
ATOM   667  O  O   . THR A 1 95  ? 5.468   3.434   -12.518 1.00 21.71 ? 83  THR A O   1 
ATOM   668  C  CB  . THR A 1 95  ? 4.016   3.629   -15.188 1.00 24.53 ? 83  THR A CB  1 
ATOM   669  O  OG1 . THR A 1 95  ? 2.892   3.959   -16.005 1.00 21.78 ? 83  THR A OG1 1 
ATOM   670  C  CG2 . THR A 1 95  ? 4.901   2.612   -15.952 1.00 20.29 ? 83  THR A CG2 1 
ATOM   671  N  N   . TYR A 1 96  ? 4.753   1.304   -12.731 1.00 19.08 ? 84  TYR A N   1 
ATOM   672  C  CA  . TYR A 1 96  ? 5.824   0.708   -11.950 1.00 16.62 ? 84  TYR A CA  1 
ATOM   673  C  C   . TYR A 1 96  ? 5.705   -0.791  -12.190 1.00 16.45 ? 84  TYR A C   1 
ATOM   674  O  O   . TYR A 1 96  ? 4.694   -1.416  -11.798 1.00 16.64 ? 84  TYR A O   1 
ATOM   675  C  CB  . TYR A 1 96  ? 5.681   0.999   -10.453 1.00 18.79 ? 84  TYR A CB  1 
ATOM   676  C  CG  . TYR A 1 96  ? 6.719   0.251   -9.636  1.00 18.83 ? 84  TYR A CG  1 
ATOM   677  C  CD1 . TYR A 1 96  ? 8.059   0.649   -9.636  1.00 22.02 ? 84  TYR A CD1 1 
ATOM   678  C  CD2 . TYR A 1 96  ? 6.380   -0.916  -8.943  1.00 19.35 ? 84  TYR A CD2 1 
ATOM   679  C  CE1 . TYR A 1 96  ? 9.031   -0.096  -8.971  1.00 20.58 ? 84  TYR A CE1 1 
ATOM   680  C  CE2 . TYR A 1 96  ? 7.330   -1.664  -8.278  1.00 20.07 ? 84  TYR A CE2 1 
ATOM   681  C  CZ  . TYR A 1 96  ? 8.659   -1.252  -8.294  1.00 22.94 ? 84  TYR A CZ  1 
ATOM   682  O  OH  . TYR A 1 96  ? 9.603   -1.993  -7.632  1.00 20.75 ? 84  TYR A OH  1 
ATOM   683  N  N   . ASP A 1 97  ? 6.724   -1.360  -12.838 1.00 17.89 ? 85  ASP A N   1 
ATOM   684  C  CA  . ASP A 1 97  ? 6.750   -2.790  -13.189 1.00 17.25 ? 85  ASP A CA  1 
ATOM   685  C  C   . ASP A 1 97  ? 5.376   -3.195  -13.745 1.00 17.39 ? 85  ASP A C   1 
ATOM   686  O  O   . ASP A 1 97  ? 4.768   -4.188  -13.329 1.00 17.76 ? 85  ASP A O   1 
ATOM   687  C  CB  . ASP A 1 97  ? 7.123   -3.660  -11.975 1.00 19.61 ? 85  ASP A CB  1 
ATOM   688  C  CG  . ASP A 1 97  ? 7.498   -5.081  -12.383 1.00 25.98 ? 85  ASP A CG  1 
ATOM   689  O  OD1 . ASP A 1 97  ? 8.120   -5.215  -13.458 1.00 24.66 ? 85  ASP A OD1 1 
ATOM   690  O  OD2 . ASP A 1 97  ? 7.194   -6.055  -11.651 1.00 27.29 ? 85  ASP A OD2 1 
ATOM   691  N  N   . GLY A 1 98  ? 4.922   -2.411  -14.710 1.00 16.13 ? 86  GLY A N   1 
ATOM   692  C  CA  . GLY A 1 98  ? 3.624   -2.620  -15.326 1.00 16.79 ? 86  GLY A CA  1 
ATOM   693  C  C   . GLY A 1 98  ? 2.743   -1.415  -15.011 1.00 17.63 ? 86  GLY A C   1 
ATOM   694  O  O   . GLY A 1 98  ? 3.238   -0.379  -14.546 1.00 17.63 ? 86  GLY A O   1 
ATOM   695  N  N   . PHE A 1 99  ? 1.439   -1.559  -15.259 1.00 14.69 ? 87  PHE A N   1 
ATOM   696  C  CA  . PHE A 1 99  ? 0.462   -0.503  -15.027 1.00 14.48 ? 87  PHE A CA  1 
ATOM   697  C  C   . PHE A 1 99  ? -0.326  -0.815  -13.761 1.00 15.55 ? 87  PHE A C   1 
ATOM   698  O  O   . PHE A 1 99  ? -0.944  -1.881  -13.647 1.00 17.83 ? 87  PHE A O   1 
ATOM   699  C  CB  . PHE A 1 99  ? -0.515  -0.404  -16.211 1.00 14.60 ? 87  PHE A CB  1 
ATOM   700  C  CG  . PHE A 1 99  ? -1.650  0.560   -15.987 1.00 15.35 ? 87  PHE A CG  1 
ATOM   701  C  CD1 . PHE A 1 99  ? -1.397  1.933   -15.875 1.00 17.42 ? 87  PHE A CD1 1 
ATOM   702  C  CD2 . PHE A 1 99  ? -2.968  0.100   -15.886 1.00 16.19 ? 87  PHE A CD2 1 
ATOM   703  C  CE1 . PHE A 1 99  ? -2.445  2.850   -15.667 1.00 18.54 ? 87  PHE A CE1 1 
ATOM   704  C  CE2 . PHE A 1 99  ? -4.035  1.000   -15.674 1.00 18.00 ? 87  PHE A CE2 1 
ATOM   705  C  CZ  . PHE A 1 99  ? -3.767  2.379   -15.568 1.00 17.76 ? 87  PHE A CZ  1 
ATOM   706  N  N   . ASN A 1 100 ? -0.330  0.141   -12.841 1.00 13.71 ? 88  ASN A N   1 
ATOM   707  C  CA  . ASN A 1 100 ? -1.037  -0.028  -11.570 1.00 16.52 ? 88  ASN A CA  1 
ATOM   708  C  C   . ASN A 1 100 ? -2.154  0.944   -11.291 1.00 15.37 ? 88  ASN A C   1 
ATOM   709  O  O   . ASN A 1 100 ? -2.061  2.127   -11.638 1.00 17.78 ? 88  ASN A O   1 
ATOM   710  C  CB  . ASN A 1 100 ? -0.052  0.119   -10.412 1.00 14.76 ? 88  ASN A CB  1 
ATOM   711  C  CG  . ASN A 1 100 ? 1.135   -0.778  -10.544 1.00 14.27 ? 88  ASN A CG  1 
ATOM   712  O  OD1 . ASN A 1 100 ? 1.074   -1.966  -10.220 1.00 14.37 ? 88  ASN A OD1 1 
ATOM   713  N  ND2 . ASN A 1 100 ? 2.250   -0.219  -11.059 1.00 15.36 ? 88  ASN A ND2 1 
ATOM   714  N  N   . THR A 1 101 ? -3.226  0.443   -10.680 1.00 15.45 ? 89  THR A N   1 
ATOM   715  C  CA  . THR A 1 101 ? -4.281  1.327   -10.211 1.00 16.22 ? 89  THR A CA  1 
ATOM   716  C  C   . THR A 1 101 ? -4.472  0.938   -8.756  1.00 16.82 ? 89  THR A C   1 
ATOM   717  O  O   . THR A 1 101 ? -4.312  -0.232  -8.399  1.00 16.91 ? 89  THR A O   1 
ATOM   718  C  CB  . THR A 1 101 ? -5.637  1.166   -10.940 1.00 20.40 ? 89  THR A CB  1 
ATOM   719  O  OG1 . THR A 1 101 ? -6.163  -0.143  -10.716 1.00 21.77 ? 89  THR A OG1 1 
ATOM   720  C  CG2 . THR A 1 101 ? -5.459  1.421   -12.438 1.00 22.49 ? 89  THR A CG2 1 
ATOM   721  N  N   . PHE A 1 102 ? -4.803  1.915   -7.909  1.00 14.18 ? 90  PHE A N   1 
ATOM   722  C  CA  . PHE A 1 102 ? -5.056  1.591   -6.520  1.00 12.58 ? 90  PHE A CA  1 
ATOM   723  C  C   . PHE A 1 102 ? -6.078  2.520   -5.875  1.00 14.09 ? 90  PHE A C   1 
ATOM   724  O  O   . PHE A 1 102 ? -6.332  3.636   -6.363  1.00 13.04 ? 90  PHE A O   1 
ATOM   725  C  CB  . PHE A 1 102 ? -3.754  1.554   -5.674  1.00 12.59 ? 90  PHE A CB  1 
ATOM   726  C  CG  . PHE A 1 102 ? -3.085  2.904   -5.480  1.00 14.22 ? 90  PHE A CG  1 
ATOM   727  C  CD1 . PHE A 1 102 ? -1.994  3.259   -6.254  1.00 14.42 ? 90  PHE A CD1 1 
ATOM   728  C  CD2 . PHE A 1 102 ? -3.528  3.784   -4.495  1.00 16.09 ? 90  PHE A CD2 1 
ATOM   729  C  CE1 . PHE A 1 102 ? -1.341  4.464   -6.058  1.00 16.55 ? 90  PHE A CE1 1 
ATOM   730  C  CE2 . PHE A 1 102 ? -2.870  5.029   -4.285  1.00 15.74 ? 90  PHE A CE2 1 
ATOM   731  C  CZ  . PHE A 1 102 ? -1.779  5.359   -5.067  1.00 16.89 ? 90  PHE A CZ  1 
ATOM   732  N  N   . THR A 1 103 ? -6.694  2.021   -4.811  1.00 15.40 ? 91  THR A N   1 
ATOM   733  C  CA  . THR A 1 103 ? -7.634  2.798   -4.024  1.00 11.82 ? 91  THR A CA  1 
ATOM   734  C  C   . THR A 1 103 ? -7.249  2.550   -2.570  1.00 15.42 ? 91  THR A C   1 
ATOM   735  O  O   . THR A 1 103 ? -6.397  1.700   -2.281  1.00 13.00 ? 91  THR A O   1 
ATOM   736  C  CB  . THR A 1 103 ? -9.082  2.352   -4.154  1.00 13.82 ? 91  THR A CB  1 
ATOM   737  O  OG1 . THR A 1 103 ? -9.168  0.953   -3.842  1.00 14.58 ? 91  THR A OG1 1 
ATOM   738  C  CG2 . THR A 1 103 ? -9.636  2.609   -5.603  1.00 13.58 ? 91  THR A CG2 1 
ATOM   739  N  N   . ILE A 1 104 ? -7.874  3.298   -1.665  1.00 14.41 ? 92  ILE A N   1 
ATOM   740  C  CA  . ILE A 1 104 ? -7.625  3.126   -0.230  1.00 13.32 ? 92  ILE A CA  1 
ATOM   741  C  C   . ILE A 1 104 ? -8.975  2.694   0.361   1.00 11.57 ? 92  ILE A C   1 
ATOM   742  O  O   . ILE A 1 104 ? -9.802  3.524   0.729   1.00 14.13 ? 92  ILE A O   1 
ATOM   743  C  CB  . ILE A 1 104 ? -7.154  4.462   0.359   1.00 13.59 ? 92  ILE A CB  1 
ATOM   744  C  CG1 . ILE A 1 104 ? -5.808  4.846   -0.282  1.00 16.32 ? 92  ILE A CG1 1 
ATOM   745  C  CG2 . ILE A 1 104 ? -6.965  4.358   1.867   1.00 11.95 ? 92  ILE A CG2 1 
ATOM   746  C  CD1 . ILE A 1 104 ? -5.376  6.284   0.007   1.00 20.12 ? 92  ILE A CD1 1 
ATOM   747  N  N   . PRO A 1 105 ? -9.225  1.385   0.462   1.00 12.85 ? 93  PRO A N   1 
ATOM   748  C  CA  . PRO A 1 105 ? -10.534 1.024   1.018   1.00 14.29 ? 93  PRO A CA  1 
ATOM   749  C  C   . PRO A 1 105 ? -10.822 1.413   2.448   1.00 14.37 ? 93  PRO A C   1 
ATOM   750  O  O   . PRO A 1 105 ? -11.985 1.511   2.816   1.00 15.50 ? 93  PRO A O   1 
ATOM   751  C  CB  . PRO A 1 105 ? -10.627 -0.491  0.803   1.00 15.63 ? 93  PRO A CB  1 
ATOM   752  C  CG  . PRO A 1 105 ? -9.201  -0.930  0.555   1.00 19.48 ? 93  PRO A CG  1 
ATOM   753  C  CD  . PRO A 1 105 ? -8.562  0.234   -0.165  1.00 16.34 ? 93  PRO A CD  1 
ATOM   754  N  N   . LYS A 1 106 ? -9.793  1.615   3.267   1.00 13.77 ? 94  LYS A N   1 
ATOM   755  C  CA  . LYS A 1 106 ? -10.055 1.996   4.658   1.00 14.15 ? 94  LYS A CA  1 
ATOM   756  C  C   . LYS A 1 106 ? -8.866  2.685   5.302   1.00 16.49 ? 94  LYS A C   1 
ATOM   757  O  O   . LYS A 1 106 ? -7.733  2.221   5.175   1.00 15.72 ? 94  LYS A O   1 
ATOM   758  C  CB  . LYS A 1 106 ? -10.395 0.747   5.475   1.00 16.02 ? 94  LYS A CB  1 
ATOM   759  C  CG  . LYS A 1 106 ? -11.058 1.086   6.838   1.00 22.11 ? 94  LYS A CG  1 
ATOM   760  C  CD  . LYS A 1 106 ? -12.386 1.816   6.645   1.00 30.74 ? 94  LYS A CD  1 
ATOM   761  C  CE  . LYS A 1 106 ? -13.524 0.827   6.364   1.00 37.41 ? 94  LYS A CE  1 
ATOM   762  N  NZ  . LYS A 1 106 ? -14.875 1.469   6.309   1.00 33.24 ? 94  LYS A NZ  1 
ATOM   763  N  N   . THR A 1 107 ? -9.103  3.826   5.925   1.00 15.59 ? 95  THR A N   1 
ATOM   764  C  CA  . THR A 1 107 ? -8.031  4.493   6.674   1.00 15.09 ? 95  THR A CA  1 
ATOM   765  C  C   . THR A 1 107 ? -8.684  5.288   7.800   1.00 16.05 ? 95  THR A C   1 
ATOM   766  O  O   . THR A 1 107 ? -9.833  5.693   7.671   1.00 14.63 ? 95  THR A O   1 
ATOM   767  C  CB  . THR A 1 107 ? -7.194  5.495   5.804   1.00 14.03 ? 95  THR A CB  1 
ATOM   768  O  OG1 . THR A 1 107 ? -6.210  6.130   6.643   1.00 13.99 ? 95  THR A OG1 1 
ATOM   769  C  CG2 . THR A 1 107 ? -8.089  6.584   5.157   1.00 15.72 ? 95  THR A CG2 1 
ATOM   770  N  N   . ASP A 1 108 ? -7.982  5.448   8.928   1.00 14.96 ? 96  ASP A N   1 
ATOM   771  C  CA  . ASP A 1 108 ? -8.503  6.293   9.993   1.00 16.84 ? 96  ASP A CA  1 
ATOM   772  C  C   . ASP A 1 108 ? -7.603  7.525   10.066  1.00 16.93 ? 96  ASP A C   1 
ATOM   773  O  O   . ASP A 1 108 ? -7.694  8.308   11.012  1.00 15.97 ? 96  ASP A O   1 
ATOM   774  C  CB  . ASP A 1 108 ? -8.555  5.571   11.341  1.00 13.72 ? 96  ASP A CB  1 
ATOM   775  C  CG  . ASP A 1 108 ? -7.220  5.330   11.947  1.00 16.40 ? 96  ASP A CG  1 
ATOM   776  O  OD1 . ASP A 1 108 ? -6.172  5.399   11.261  1.00 13.72 ? 96  ASP A OD1 1 
ATOM   777  O  OD2 . ASP A 1 108 ? -7.214  5.031   13.156  1.00 17.60 ? 96  ASP A OD2 1 
ATOM   778  N  N   . TYR A 1 109 ? -6.751  7.681   9.050   1.00 14.46 ? 97  TYR A N   1 
ATOM   779  C  CA  . TYR A 1 109 ? -5.808  8.812   8.905   1.00 14.64 ? 97  TYR A CA  1 
ATOM   780  C  C   . TYR A 1 109 ? -4.698  8.922   9.956   1.00 13.87 ? 97  TYR A C   1 
ATOM   781  O  O   . TYR A 1 109 ? -3.556  9.190   9.598   1.00 16.49 ? 97  TYR A O   1 
ATOM   782  C  CB  . TYR A 1 109 ? -6.547  10.166  8.899   1.00 15.65 ? 97  TYR A CB  1 
ATOM   783  C  CG  . TYR A 1 109 ? -7.669  10.281  7.914   1.00 16.04 ? 97  TYR A CG  1 
ATOM   784  C  CD1 . TYR A 1 109 ? -7.418  10.297  6.544   1.00 18.44 ? 97  TYR A CD1 1 
ATOM   785  C  CD2 . TYR A 1 109 ? -8.987  10.423  8.349   1.00 18.02 ? 97  TYR A CD2 1 
ATOM   786  C  CE1 . TYR A 1 109 ? -8.451  10.459  5.606   1.00 15.80 ? 97  TYR A CE1 1 
ATOM   787  C  CE2 . TYR A 1 109 ? -10.037 10.598  7.420   1.00 22.04 ? 97  TYR A CE2 1 
ATOM   788  C  CZ  . TYR A 1 109 ? -9.745  10.616  6.054   1.00 18.93 ? 97  TYR A CZ  1 
ATOM   789  O  OH  . TYR A 1 109 ? -10.736 10.836  5.121   1.00 20.39 ? 97  TYR A OH  1 
ATOM   790  N  N   . ASP A 1 110 ? -5.033  8.723   11.228  1.00 13.71 ? 98  ASP A N   1 
ATOM   791  C  CA  . ASP A 1 110 ? -4.075  8.856   12.339  1.00 14.74 ? 98  ASP A CA  1 
ATOM   792  C  C   . ASP A 1 110 ? -3.275  7.641   12.751  1.00 15.49 ? 98  ASP A C   1 
ATOM   793  O  O   . ASP A 1 110 ? -2.264  7.776   13.460  1.00 17.02 ? 98  ASP A O   1 
ATOM   794  C  CB  . ASP A 1 110 ? -4.785  9.341   13.606  1.00 18.35 ? 98  ASP A CB  1 
ATOM   795  C  CG  . ASP A 1 110 ? -5.497  10.631  13.411  1.00 20.71 ? 98  ASP A CG  1 
ATOM   796  O  OD1 . ASP A 1 110 ? -4.941  11.517  12.722  1.00 22.52 ? 98  ASP A OD1 1 
ATOM   797  O  OD2 . ASP A 1 110 ? -6.610  10.746  13.962  1.00 23.86 ? 98  ASP A OD2 1 
ATOM   798  N  N   . ASN A 1 111 ? -3.736  6.452   12.363  1.00 13.23 ? 99  ASN A N   1 
ATOM   799  C  CA  . ASN A 1 111 ? -3.033  5.239   12.704  1.00 16.14 ? 99  ASN A CA  1 
ATOM   800  C  C   . ASN A 1 111 ? -2.725  4.386   11.501  1.00 12.97 ? 99  ASN A C   1 
ATOM   801  O  O   . ASN A 1 111 ? -1.561  4.080   11.255  1.00 13.02 ? 99  ASN A O   1 
ATOM   802  C  CB  . ASN A 1 111 ? -3.850  4.356   13.643  1.00 15.20 ? 99  ASN A CB  1 
ATOM   803  C  CG  . ASN A 1 111 ? -3.982  4.937   15.012  1.00 19.03 ? 99  ASN A CG  1 
ATOM   804  O  OD1 . ASN A 1 111 ? -3.020  4.978   15.788  1.00 20.39 ? 99  ASN A OD1 1 
ATOM   805  N  ND2 . ASN A 1 111 ? -5.183  5.401   15.327  1.00 16.54 ? 99  ASN A ND2 1 
ATOM   806  N  N   . PHE A 1 112 ? -3.765  4.035   10.746  1.00 14.94 ? 100 PHE A N   1 
ATOM   807  C  CA  . PHE A 1 112 ? -3.572  3.108   9.634   1.00 12.37 ? 100 PHE A CA  1 
ATOM   808  C  C   . PHE A 1 112 ? -4.135  3.508   8.302   1.00 13.48 ? 100 PHE A C   1 
ATOM   809  O  O   . PHE A 1 112 ? -5.015  4.341   8.215   1.00 12.41 ? 100 PHE A O   1 
ATOM   810  C  CB  . PHE A 1 112 ? -4.169  1.743   9.998   1.00 13.53 ? 100 PHE A CB  1 
ATOM   811  C  CG  . PHE A 1 112 ? -5.682  1.713   10.002  1.00 11.08 ? 100 PHE A CG  1 
ATOM   812  C  CD1 . PHE A 1 112 ? -6.383  1.440   8.815   1.00 12.56 ? 100 PHE A CD1 1 
ATOM   813  C  CD2 . PHE A 1 112 ? -6.401  1.952   11.161  1.00 17.05 ? 100 PHE A CD2 1 
ATOM   814  C  CE1 . PHE A 1 112 ? -7.790  1.403   8.777   1.00 15.81 ? 100 PHE A CE1 1 
ATOM   815  C  CE2 . PHE A 1 112 ? -7.822  1.921   11.143  1.00 13.01 ? 100 PHE A CE2 1 
ATOM   816  C  CZ  . PHE A 1 112 ? -8.510  1.645   9.937   1.00 15.98 ? 100 PHE A CZ  1 
ATOM   817  N  N   . LEU A 1 113 ? -3.606  2.871   7.254   1.00 11.28 ? 101 LEU A N   1 
ATOM   818  C  CA  . LEU A 1 113 ? -4.079  3.090   5.898   1.00 11.30 ? 101 LEU A CA  1 
ATOM   819  C  C   . LEU A 1 113 ? -3.990  1.729   5.189   1.00 13.58 ? 101 LEU A C   1 
ATOM   820  O  O   . LEU A 1 113 ? -2.937  1.060   5.206   1.00 12.66 ? 101 LEU A O   1 
ATOM   821  C  CB  . LEU A 1 113 ? -3.232  4.154   5.207   1.00 11.88 ? 101 LEU A CB  1 
ATOM   822  C  CG  . LEU A 1 113 ? -3.677  4.582   3.791   1.00 14.84 ? 101 LEU A CG  1 
ATOM   823  C  CD1 . LEU A 1 113 ? -3.113  5.959   3.492   1.00 15.68 ? 101 LEU A CD1 1 
ATOM   824  C  CD2 . LEU A 1 113 ? -3.189  3.551   2.753   1.00 13.41 ? 101 LEU A CD2 1 
ATOM   825  N  N   . MET A 1 114 ? -5.106  1.307   4.602   1.00 11.09 ? 102 MET A N   1 
ATOM   826  C  CA  . MET A 1 114 ? -5.171  0.023   3.887   1.00 10.01 ? 102 MET A CA  1 
ATOM   827  C  C   . MET A 1 114 ? -5.412  0.343   2.430   1.00 13.48 ? 102 MET A C   1 
ATOM   828  O  O   . MET A 1 114 ? -6.391  1.038   2.096   1.00 15.08 ? 102 MET A O   1 
ATOM   829  C  CB  . MET A 1 114 ? -6.323  -0.838  4.400   1.00 10.94 ? 102 MET A CB  1 
ATOM   830  C  CG  . MET A 1 114 ? -6.201  -1.185  5.891   1.00 13.49 ? 102 MET A CG  1 
ATOM   831  S  SD  . MET A 1 114 ? -7.512  -2.301  6.410   1.00 14.61 ? 102 MET A SD  1 
ATOM   832  C  CE  . MET A 1 114 ? -7.287  -2.221  8.242   1.00 13.85 ? 102 MET A CE  1 
ATOM   833  N  N   . ALA A 1 115 ? -4.501  -0.137  1.581   1.00 9.41  ? 103 ALA A N   1 
ATOM   834  C  CA  . ALA A 1 115 ? -4.587  0.096   0.150   1.00 10.41 ? 103 ALA A CA  1 
ATOM   835  C  C   . ALA A 1 115 ? -4.810  -1.191  -0.597  1.00 10.63 ? 103 ALA A C   1 
ATOM   836  O  O   . ALA A 1 115 ? -4.385  -2.248  -0.139  1.00 12.15 ? 103 ALA A O   1 
ATOM   837  C  CB  . ALA A 1 115 ? -3.263  0.750   -0.383  1.00 11.97 ? 103 ALA A CB  1 
ATOM   838  N  N   . HIS A 1 116 ? -5.520  -1.079  -1.722  1.00 11.14 ? 104 HIS A N   1 
ATOM   839  C  CA  . HIS A 1 116 ? -5.772  -2.227  -2.609  1.00 13.18 ? 104 HIS A CA  1 
ATOM   840  C  C   . HIS A 1 116 ? -5.267  -1.805  -4.003  1.00 12.31 ? 104 HIS A C   1 
ATOM   841  O  O   . HIS A 1 116 ? -5.661  -0.769  -4.543  1.00 13.94 ? 104 HIS A O   1 
ATOM   842  C  CB  . HIS A 1 116 ? -7.265  -2.597  -2.664  1.00 11.68 ? 104 HIS A CB  1 
ATOM   843  C  CG  . HIS A 1 116 ? -7.566  -3.682  -3.651  1.00 15.00 ? 104 HIS A CG  1 
ATOM   844  N  ND1 . HIS A 1 116 ? -8.020  -3.416  -4.922  1.00 18.30 ? 104 HIS A ND1 1 
ATOM   845  C  CD2 . HIS A 1 116 ? -7.442  -5.037  -3.573  1.00 14.45 ? 104 HIS A CD2 1 
ATOM   846  C  CE1 . HIS A 1 116 ? -8.171  -4.555  -5.583  1.00 18.63 ? 104 HIS A CE1 1 
ATOM   847  N  NE2 . HIS A 1 116 ? -7.829  -5.551  -4.789  1.00 13.52 ? 104 HIS A NE2 1 
ATOM   848  N  N   . LEU A 1 117 ? -4.393  -2.616  -4.577  1.00 12.58 ? 105 LEU A N   1 
ATOM   849  C  CA  . LEU A 1 117 ? -3.802  -2.279  -5.860  1.00 13.31 ? 105 LEU A CA  1 
ATOM   850  C  C   . LEU A 1 117 ? -3.952  -3.404  -6.861  1.00 10.75 ? 105 LEU A C   1 
ATOM   851  O  O   . LEU A 1 117 ? -3.914  -4.562  -6.479  1.00 12.58 ? 105 LEU A O   1 
ATOM   852  C  CB  . LEU A 1 117 ? -2.303  -1.981  -5.650  1.00 11.99 ? 105 LEU A CB  1 
ATOM   853  C  CG  . LEU A 1 117 ? -1.401  -1.698  -6.874  1.00 17.26 ? 105 LEU A CG  1 
ATOM   854  C  CD1 . LEU A 1 117 ? -0.252  -0.769  -6.447  1.00 15.58 ? 105 LEU A CD1 1 
ATOM   855  C  CD2 . LEU A 1 117 ? -0.804  -2.980  -7.423  1.00 14.96 ? 105 LEU A CD2 1 
ATOM   856  N  N   . ILE A 1 118 ? -4.161  -3.050  -8.131  1.00 10.40 ? 106 ILE A N   1 
ATOM   857  C  CA  . ILE A 1 118 ? -4.216  -4.043  -9.207  1.00 12.87 ? 106 ILE A CA  1 
ATOM   858  C  C   . ILE A 1 118 ? -3.029  -3.751  -10.124 1.00 12.45 ? 106 ILE A C   1 
ATOM   859  O  O   . ILE A 1 118 ? -2.838  -2.620  -10.574 1.00 12.30 ? 106 ILE A O   1 
ATOM   860  C  CB  . ILE A 1 118 ? -5.464  -3.901  -10.044 1.00 11.93 ? 106 ILE A CB  1 
ATOM   861  C  CG1 . ILE A 1 118 ? -6.677  -4.233  -9.182  1.00 12.73 ? 106 ILE A CG1 1 
ATOM   862  C  CG2 . ILE A 1 118 ? -5.401  -4.830  -11.320 1.00 14.84 ? 106 ILE A CG2 1 
ATOM   863  C  CD1 . ILE A 1 118 ? -6.680  -5.711  -8.656  1.00 11.99 ? 106 ILE A CD1 1 
ATOM   864  N  N   . ASN A 1 119 ? -2.221  -4.763  -10.386 1.00 12.68 ? 107 ASN A N   1 
ATOM   865  C  CA  . ASN A 1 119 ? -1.079  -4.563  -11.292 1.00 14.19 ? 107 ASN A CA  1 
ATOM   866  C  C   . ASN A 1 119 ? -1.377  -5.291  -12.583 1.00 14.38 ? 107 ASN A C   1 
ATOM   867  O  O   . ASN A 1 119 ? -2.004  -6.356  -12.549 1.00 13.27 ? 107 ASN A O   1 
ATOM   868  C  CB  . ASN A 1 119 ? 0.186   -5.163  -10.701 1.00 13.13 ? 107 ASN A CB  1 
ATOM   869  C  CG  . ASN A 1 119 ? 1.327   -5.181  -11.694 1.00 13.36 ? 107 ASN A CG  1 
ATOM   870  O  OD1 . ASN A 1 119 ? 1.563   -6.191  -12.373 1.00 15.98 ? 107 ASN A OD1 1 
ATOM   871  N  ND2 . ASN A 1 119 ? 2.026   -4.067  -11.798 1.00 12.72 ? 107 ASN A ND2 1 
ATOM   872  N  N   . GLU A 1 120 ? -0.926  -4.734  -13.709 1.00 11.57 ? 108 GLU A N   1 
ATOM   873  C  CA  . GLU A 1 120 ? -1.110  -5.407  -15.000 1.00 12.70 ? 108 GLU A CA  1 
ATOM   874  C  C   . GLU A 1 120 ? 0.224   -5.314  -15.700 1.00 11.65 ? 108 GLU A C   1 
ATOM   875  O  O   . GLU A 1 120 ? 0.737   -4.213  -15.905 1.00 14.69 ? 108 GLU A O   1 
ATOM   876  C  CB  . GLU A 1 120 ? -2.188  -4.747  -15.849 1.00 12.95 ? 108 GLU A CB  1 
ATOM   877  C  CG  . GLU A 1 120 ? -3.550  -4.972  -15.180 1.00 16.24 ? 108 GLU A CG  1 
ATOM   878  C  CD  . GLU A 1 120 ? -4.698  -4.198  -15.749 1.00 19.76 ? 108 GLU A CD  1 
ATOM   879  O  OE1 . GLU A 1 120 ? -4.505  -3.351  -16.626 1.00 16.77 ? 108 GLU A OE1 1 
ATOM   880  O  OE2 . GLU A 1 120 ? -5.834  -4.453  -15.286 1.00 20.01 ? 108 GLU A OE2 1 
ATOM   881  N  N   . LYS A 1 121 ? 0.765   -6.475  -16.034 1.00 12.13 ? 109 LYS A N   1 
ATOM   882  C  CA  . LYS A 1 121 ? 2.059   -6.572  -16.696 1.00 13.54 ? 109 LYS A CA  1 
ATOM   883  C  C   . LYS A 1 121 ? 2.055   -7.755  -17.658 1.00 14.14 ? 109 LYS A C   1 
ATOM   884  O  O   . LYS A 1 121 ? 1.612   -8.868  -17.303 1.00 14.84 ? 109 LYS A O   1 
ATOM   885  C  CB  . LYS A 1 121 ? 3.179   -6.784  -15.644 1.00 13.81 ? 109 LYS A CB  1 
ATOM   886  C  CG  . LYS A 1 121 ? 4.590   -6.754  -16.252 1.00 22.88 ? 109 LYS A CG  1 
ATOM   887  C  CD  . LYS A 1 121 ? 5.686   -7.153  -15.253 1.00 25.00 ? 109 LYS A CD  1 
ATOM   888  C  CE  . LYS A 1 121 ? 7.041   -7.279  -15.953 1.00 35.36 ? 109 LYS A CE  1 
ATOM   889  N  NZ  . LYS A 1 121 ? 8.121   -7.663  -14.990 1.00 35.40 ? 109 LYS A NZ  1 
ATOM   890  N  N   . ASP A 1 122 ? 2.528   -7.507  -18.877 1.00 14.29 ? 110 ASP A N   1 
ATOM   891  C  CA  . ASP A 1 122 ? 2.639   -8.550  -19.905 1.00 17.17 ? 110 ASP A CA  1 
ATOM   892  C  C   . ASP A 1 122 ? 1.338   -9.332  -20.121 1.00 16.13 ? 110 ASP A C   1 
ATOM   893  O  O   . ASP A 1 122 ? 1.359   -10.563 -20.318 1.00 15.05 ? 110 ASP A O   1 
ATOM   894  C  CB  . ASP A 1 122 ? 3.766   -9.528  -19.526 1.00 18.41 ? 110 ASP A CB  1 
ATOM   895  C  CG  . ASP A 1 122 ? 5.146   -8.874  -19.533 1.00 19.50 ? 110 ASP A CG  1 
ATOM   896  O  OD1 . ASP A 1 122 ? 5.953   -9.184  -18.632 1.00 20.89 ? 110 ASP A OD1 1 
ATOM   897  O  OD2 . ASP A 1 122 ? 5.425   -8.061  -20.438 1.00 17.91 ? 110 ASP A OD2 1 
ATOM   898  N  N   . GLY A 1 123 ? 0.212   -8.622  -20.052 1.00 12.34 ? 111 GLY A N   1 
ATOM   899  C  CA  . GLY A 1 123 ? -1.082  -9.256  -20.260 1.00 14.32 ? 111 GLY A CA  1 
ATOM   900  C  C   . GLY A 1 123 ? -1.653  -9.998  -19.063 1.00 13.03 ? 111 GLY A C   1 
ATOM   901  O  O   . GLY A 1 123 ? -2.727  -10.578 -19.186 1.00 15.43 ? 111 GLY A O   1 
ATOM   902  N  N   . GLU A 1 124 ? -0.939  -9.970  -17.931 1.00 13.33 ? 112 GLU A N   1 
ATOM   903  C  CA  . GLU A 1 124 ? -1.370  -10.664 -16.710 1.00 16.07 ? 112 GLU A CA  1 
ATOM   904  C  C   . GLU A 1 124 ? -1.868  -9.645  -15.685 1.00 14.83 ? 112 GLU A C   1 
ATOM   905  O  O   . GLU A 1 124 ? -1.905  -8.431  -15.944 1.00 14.76 ? 112 GLU A O   1 
ATOM   906  C  CB  . GLU A 1 124 ? -0.182  -11.416 -16.096 1.00 18.21 ? 112 GLU A CB  1 
ATOM   907  C  CG  . GLU A 1 124 ? 0.547   -12.319 -17.093 1.00 29.96 ? 112 GLU A CG  1 
ATOM   908  C  CD  . GLU A 1 124 ? 1.670   -13.111 -16.446 1.00 42.75 ? 112 GLU A CD  1 
ATOM   909  O  OE1 . GLU A 1 124 ? 2.816   -13.038 -16.948 1.00 46.26 ? 112 GLU A OE1 1 
ATOM   910  O  OE2 . GLU A 1 124 ? 1.400   -13.801 -15.436 1.00 45.31 ? 112 GLU A OE2 1 
ATOM   911  N  N   . THR A 1 125 ? -2.203  -10.132 -14.495 1.00 15.20 ? 113 THR A N   1 
ATOM   912  C  CA  . THR A 1 125 ? -2.649  -9.225  -13.449 1.00 14.92 ? 113 THR A CA  1 
ATOM   913  C  C   . THR A 1 125 ? -2.470  -9.909  -12.112 1.00 14.28 ? 113 THR A C   1 
ATOM   914  O  O   . THR A 1 125 ? -2.302  -11.146 -12.039 1.00 12.34 ? 113 THR A O   1 
ATOM   915  C  CB  . THR A 1 125 ? -4.161  -8.874  -13.608 1.00 17.99 ? 113 THR A CB  1 
ATOM   916  O  OG1 . THR A 1 125 ? -4.504  -7.759  -12.772 1.00 15.29 ? 113 THR A OG1 1 
ATOM   917  C  CG2 . THR A 1 125 ? -5.049  -10.071 -13.206 1.00 16.05 ? 113 THR A CG2 1 
ATOM   918  N  N   . PHE A 1 126 ? -2.444  -9.103  -11.059 1.00 12.60 ? 114 PHE A N   1 
ATOM   919  C  CA  . PHE A 1 126 ? -2.475  -9.656  -9.696  1.00 11.99 ? 114 PHE A CA  1 
ATOM   920  C  C   . PHE A 1 126 ? -2.935  -8.547  -8.763  1.00 15.08 ? 114 PHE A C   1 
ATOM   921  O  O   . PHE A 1 126 ? -2.935  -7.367  -9.136  1.00 12.71 ? 114 PHE A O   1 
ATOM   922  C  CB  . PHE A 1 126 ? -1.115  -10.258 -9.220  1.00 15.31 ? 114 PHE A CB  1 
ATOM   923  C  CG  . PHE A 1 126 ? -0.025  -9.252  -8.986  1.00 17.79 ? 114 PHE A CG  1 
ATOM   924  C  CD1 . PHE A 1 126 ? 0.062   -8.554  -7.779  1.00 18.69 ? 114 PHE A CD1 1 
ATOM   925  C  CD2 . PHE A 1 126 ? 0.911   -8.990  -9.977  1.00 17.20 ? 114 PHE A CD2 1 
ATOM   926  C  CE1 . PHE A 1 126 ? 1.070   -7.608  -7.565  1.00 20.50 ? 114 PHE A CE1 1 
ATOM   927  C  CE2 . PHE A 1 126 ? 1.922   -8.045  -9.771  1.00 19.22 ? 114 PHE A CE2 1 
ATOM   928  C  CZ  . PHE A 1 126 ? 1.996   -7.354  -8.555  1.00 16.79 ? 114 PHE A CZ  1 
ATOM   929  N  N   . GLN A 1 127 ? -3.379  -8.936  -7.565  1.00 13.67 ? 115 GLN A N   1 
ATOM   930  C  CA  . GLN A 1 127 ? -3.819  -7.973  -6.562  1.00 12.42 ? 115 GLN A CA  1 
ATOM   931  C  C   . GLN A 1 127 ? -2.771  -7.830  -5.478  1.00 12.59 ? 115 GLN A C   1 
ATOM   932  O  O   . GLN A 1 127 ? -2.123  -8.812  -5.102  1.00 13.85 ? 115 GLN A O   1 
ATOM   933  C  CB  . GLN A 1 127 ? -5.052  -8.472  -5.835  1.00 11.32 ? 115 GLN A CB  1 
ATOM   934  C  CG  . GLN A 1 127 ? -6.279  -8.743  -6.658  1.00 11.13 ? 115 GLN A CG  1 
ATOM   935  C  CD  . GLN A 1 127 ? -7.377  -9.248  -5.737  1.00 12.78 ? 115 GLN A CD  1 
ATOM   936  O  OE1 . GLN A 1 127 ? -7.479  -10.462 -5.445  1.00 17.67 ? 115 GLN A OE1 1 
ATOM   937  N  NE2 . GLN A 1 127 ? -8.188  -8.342  -5.253  1.00 9.52  ? 115 GLN A NE2 1 
ATOM   938  N  N   . LEU A 1 128 ? -2.599  -6.607  -4.987  1.00 10.31 ? 116 LEU A N   1 
ATOM   939  C  CA  . LEU A 1 128 ? -1.712  -6.399  -3.860  1.00 11.26 ? 116 LEU A CA  1 
ATOM   940  C  C   . LEU A 1 128 ? -2.480  -5.576  -2.837  1.00 12.22 ? 116 LEU A C   1 
ATOM   941  O  O   . LEU A 1 128 ? -3.227  -4.651  -3.198  1.00 15.16 ? 116 LEU A O   1 
ATOM   942  C  CB  . LEU A 1 128 ? -0.452  -5.632  -4.275  1.00 12.85 ? 116 LEU A CB  1 
ATOM   943  C  CG  . LEU A 1 128 ? 0.473   -5.376  -3.074  1.00 18.08 ? 116 LEU A CG  1 
ATOM   944  C  CD1 . LEU A 1 128 ? 1.926   -5.526  -3.513  1.00 21.08 ? 116 LEU A CD1 1 
ATOM   945  C  CD2 . LEU A 1 128 ? 0.229   -3.985  -2.505  1.00 21.63 ? 116 LEU A CD2 1 
ATOM   946  N  N   . MET A 1 129 ? -2.303  -5.897  -1.562  1.00 11.30 ? 117 MET A N   1 
ATOM   947  C  CA  . MET A 1 129 ? -2.956  -5.118  -0.524  1.00 13.81 ? 117 MET A CA  1 
ATOM   948  C  C   . MET A 1 129 ? -1.870  -4.713  0.449   1.00 13.83 ? 117 MET A C   1 
ATOM   949  O  O   . MET A 1 129 ? -0.930  -5.476  0.685   1.00 13.66 ? 117 MET A O   1 
ATOM   950  C  CB  . MET A 1 129 ? -4.053  -5.943  0.165   1.00 14.90 ? 117 MET A CB  1 
ATOM   951  C  CG  . MET A 1 129 ? -5.046  -6.490  -0.865  1.00 21.50 ? 117 MET A CG  1 
ATOM   952  S  SD  . MET A 1 129 ? -6.645  -6.639  -0.161  1.00 22.58 ? 117 MET A SD  1 
ATOM   953  C  CE  . MET A 1 129 ? -6.771  -4.850  0.061   1.00 15.56 ? 117 MET A CE  1 
ATOM   954  N  N   . GLY A 1 130 ? -1.958  -3.484  0.957   1.00 13.33 ? 118 GLY A N   1 
ATOM   955  C  CA  . GLY A 1 130 ? -0.951  -3.040  1.902   1.00 12.12 ? 118 GLY A CA  1 
ATOM   956  C  C   . GLY A 1 130 ? -1.550  -2.381  3.129   1.00 13.46 ? 118 GLY A C   1 
ATOM   957  O  O   . GLY A 1 130 ? -2.589  -1.722  3.047   1.00 12.97 ? 118 GLY A O   1 
ATOM   958  N  N   . LEU A 1 131 ? -0.915  -2.626  4.276   1.00 10.30 ? 119 LEU A N   1 
ATOM   959  C  CA  . LEU A 1 131 ? -1.308  -2.023  5.550   1.00 11.43 ? 119 LEU A CA  1 
ATOM   960  C  C   . LEU A 1 131 ? -0.143  -1.140  5.945   1.00 14.35 ? 119 LEU A C   1 
ATOM   961  O  O   . LEU A 1 131 ? 0.993   -1.609  6.107   1.00 10.92 ? 119 LEU A O   1 
ATOM   962  C  CB  . LEU A 1 131 ? -1.549  -3.103  6.624   1.00 13.35 ? 119 LEU A CB  1 
ATOM   963  C  CG  . LEU A 1 131 ? -1.835  -2.481  8.004   1.00 11.41 ? 119 LEU A CG  1 
ATOM   964  C  CD1 . LEU A 1 131 ? -3.184  -1.720  7.973   1.00 11.98 ? 119 LEU A CD1 1 
ATOM   965  C  CD2 . LEU A 1 131 ? -1.874  -3.618  9.042   1.00 12.20 ? 119 LEU A CD2 1 
ATOM   966  N  N   . TYR A 1 132 ? -0.418  0.154   6.049   1.00 10.92 ? 120 TYR A N   1 
ATOM   967  C  CA  . TYR A 1 132 ? 0.592   1.138   6.405   1.00 10.11 ? 120 TYR A CA  1 
ATOM   968  C  C   . TYR A 1 132 ? 0.219   1.778   7.743   1.00 11.10 ? 120 TYR A C   1 
ATOM   969  O  O   . TYR A 1 132 ? -0.976  1.904   8.086   1.00 11.63 ? 120 TYR A O   1 
ATOM   970  C  CB  . TYR A 1 132 ? 0.680   2.203   5.301   1.00 12.94 ? 120 TYR A CB  1 
ATOM   971  C  CG  . TYR A 1 132 ? 0.928   1.588   3.949   1.00 12.01 ? 120 TYR A CG  1 
ATOM   972  C  CD1 . TYR A 1 132 ? 2.226   1.255   3.543   1.00 11.69 ? 120 TYR A CD1 1 
ATOM   973  C  CD2 . TYR A 1 132 ? -0.141  1.241   3.119   1.00 11.90 ? 120 TYR A CD2 1 
ATOM   974  C  CE1 . TYR A 1 132 ? 2.447   0.574   2.360   1.00 12.09 ? 120 TYR A CE1 1 
ATOM   975  C  CE2 . TYR A 1 132 ? 0.058   0.567   1.925   1.00 13.29 ? 120 TYR A CE2 1 
ATOM   976  C  CZ  . TYR A 1 132 ? 1.355   0.228   1.553   1.00 12.79 ? 120 TYR A CZ  1 
ATOM   977  O  OH  . TYR A 1 132 ? 1.564   -0.507  0.413   1.00 14.45 ? 120 TYR A OH  1 
ATOM   978  N  N   . GLY A 1 133 ? 1.241   2.105   8.534   1.00 11.90 ? 121 GLY A N   1 
ATOM   979  C  CA  . GLY A 1 133 ? 1.025   2.730   9.828   1.00 13.88 ? 121 GLY A CA  1 
ATOM   980  C  C   . GLY A 1 133 ? 1.771   4.044   9.978   1.00 14.12 ? 121 GLY A C   1 
ATOM   981  O  O   . GLY A 1 133 ? 2.825   4.277   9.342   1.00 11.78 ? 121 GLY A O   1 
ATOM   982  N  N   . ARG A 1 134 ? 1.224   4.919   10.811  1.00 9.78  ? 122 ARG A N   1 
ATOM   983  C  CA  . ARG A 1 134 ? 1.879   6.203   11.072  1.00 12.34 ? 122 ARG A CA  1 
ATOM   984  C  C   . ARG A 1 134 ? 3.181   5.934   11.839  1.00 14.19 ? 122 ARG A C   1 
ATOM   985  O  O   . ARG A 1 134 ? 4.189   6.641   11.638  1.00 12.93 ? 122 ARG A O   1 
ATOM   986  C  CB  . ARG A 1 134 ? 0.950   7.128   11.863  1.00 12.04 ? 122 ARG A CB  1 
ATOM   987  C  CG  . ARG A 1 134 ? -0.212  7.622   10.969  1.00 12.66 ? 122 ARG A CG  1 
ATOM   988  C  CD  . ARG A 1 134 ? 0.324   8.492   9.812   1.00 14.55 ? 122 ARG A CD  1 
ATOM   989  N  NE  . ARG A 1 134 ? -0.706  9.382   9.282   1.00 13.26 ? 122 ARG A NE  1 
ATOM   990  C  CZ  . ARG A 1 134 ? -0.497  10.319  8.367   1.00 15.48 ? 122 ARG A CZ  1 
ATOM   991  N  NH1 . ARG A 1 134 ? 0.728   10.510  7.862   1.00 13.36 ? 122 ARG A NH1 1 
ATOM   992  N  NH2 . ARG A 1 134 ? -1.527  11.055  7.930   1.00 13.19 ? 122 ARG A NH2 1 
ATOM   993  N  N   . GLU A 1 135 ? 3.168   4.919   12.706  1.00 12.58 ? 123 GLU A N   1 
ATOM   994  C  CA  . GLU A 1 135 ? 4.382   4.493   13.406  1.00 11.57 ? 123 GLU A CA  1 
ATOM   995  C  C   . GLU A 1 135 ? 4.896   3.238   12.706  1.00 14.41 ? 123 GLU A C   1 
ATOM   996  O  O   . GLU A 1 135 ? 4.229   2.703   11.824  1.00 12.56 ? 123 GLU A O   1 
ATOM   997  C  CB  . GLU A 1 135 ? 4.112   4.156   14.865  1.00 11.96 ? 123 GLU A CB  1 
ATOM   998  C  CG  . GLU A 1 135 ? 3.472   5.276   15.653  1.00 14.89 ? 123 GLU A CG  1 
ATOM   999  C  CD  . GLU A 1 135 ? 3.438   4.970   17.150  1.00 16.22 ? 123 GLU A CD  1 
ATOM   1000 O  OE1 . GLU A 1 135 ? 3.547   3.775   17.565  1.00 14.74 ? 123 GLU A OE1 1 
ATOM   1001 O  OE2 . GLU A 1 135 ? 3.291   5.928   17.924  1.00 19.13 ? 123 GLU A OE2 1 
ATOM   1002 N  N   . PRO A 1 136 ? 6.071   2.728   13.102  1.00 13.63 ? 124 PRO A N   1 
ATOM   1003 C  CA  . PRO A 1 136 ? 6.628   1.525   12.465  1.00 14.86 ? 124 PRO A CA  1 
ATOM   1004 C  C   . PRO A 1 136 ? 5.915   0.196   12.717  1.00 11.97 ? 124 PRO A C   1 
ATOM   1005 O  O   . PRO A 1 136 ? 6.361   -0.856  12.210  1.00 16.09 ? 124 PRO A O   1 
ATOM   1006 C  CB  . PRO A 1 136 ? 8.078   1.496   12.966  1.00 13.36 ? 124 PRO A CB  1 
ATOM   1007 C  CG  . PRO A 1 136 ? 8.353   2.993   13.321  1.00 13.48 ? 124 PRO A CG  1 
ATOM   1008 C  CD  . PRO A 1 136 ? 7.047   3.337   14.021  1.00 11.78 ? 124 PRO A CD  1 
ATOM   1009 N  N   . ASP A 1 137 ? 4.831   0.213   13.493  1.00 13.33 ? 125 ASP A N   1 
ATOM   1010 C  CA  . ASP A 1 137 ? 4.063   -1.013  13.735  1.00 12.93 ? 125 ASP A CA  1 
ATOM   1011 C  C   . ASP A 1 137 ? 2.632   -0.574  14.053  1.00 12.90 ? 125 ASP A C   1 
ATOM   1012 O  O   . ASP A 1 137 ? 2.366   0.616   14.209  1.00 14.02 ? 125 ASP A O   1 
ATOM   1013 C  CB  . ASP A 1 137 ? 4.631   -1.804  14.918  1.00 14.71 ? 125 ASP A CB  1 
ATOM   1014 C  CG  . ASP A 1 137 ? 4.269   -3.298  14.859  1.00 20.91 ? 125 ASP A CG  1 
ATOM   1015 O  OD1 . ASP A 1 137 ? 3.529   -3.699  13.947  1.00 16.11 ? 125 ASP A OD1 1 
ATOM   1016 O  OD2 . ASP A 1 137 ? 4.735   -4.063  15.722  1.00 19.00 ? 125 ASP A OD2 1 
ATOM   1017 N  N   . LEU A 1 138 ? 1.724   -1.544  14.130  1.00 13.39 ? 126 LEU A N   1 
ATOM   1018 C  CA  . LEU A 1 138 ? 0.301   -1.291  14.435  1.00 10.79 ? 126 LEU A CA  1 
ATOM   1019 C  C   . LEU A 1 138 ? -0.152  -2.313  15.451  1.00 11.34 ? 126 LEU A C   1 
ATOM   1020 O  O   . LEU A 1 138 ? 0.513   -3.304  15.654  1.00 14.96 ? 126 LEU A O   1 
ATOM   1021 C  CB  . LEU A 1 138 ? -0.554  -1.434  13.154  1.00 10.82 ? 126 LEU A CB  1 
ATOM   1022 C  CG  . LEU A 1 138 ? -0.466  -0.196  12.240  1.00 10.80 ? 126 LEU A CG  1 
ATOM   1023 C  CD1 . LEU A 1 138 ? -1.040  -0.477  10.814  1.00 10.55 ? 126 LEU A CD1 1 
ATOM   1024 C  CD2 . LEU A 1 138 ? -1.237  0.920   12.898  1.00 12.51 ? 126 LEU A CD2 1 
ATOM   1025 N  N   . SER A 1 139 ? -1.307  -2.095  16.074  1.00 13.36 ? 127 SER A N   1 
ATOM   1026 C  CA  . SER A 1 139 ? -1.819  -3.040  17.050  1.00 15.26 ? 127 SER A CA  1 
ATOM   1027 C  C   . SER A 1 139 ? -2.230  -4.347  16.374  1.00 14.67 ? 127 SER A C   1 
ATOM   1028 O  O   . SER A 1 139 ? -2.561  -4.390  15.180  1.00 14.92 ? 127 SER A O   1 
ATOM   1029 C  CB  . SER A 1 139 ? -3.064  -2.482  17.739  1.00 15.55 ? 127 SER A CB  1 
ATOM   1030 O  OG  . SER A 1 139 ? -4.134  -2.351  16.790  1.00 17.65 ? 127 SER A OG  1 
ATOM   1031 N  N   . SER A 1 140 ? -2.283  -5.395  17.165  1.00 18.17 ? 128 SER A N   1 
ATOM   1032 C  CA  . SER A 1 140 ? -2.706  -6.684  16.637  1.00 16.03 ? 128 SER A CA  1 
ATOM   1033 C  C   . SER A 1 140 ? -4.142  -6.597  16.100  1.00 19.31 ? 128 SER A C   1 
ATOM   1034 O  O   . SER A 1 140 ? -4.468  -7.274  15.112  1.00 17.16 ? 128 SER A O   1 
ATOM   1035 C  CB  . SER A 1 140 ? -2.605  -7.748  17.734  1.00 21.46 ? 128 SER A CB  1 
ATOM   1036 O  OG  . SER A 1 140 ? -3.464  -7.395  18.788  1.00 27.48 ? 128 SER A OG  1 
ATOM   1037 N  N   . ASP A 1 141 ? -5.006  -5.797  16.741  1.00 17.36 ? 129 ASP A N   1 
ATOM   1038 C  CA  . ASP A 1 141 ? -6.388  -5.647  16.275  1.00 21.96 ? 129 ASP A CA  1 
ATOM   1039 C  C   . ASP A 1 141 ? -6.462  -5.023  14.874  1.00 18.69 ? 129 ASP A C   1 
ATOM   1040 O  O   . ASP A 1 141 ? -7.265  -5.454  14.041  1.00 16.51 ? 129 ASP A O   1 
ATOM   1041 C  CB  . ASP A 1 141 ? -7.230  -4.813  17.249  1.00 26.98 ? 129 ASP A CB  1 
ATOM   1042 C  CG  . ASP A 1 141 ? -7.445  -5.514  18.594  1.00 40.82 ? 129 ASP A CG  1 
ATOM   1043 O  OD1 . ASP A 1 141 ? -7.331  -6.760  18.659  1.00 44.59 ? 129 ASP A OD1 1 
ATOM   1044 O  OD2 . ASP A 1 141 ? -7.738  -4.818  19.588  1.00 47.89 ? 129 ASP A OD2 1 
ATOM   1045 N  N   . ILE A 1 142 ? -5.656  -3.990  14.604  1.00 15.29 ? 130 ILE A N   1 
ATOM   1046 C  CA  . ILE A 1 142 ? -5.695  -3.432  13.258  1.00 16.00 ? 130 ILE A CA  1 
ATOM   1047 C  C   . ILE A 1 142 ? -5.116  -4.443  12.262  1.00 15.43 ? 130 ILE A C   1 
ATOM   1048 O  O   . ILE A 1 142 ? -5.593  -4.532  11.123  1.00 15.39 ? 130 ILE A O   1 
ATOM   1049 C  CB  . ILE A 1 142 ? -4.931  -2.107  13.166  1.00 16.59 ? 130 ILE A CB  1 
ATOM   1050 C  CG1 . ILE A 1 142 ? -5.716  -1.051  13.936  1.00 19.37 ? 130 ILE A CG1 1 
ATOM   1051 C  CG2 . ILE A 1 142 ? -4.809  -1.675  11.710  1.00 17.94 ? 130 ILE A CG2 1 
ATOM   1052 C  CD1 . ILE A 1 142 ? -4.926  0.210   14.260  1.00 23.01 ? 130 ILE A CD1 1 
ATOM   1053 N  N   . LYS A 1 143 ? -4.119  -5.220  12.674  1.00 16.33 ? 131 LYS A N   1 
ATOM   1054 C  CA  . LYS A 1 143 ? -3.546  -6.225  11.791  1.00 14.44 ? 131 LYS A CA  1 
ATOM   1055 C  C   . LYS A 1 143 ? -4.628  -7.264  11.466  1.00 15.54 ? 131 LYS A C   1 
ATOM   1056 O  O   . LYS A 1 143 ? -4.697  -7.752  10.340  1.00 15.88 ? 131 LYS A O   1 
ATOM   1057 C  CB  . LYS A 1 143 ? -2.335  -6.894  12.447  1.00 14.92 ? 131 LYS A CB  1 
ATOM   1058 C  CG  . LYS A 1 143 ? -1.121  -5.973  12.505  1.00 13.97 ? 131 LYS A CG  1 
ATOM   1059 C  CD  . LYS A 1 143 ? 0.131   -6.701  13.034  1.00 13.55 ? 131 LYS A CD  1 
ATOM   1060 C  CE  . LYS A 1 143 ? 1.304   -5.704  13.042  1.00 15.11 ? 131 LYS A CE  1 
ATOM   1061 N  NZ  . LYS A 1 143 ? 2.571   -6.298  13.636  1.00 13.83 ? 131 LYS A NZ  1 
ATOM   1062 N  N   . GLU A 1 144 ? -5.495  -7.558  12.434  1.00 14.31 ? 132 GLU A N   1 
ATOM   1063 C  CA  . GLU A 1 144 ? -6.571  -8.537  12.200  1.00 14.17 ? 132 GLU A CA  1 
ATOM   1064 C  C   . GLU A 1 144 ? -7.619  -7.958  11.247  1.00 13.21 ? 132 GLU A C   1 
ATOM   1065 O  O   . GLU A 1 144 ? -8.091  -8.658  10.343  1.00 13.87 ? 132 GLU A O   1 
ATOM   1066 C  CB  . GLU A 1 144 ? -7.220  -8.976  13.531  1.00 17.83 ? 132 GLU A CB  1 
ATOM   1067 C  CG  . GLU A 1 144 ? -8.460  -9.873  13.370  1.00 16.27 ? 132 GLU A CG  1 
ATOM   1068 C  CD  . GLU A 1 144 ? -8.178  -11.230 12.724  1.00 15.67 ? 132 GLU A CD  1 
ATOM   1069 O  OE1 . GLU A 1 144 ? -6.998  -11.604 12.498  1.00 15.51 ? 132 GLU A OE1 1 
ATOM   1070 O  OE2 . GLU A 1 144 ? -9.190  -11.921 12.431  1.00 16.22 ? 132 GLU A OE2 1 
ATOM   1071 N  N   . ARG A 1 145 ? -7.960  -6.677  11.417  1.00 11.69 ? 133 ARG A N   1 
ATOM   1072 C  CA  . ARG A 1 145 ? -8.907  -6.039  10.510  1.00 13.31 ? 133 ARG A CA  1 
ATOM   1073 C  C   . ARG A 1 145 ? -8.318  -6.077  9.086   1.00 12.25 ? 133 ARG A C   1 
ATOM   1074 O  O   . ARG A 1 145 ? -9.055  -6.242  8.125   1.00 11.49 ? 133 ARG A O   1 
ATOM   1075 C  CB  . ARG A 1 145 ? -9.179  -4.582  10.940  1.00 12.87 ? 133 ARG A CB  1 
ATOM   1076 C  CG  . ARG A 1 145 ? -9.984  -4.454  12.253  1.00 14.05 ? 133 ARG A CG  1 
ATOM   1077 C  CD  . ARG A 1 145 ? -10.256 -2.970  12.586  1.00 16.23 ? 133 ARG A CD  1 
ATOM   1078 N  NE  . ARG A 1 145 ? -11.075 -2.371  11.533  1.00 22.50 ? 133 ARG A NE  1 
ATOM   1079 C  CZ  . ARG A 1 145 ? -11.292 -1.061  11.393  1.00 27.53 ? 133 ARG A CZ  1 
ATOM   1080 N  NH1 . ARG A 1 145 ? -10.755 -0.198  12.242  1.00 23.48 ? 133 ARG A NH1 1 
ATOM   1081 N  NH2 . ARG A 1 145 ? -12.040 -0.612  10.391  1.00 28.01 ? 133 ARG A NH2 1 
ATOM   1082 N  N   . PHE A 1 146 ? -6.996  -5.968  8.956   1.00 14.20 ? 134 PHE A N   1 
ATOM   1083 C  CA  . PHE A 1 146 ? -6.392  -6.026  7.643   1.00 13.06 ? 134 PHE A CA  1 
ATOM   1084 C  C   . PHE A 1 146 ? -6.534  -7.448  7.058   1.00 13.72 ? 134 PHE A C   1 
ATOM   1085 O  O   . PHE A 1 146 ? -6.838  -7.608  5.878   1.00 13.13 ? 134 PHE A O   1 
ATOM   1086 C  CB  . PHE A 1 146 ? -4.924  -5.628  7.699   1.00 13.43 ? 134 PHE A CB  1 
ATOM   1087 C  CG  . PHE A 1 146 ? -4.244  -5.652  6.355   1.00 12.77 ? 134 PHE A CG  1 
ATOM   1088 C  CD1 . PHE A 1 146 ? -4.585  -4.730  5.364   1.00 11.46 ? 134 PHE A CD1 1 
ATOM   1089 C  CD2 . PHE A 1 146 ? -3.246  -6.587  6.092   1.00 12.13 ? 134 PHE A CD2 1 
ATOM   1090 C  CE1 . PHE A 1 146 ? -3.923  -4.725  4.136   1.00 10.79 ? 134 PHE A CE1 1 
ATOM   1091 C  CE2 . PHE A 1 146 ? -2.578  -6.595  4.863   1.00 11.57 ? 134 PHE A CE2 1 
ATOM   1092 C  CZ  . PHE A 1 146 ? -2.908  -5.666  3.881   1.00 12.16 ? 134 PHE A CZ  1 
ATOM   1093 N  N   . ALA A 1 147 ? -6.320  -8.462  7.886   1.00 12.56 ? 135 ALA A N   1 
ATOM   1094 C  CA  . ALA A 1 147 ? -6.481  -9.837  7.426   1.00 12.48 ? 135 ALA A CA  1 
ATOM   1095 C  C   . ALA A 1 147 ? -7.917  -10.045 6.953   1.00 14.11 ? 135 ALA A C   1 
ATOM   1096 O  O   . ALA A 1 147 ? -8.134  -10.734 5.959   1.00 11.70 ? 135 ALA A O   1 
ATOM   1097 C  CB  . ALA A 1 147 ? -6.135  -10.819 8.540   1.00 13.62 ? 135 ALA A CB  1 
ATOM   1098 N  N   . GLN A 1 148 ? -8.892  -9.478  7.665   1.00 12.79 ? 136 GLN A N   1 
ATOM   1099 C  CA  . GLN A 1 148 ? -10.271 -9.584  7.225   1.00 11.90 ? 136 GLN A CA  1 
ATOM   1100 C  C   . GLN A 1 148 ? -10.489 -8.907  5.864   1.00 12.54 ? 136 GLN A C   1 
ATOM   1101 O  O   . GLN A 1 148 ? -11.200 -9.430  5.012   1.00 14.65 ? 136 GLN A O   1 
ATOM   1102 C  CB  . GLN A 1 148 ? -11.259 -8.991  8.254   1.00 13.12 ? 136 GLN A CB  1 
ATOM   1103 C  CG  . GLN A 1 148 ? -11.232 -9.712  9.617   1.00 14.73 ? 136 GLN A CG  1 
ATOM   1104 C  CD  . GLN A 1 148 ? -11.646 -11.201 9.526   1.00 12.05 ? 136 GLN A CD  1 
ATOM   1105 O  OE1 . GLN A 1 148 ? -11.107 -12.056 10.253  1.00 16.43 ? 136 GLN A OE1 1 
ATOM   1106 N  NE2 . GLN A 1 148 ? -12.593 -11.506 8.653   1.00 10.79 ? 136 GLN A NE2 1 
ATOM   1107 N  N   . LEU A 1 149 ? -9.898  -7.728  5.653   1.00 11.18 ? 137 LEU A N   1 
ATOM   1108 C  CA  . LEU A 1 149 ? -10.075 -7.060  4.378   1.00 11.86 ? 137 LEU A CA  1 
ATOM   1109 C  C   . LEU A 1 149 ? -9.432  -7.900  3.259   1.00 15.93 ? 137 LEU A C   1 
ATOM   1110 O  O   . LEU A 1 149 ? -9.979  -7.975  2.146   1.00 13.40 ? 137 LEU A O   1 
ATOM   1111 C  CB  . LEU A 1 149 ? -9.474  -5.659  4.450   1.00 12.12 ? 137 LEU A CB  1 
ATOM   1112 C  CG  . LEU A 1 149 ? -9.705  -4.785  3.222   1.00 18.87 ? 137 LEU A CG  1 
ATOM   1113 C  CD1 . LEU A 1 149 ? -11.192 -4.428  3.143   1.00 21.00 ? 137 LEU A CD1 1 
ATOM   1114 C  CD2 . LEU A 1 149 ? -8.839  -3.505  3.324   1.00 19.73 ? 137 LEU A CD2 1 
ATOM   1115 N  N   . CYS A 1 150 ? -8.308  -8.554  3.560   1.00 13.83 ? 138 CYS A N   1 
ATOM   1116 C  CA  . CYS A 1 150 ? -7.632  -9.395  2.567   1.00 12.77 ? 138 CYS A CA  1 
ATOM   1117 C  C   . CYS A 1 150 ? -8.530  -10.594 2.209   1.00 12.42 ? 138 CYS A C   1 
ATOM   1118 O  O   . CYS A 1 150 ? -8.641  -10.976 1.029   1.00 11.82 ? 138 CYS A O   1 
ATOM   1119 C  CB  . CYS A 1 150 ? -6.268  -9.874  3.108   1.00 11.38 ? 138 CYS A CB  1 
ATOM   1120 S  SG  . CYS A 1 150 ? -5.007  -8.576  3.090   1.00 13.21 ? 138 CYS A SG  1 
ATOM   1121 N  N   . GLU A 1 151 ? -9.209  -11.136 3.211   1.00 13.01 ? 139 GLU A N   1 
ATOM   1122 C  CA  . GLU A 1 151 ? -10.111 -12.283 3.005   1.00 12.09 ? 139 GLU A CA  1 
ATOM   1123 C  C   . GLU A 1 151 ? -11.270 -11.892 2.059   1.00 12.18 ? 139 GLU A C   1 
ATOM   1124 O  O   . GLU A 1 151 ? -11.667 -12.672 1.199   1.00 10.58 ? 139 GLU A O   1 
ATOM   1125 C  CB  . GLU A 1 151 ? -10.650 -12.763 4.357   1.00 10.22 ? 139 GLU A CB  1 
ATOM   1126 C  CG  . GLU A 1 151 ? -11.699 -13.852 4.257   1.00 14.07 ? 139 GLU A CG  1 
ATOM   1127 C  CD  . GLU A 1 151 ? -12.121 -14.385 5.625   1.00 11.58 ? 139 GLU A CD  1 
ATOM   1128 O  OE1 . GLU A 1 151 ? -13.024 -15.236 5.683   1.00 13.56 ? 139 GLU A OE1 1 
ATOM   1129 O  OE2 . GLU A 1 151 ? -11.540 -13.951 6.618   1.00 12.32 ? 139 GLU A OE2 1 
ATOM   1130 N  N   . GLU A 1 152 ? -11.775 -10.667 2.206   1.00 12.56 ? 140 GLU A N   1 
ATOM   1131 C  CA  . GLU A 1 152 ? -12.857 -10.156 1.372   1.00 12.59 ? 140 GLU A CA  1 
ATOM   1132 C  C   . GLU A 1 152 ? -12.392 -10.030 -0.067  1.00 13.55 ? 140 GLU A C   1 
ATOM   1133 O  O   . GLU A 1 152 ? -13.209 -9.901  -0.953  1.00 13.90 ? 140 GLU A O   1 
ATOM   1134 C  CB  . GLU A 1 152 ? -13.307 -8.769  1.876   1.00 12.31 ? 140 GLU A CB  1 
ATOM   1135 C  CG  . GLU A 1 152 ? -14.068 -8.856  3.195   1.00 18.16 ? 140 GLU A CG  1 
ATOM   1136 C  CD  . GLU A 1 152 ? -14.353 -7.489  3.816   1.00 25.39 ? 140 GLU A CD  1 
ATOM   1137 O  OE1 . GLU A 1 152 ? -14.153 -6.467  3.142   1.00 27.03 ? 140 GLU A OE1 1 
ATOM   1138 O  OE2 . GLU A 1 152 ? -14.781 -7.440  4.981   1.00 29.04 ? 140 GLU A OE2 1 
ATOM   1139 N  N   . HIS A 1 153 ? -11.073 -10.039 -0.304  1.00 12.30 ? 141 HIS A N   1 
ATOM   1140 C  CA  . HIS A 1 153 ? -10.545 -9.946  -1.672  1.00 12.32 ? 141 HIS A CA  1 
ATOM   1141 C  C   . HIS A 1 153 ? -9.947  -11.234 -2.193  1.00 14.99 ? 141 HIS A C   1 
ATOM   1142 O  O   . HIS A 1 153 ? -9.241  -11.242 -3.213  1.00 13.77 ? 141 HIS A O   1 
ATOM   1143 C  CB  . HIS A 1 153 ? -9.512  -8.811  -1.770  1.00 11.83 ? 141 HIS A CB  1 
ATOM   1144 C  CG  . HIS A 1 153 ? -10.132 -7.460  -1.680  1.00 18.20 ? 141 HIS A CG  1 
ATOM   1145 N  ND1 . HIS A 1 153 ? -10.537 -6.764  -2.798  1.00 22.54 ? 141 HIS A ND1 1 
ATOM   1146 C  CD2 . HIS A 1 153 ? -10.494 -6.713  -0.610  1.00 15.51 ? 141 HIS A CD2 1 
ATOM   1147 C  CE1 . HIS A 1 153 ? -11.113 -5.636  -2.421  1.00 20.43 ? 141 HIS A CE1 1 
ATOM   1148 N  NE2 . HIS A 1 153 ? -11.103 -5.580  -1.104  1.00 20.16 ? 141 HIS A NE2 1 
ATOM   1149 N  N   . GLY A 1 154 ? -10.231 -12.322 -1.476  1.00 10.75 ? 142 GLY A N   1 
ATOM   1150 C  CA  . GLY A 1 154 ? -9.764  -13.649 -1.862  1.00 12.52 ? 142 GLY A CA  1 
ATOM   1151 C  C   . GLY A 1 154 ? -8.276  -13.872 -1.671  1.00 13.38 ? 142 GLY A C   1 
ATOM   1152 O  O   . GLY A 1 154 ? -7.677  -14.657 -2.401  1.00 12.81 ? 142 GLY A O   1 
ATOM   1153 N  N   . ILE A 1 155 ? -7.675  -13.188 -0.701  1.00 14.91 ? 143 ILE A N   1 
ATOM   1154 C  CA  . ILE A 1 155 ? -6.250  -13.357 -0.439  1.00 13.41 ? 143 ILE A CA  1 
ATOM   1155 C  C   . ILE A 1 155 ? -6.144  -14.068 0.904   1.00 15.87 ? 143 ILE A C   1 
ATOM   1156 O  O   . ILE A 1 155 ? -6.587  -13.560 1.937   1.00 14.61 ? 143 ILE A O   1 
ATOM   1157 C  CB  . ILE A 1 155 ? -5.513  -11.993 -0.376  1.00 13.50 ? 143 ILE A CB  1 
ATOM   1158 C  CG1 . ILE A 1 155 ? -5.653  -11.285 -1.740  1.00 13.63 ? 143 ILE A CG1 1 
ATOM   1159 C  CG2 . ILE A 1 155 ? -4.054  -12.211 0.031   1.00 14.45 ? 143 ILE A CG2 1 
ATOM   1160 C  CD1 . ILE A 1 155 ? -4.961  -9.917  -1.806  1.00 14.80 ? 143 ILE A CD1 1 
ATOM   1161 N  N   . LEU A 1 156 ? -5.568  -15.263 0.852   1.00 15.41 ? 144 LEU A N   1 
ATOM   1162 C  CA  . LEU A 1 156 ? -5.368  -16.113 2.026   1.00 17.18 ? 144 LEU A CA  1 
ATOM   1163 C  C   . LEU A 1 156 ? -4.345  -15.522 2.979   1.00 15.53 ? 144 LEU A C   1 
ATOM   1164 O  O   . LEU A 1 156 ? -3.406  -14.857 2.550   1.00 17.06 ? 144 LEU A O   1 
ATOM   1165 C  CB  . LEU A 1 156 ? -4.850  -17.486 1.574   1.00 16.76 ? 144 LEU A CB  1 
ATOM   1166 C  CG  . LEU A 1 156 ? -5.806  -18.399 0.806   1.00 22.40 ? 144 LEU A CG  1 
ATOM   1167 C  CD1 . LEU A 1 156 ? -5.025  -19.533 0.172   1.00 25.07 ? 144 LEU A CD1 1 
ATOM   1168 C  CD2 . LEU A 1 156 ? -6.873  -18.927 1.754   1.00 21.17 ? 144 LEU A CD2 1 
ATOM   1169 N  N   . ARG A 1 157 ? -4.510  -15.786 4.274   1.00 14.54 ? 145 ARG A N   1 
ATOM   1170 C  CA  . ARG A 1 157 ? -3.561  -15.305 5.261   1.00 16.35 ? 145 ARG A CA  1 
ATOM   1171 C  C   . ARG A 1 157 ? -2.139  -15.788 4.954   1.00 15.68 ? 145 ARG A C   1 
ATOM   1172 O  O   . ARG A 1 157 ? -1.167  -15.092 5.225   1.00 14.80 ? 145 ARG A O   1 
ATOM   1173 C  CB  . ARG A 1 157 ? -3.957  -15.771 6.661   1.00 16.95 ? 145 ARG A CB  1 
ATOM   1174 C  CG  . ARG A 1 157 ? -5.051  -14.926 7.309   1.00 16.60 ? 145 ARG A CG  1 
ATOM   1175 C  CD  . ARG A 1 157 ? -5.646  -15.669 8.485   1.00 13.26 ? 145 ARG A CD  1 
ATOM   1176 N  NE  . ARG A 1 157 ? -6.854  -14.988 8.963   1.00 19.54 ? 145 ARG A NE  1 
ATOM   1177 C  CZ  . ARG A 1 157 ? -6.880  -14.096 9.951   1.00 17.34 ? 145 ARG A CZ  1 
ATOM   1178 N  NH1 . ARG A 1 157 ? -5.769  -13.753 10.590  1.00 18.14 ? 145 ARG A NH1 1 
ATOM   1179 N  NH2 . ARG A 1 157 ? -8.047  -13.593 10.324  1.00 17.47 ? 145 ARG A NH2 1 
ATOM   1180 N  N   . GLU A 1 158 ? -1.998  -16.980 4.382   1.00 15.90 ? 146 GLU A N   1 
ATOM   1181 C  CA  . GLU A 1 158 ? -0.651  -17.430 4.103   1.00 15.66 ? 146 GLU A CA  1 
ATOM   1182 C  C   . GLU A 1 158 ? 0.034   -16.581 3.029   1.00 15.06 ? 146 GLU A C   1 
ATOM   1183 O  O   . GLU A 1 158 ? 1.240   -16.747 2.799   1.00 15.66 ? 146 GLU A O   1 
ATOM   1184 C  CB  . GLU A 1 158 ? -0.642  -18.912 3.710   1.00 17.31 ? 146 GLU A CB  1 
ATOM   1185 C  CG  . GLU A 1 158 ? -1.328  -19.184 2.407   1.00 29.04 ? 146 GLU A CG  1 
ATOM   1186 C  CD  . GLU A 1 158 ? -1.487  -20.672 2.139   1.00 41.30 ? 146 GLU A CD  1 
ATOM   1187 O  OE1 . GLU A 1 158 ? -1.775  -21.413 3.104   1.00 40.50 ? 146 GLU A OE1 1 
ATOM   1188 O  OE2 . GLU A 1 158 ? -1.338  -21.092 0.968   1.00 34.71 ? 146 GLU A OE2 1 
ATOM   1189 N  N   . ASN A 1 159 ? -0.719  -15.681 2.386   1.00 14.22 ? 147 ASN A N   1 
ATOM   1190 C  CA  . ASN A 1 159 ? -0.182  -14.767 1.377   1.00 12.82 ? 147 ASN A CA  1 
ATOM   1191 C  C   . ASN A 1 159 ? -0.096  -13.356 1.955   1.00 12.82 ? 147 ASN A C   1 
ATOM   1192 O  O   . ASN A 1 159 ? 0.091   -12.395 1.214   1.00 13.69 ? 147 ASN A O   1 
ATOM   1193 C  CB  . ASN A 1 159 ? -1.060  -14.749 0.122   1.00 14.94 ? 147 ASN A CB  1 
ATOM   1194 C  CG  . ASN A 1 159 ? -0.959  -16.034 -0.670  1.00 24.01 ? 147 ASN A CG  1 
ATOM   1195 O  OD1 . ASN A 1 159 ? -1.825  -16.337 -1.487  1.00 33.95 ? 147 ASN A OD1 1 
ATOM   1196 N  ND2 . ASN A 1 159 ? 0.095   -16.792 -0.436  1.00 15.98 ? 147 ASN A ND2 1 
ATOM   1197 N  N   . ILE A 1 160 ? -0.180  -13.243 3.282   1.00 13.10 ? 148 ILE A N   1 
ATOM   1198 C  CA  . ILE A 1 160 ? -0.081  -11.939 3.967   1.00 13.26 ? 148 ILE A CA  1 
ATOM   1199 C  C   . ILE A 1 160 ? 1.236   -11.976 4.741   1.00 14.88 ? 148 ILE A C   1 
ATOM   1200 O  O   . ILE A 1 160 ? 1.430   -12.855 5.583   1.00 16.73 ? 148 ILE A O   1 
ATOM   1201 C  CB  . ILE A 1 160 ? -1.284  -11.753 4.955   1.00 13.92 ? 148 ILE A CB  1 
ATOM   1202 C  CG1 . ILE A 1 160 ? -2.602  -11.723 4.165   1.00 12.80 ? 148 ILE A CG1 1 
ATOM   1203 C  CG2 . ILE A 1 160 ? -1.089  -10.497 5.799   1.00 13.75 ? 148 ILE A CG2 1 
ATOM   1204 C  CD1 . ILE A 1 160 ? -3.815  -11.724 5.089   1.00 14.24 ? 148 ILE A CD1 1 
ATOM   1205 N  N   . ILE A 1 161 ? 2.124   -11.019 4.484   1.00 14.62 ? 149 ILE A N   1 
ATOM   1206 C  CA  . ILE A 1 161 ? 3.436   -11.021 5.133   1.00 13.59 ? 149 ILE A CA  1 
ATOM   1207 C  C   . ILE A 1 161 ? 3.618   -9.806  6.010   1.00 15.15 ? 149 ILE A C   1 
ATOM   1208 O  O   . ILE A 1 161 ? 3.625   -8.673  5.515   1.00 13.73 ? 149 ILE A O   1 
ATOM   1209 C  CB  . ILE A 1 161 ? 4.555   -11.037 4.067   1.00 15.27 ? 149 ILE A CB  1 
ATOM   1210 C  CG1 . ILE A 1 161 ? 4.333   -12.214 3.104   1.00 16.60 ? 149 ILE A CG1 1 
ATOM   1211 C  CG2 . ILE A 1 161 ? 5.932   -11.105 4.733   1.00 17.73 ? 149 ILE A CG2 1 
ATOM   1212 C  CD1 . ILE A 1 161 ? 5.354   -12.238 1.951   1.00 17.90 ? 149 ILE A CD1 1 
ATOM   1213 N  N   . ASP A 1 162 ? 3.791   -10.048 7.305   1.00 15.54 ? 150 ASP A N   1 
ATOM   1214 C  CA  . ASP A 1 162 ? 4.019   -8.953  8.256   1.00 17.21 ? 150 ASP A CA  1 
ATOM   1215 C  C   . ASP A 1 162 ? 5.496   -8.555  8.121   1.00 19.16 ? 150 ASP A C   1 
ATOM   1216 O  O   . ASP A 1 162 ? 6.385   -9.380  8.325   1.00 19.80 ? 150 ASP A O   1 
ATOM   1217 C  CB  . ASP A 1 162 ? 3.701   -9.432  9.678   1.00 18.98 ? 150 ASP A CB  1 
ATOM   1218 C  CG  . ASP A 1 162 ? 3.743   -8.302  10.703  1.00 18.81 ? 150 ASP A CG  1 
ATOM   1219 O  OD1 . ASP A 1 162 ? 4.653   -7.478  10.618  1.00 18.39 ? 150 ASP A OD1 1 
ATOM   1220 O  OD2 . ASP A 1 162 ? 2.873   -8.257  11.599  1.00 21.27 ? 150 ASP A OD2 1 
ATOM   1221 N  N   . LEU A 1 163 ? 5.754   -7.287  7.798   1.00 15.16 ? 151 LEU A N   1 
ATOM   1222 C  CA  . LEU A 1 163 ? 7.112   -6.795  7.583   1.00 17.44 ? 151 LEU A CA  1 
ATOM   1223 C  C   . LEU A 1 163 ? 7.541   -5.788  8.651   1.00 19.79 ? 151 LEU A C   1 
ATOM   1224 O  O   . LEU A 1 163 ? 8.546   -5.071  8.470   1.00 21.80 ? 151 LEU A O   1 
ATOM   1225 C  CB  . LEU A 1 163 ? 7.206   -6.160  6.169   1.00 17.43 ? 151 LEU A CB  1 
ATOM   1226 C  CG  . LEU A 1 163 ? 7.020   -7.132  5.001   1.00 20.35 ? 151 LEU A CG  1 
ATOM   1227 C  CD1 . LEU A 1 163 ? 6.776   -6.405  3.672   1.00 20.97 ? 151 LEU A CD1 1 
ATOM   1228 C  CD2 . LEU A 1 163 ? 8.280   -7.999  4.915   1.00 20.64 ? 151 LEU A CD2 1 
ATOM   1229 N  N   . SER A 1 164 ? 6.789   -5.738  9.752   1.00 19.00 ? 152 SER A N   1 
ATOM   1230 C  CA  . SER A 1 164 ? 7.081   -4.801  10.824  1.00 24.55 ? 152 SER A CA  1 
ATOM   1231 C  C   . SER A 1 164 ? 8.409   -5.067  11.520  1.00 27.68 ? 152 SER A C   1 
ATOM   1232 O  O   . SER A 1 164 ? 8.899   -4.214  12.242  1.00 30.83 ? 152 SER A O   1 
ATOM   1233 C  CB  . SER A 1 164 ? 5.942   -4.738  11.854  1.00 23.36 ? 152 SER A CB  1 
ATOM   1234 O  OG  . SER A 1 164 ? 5.755   -5.967  12.545  1.00 22.98 ? 152 SER A OG  1 
ATOM   1235 N  N   . ASN A 1 165 ? 8.999   -6.233  11.310  1.00 32.96 ? 153 ASN A N   1 
ATOM   1236 C  CA  . ASN A 1 165 ? 10.302  -6.486  11.916  1.00 40.55 ? 153 ASN A CA  1 
ATOM   1237 C  C   . ASN A 1 165 ? 11.406  -6.345  10.872  1.00 42.51 ? 153 ASN A C   1 
ATOM   1238 O  O   . ASN A 1 165 ? 12.533  -6.825  11.066  1.00 41.06 ? 153 ASN A O   1 
ATOM   1239 C  CB  . ASN A 1 165 ? 10.343  -7.869  12.556  1.00 48.44 ? 153 ASN A CB  1 
ATOM   1240 C  CG  . ASN A 1 165 ? 9.515   -7.938  13.825  1.00 58.23 ? 153 ASN A CG  1 
ATOM   1241 O  OD1 . ASN A 1 165 ? 9.653   -7.091  14.711  1.00 64.31 ? 153 ASN A OD1 1 
ATOM   1242 N  ND2 . ASN A 1 165 ? 8.652   -8.943  13.922  1.00 65.33 ? 153 ASN A ND2 1 
ATOM   1243 N  N   . ALA A 1 166 ? 11.082  -5.671  9.769   1.00 39.36 ? 154 ALA A N   1 
ATOM   1244 C  CA  . ALA A 1 166 ? 12.043  -5.467  8.690   1.00 38.94 ? 154 ALA A CA  1 
ATOM   1245 C  C   . ALA A 1 166 ? 11.764  -4.228  7.836   1.00 38.25 ? 154 ALA A C   1 
ATOM   1246 O  O   . ALA A 1 166 ? 12.173  -4.187  6.679   1.00 37.68 ? 154 ALA A O   1 
ATOM   1247 C  CB  . ALA A 1 166 ? 12.064  -6.699  7.794   1.00 41.59 ? 154 ALA A CB  1 
ATOM   1248 N  N   . ASN A 1 167 ? 11.090  -3.219  8.392   1.00 39.74 ? 155 ASN A N   1 
ATOM   1249 C  CA  . ASN A 1 167 ? 10.768  -2.027  7.608   1.00 41.87 ? 155 ASN A CA  1 
ATOM   1250 C  C   . ASN A 1 167 ? 11.684  -0.824  7.821   1.00 45.58 ? 155 ASN A C   1 
ATOM   1251 O  O   . ASN A 1 167 ? 11.426  0.268   7.300   1.00 43.12 ? 155 ASN A O   1 
ATOM   1252 C  CB  . ASN A 1 167 ? 9.276   -1.633  7.801   1.00 39.32 ? 155 ASN A CB  1 
ATOM   1253 C  CG  . ASN A 1 167 ? 8.904   -1.321  9.253   1.00 39.61 ? 155 ASN A CG  1 
ATOM   1254 O  OD1 . ASN A 1 167 ? 7.715   -1.116  9.580   1.00 27.89 ? 155 ASN A OD1 1 
ATOM   1255 N  ND2 . ASN A 1 167 ? 9.900   -1.274  10.125  1.00 32.91 ? 155 ASN A ND2 1 
ATOM   1256 N  N   . ARG A 1 168 ? 12.767  -1.028  8.565   1.00 48.48 ? 156 ARG A N   1 
ATOM   1257 C  CA  . ARG A 1 168 ? 13.723  0.044   8.818   1.00 54.35 ? 156 ARG A CA  1 
ATOM   1258 C  C   . ARG A 1 168 ? 15.103  -0.279  8.258   1.00 53.97 ? 156 ARG A C   1 
ATOM   1259 O  O   . ARG A 1 168 ? 15.573  -1.417  8.341   1.00 53.00 ? 156 ARG A O   1 
ATOM   1260 C  CB  . ARG A 1 168 ? 13.830  0.325   10.317  1.00 60.30 ? 156 ARG A CB  1 
ATOM   1261 C  CG  . ARG A 1 168 ? 12.689  1.167   10.864  1.00 68.48 ? 156 ARG A CG  1 
ATOM   1262 C  CD  . ARG A 1 168 ? 12.840  1.361   12.363  1.00 74.30 ? 156 ARG A CD  1 
ATOM   1263 N  NE  . ARG A 1 168 ? 11.701  0.820   13.098  1.00 78.38 ? 156 ARG A NE  1 
ATOM   1264 C  CZ  . ARG A 1 168 ? 11.321  -0.454  13.059  1.00 81.44 ? 156 ARG A CZ  1 
ATOM   1265 N  NH1 . ARG A 1 168 ? 11.984  -1.335  12.321  1.00 83.97 ? 156 ARG A NH1 1 
ATOM   1266 N  NH2 . ARG A 1 168 ? 10.273  -0.850  13.765  1.00 84.02 ? 156 ARG A NH2 1 
ATOM   1267 N  N   . CYS A 1 169 ? 15.743  0.739   7.691   1.00 52.83 ? 157 CYS A N   1 
ATOM   1268 C  CA  . CYS A 1 169 ? 17.067  0.592   7.103   1.00 53.51 ? 157 CYS A CA  1 
ATOM   1269 C  C   . CYS A 1 169 ? 18.182  0.595   8.137   1.00 54.72 ? 157 CYS A C   1 
ATOM   1270 O  O   . CYS A 1 169 ? 17.912  0.946   9.302   1.00 54.70 ? 157 CYS A O   1 
ATOM   1271 C  CB  . CYS A 1 169 ? 17.295  1.704   6.078   1.00 51.97 ? 157 CYS A CB  1 
ATOM   1272 S  SG  . CYS A 1 169 ? 16.156  1.549   4.663   1.00 47.76 ? 157 CYS A SG  1 
HETATM 1273 CD CD  . CD  B 2 .   ? -12.890 -15.556 7.931   1.00 14.42 ? 200 CD  A CD  1 
HETATM 1274 CD CD  . CD  C 2 .   ? -7.642  21.766  2.715   1.00 24.65 ? 201 CD  A CD  1 
HETATM 1275 C  C1  . F09 D 3 .   ? -1.661  5.095   -0.640  1.00 25.69 ? 202 F09 A C1  1 
HETATM 1276 C  C2  . F09 D 3 .   ? -0.276  4.867   -1.255  1.00 21.96 ? 202 F09 A C2  1 
HETATM 1277 C  C3  . F09 D 3 .   ? 0.127   3.392   -1.216  1.00 24.36 ? 202 F09 A C3  1 
HETATM 1278 C  C4  . F09 D 3 .   ? -0.465  2.625   -2.402  1.00 23.23 ? 202 F09 A C4  1 
HETATM 1279 C  C5  . F09 D 3 .   ? -0.003  1.167   -2.408  1.00 19.12 ? 202 F09 A C5  1 
HETATM 1280 C  C6  . F09 D 3 .   ? 1.377   1.032   -3.057  1.00 18.83 ? 202 F09 A C6  1 
HETATM 1281 C  C7  . F09 D 3 .   ? 1.838   -0.428  -3.069  1.00 16.93 ? 202 F09 A C7  1 
HETATM 1282 C  C8  . F09 D 3 .   ? 3.255   -0.536  -3.642  1.00 17.91 ? 202 F09 A C8  1 
HETATM 1283 C  C9  . F09 D 3 .   ? 3.688   -1.997  -3.787  1.00 19.55 ? 202 F09 A C9  1 
HETATM 1284 O  OXT . F09 D 3 .   ? 4.053   -2.513  -2.503  1.00 22.56 ? 202 F09 A OXT 1 
HETATM 1285 O  O   . HOH E 4 .   ? -12.040 0.610   -12.994 1.00 13.49 ? 203 HOH A O   1 
HETATM 1286 O  O   . HOH E 4 .   ? 9.868   -4.195  -14.723 1.00 13.83 ? 204 HOH A O   1 
HETATM 1287 O  O   . HOH E 4 .   ? -10.180 -2.284  -5.128  1.00 10.00 ? 205 HOH A O   1 
HETATM 1288 O  O   . HOH E 4 .   ? -0.490  -5.998  -19.259 1.00 14.45 ? 206 HOH A O   1 
HETATM 1289 O  O   . HOH E 4 .   ? 4.170   -0.887  -0.329  1.00 13.42 ? 207 HOH A O   1 
HETATM 1290 O  O   . HOH E 4 .   ? 4.332   -6.964  -12.185 1.00 17.07 ? 208 HOH A O   1 
HETATM 1291 O  O   . HOH E 4 .   ? -0.632  3.775   15.619  1.00 21.02 ? 209 HOH A O   1 
HETATM 1292 O  O   . HOH E 4 .   ? -10.459 -15.184 0.982   1.00 16.34 ? 210 HOH A O   1 
HETATM 1293 O  O   . HOH E 4 .   ? 0.261   -3.505  -18.626 1.00 15.79 ? 211 HOH A O   1 
HETATM 1294 O  O   . HOH E 4 .   ? -14.159 -7.086  -1.972  1.00 20.98 ? 212 HOH A O   1 
HETATM 1295 O  O   . HOH E 4 .   ? -3.784  -2.190  -13.338 1.00 16.47 ? 213 HOH A O   1 
HETATM 1296 O  O   . HOH E 4 .   ? -8.616  -0.896  -5.808  1.00 20.02 ? 214 HOH A O   1 
HETATM 1297 O  O   . HOH E 4 .   ? -8.963  -16.034 -4.433  1.00 15.72 ? 215 HOH A O   1 
HETATM 1298 O  O   . HOH E 4 .   ? 1.122   3.158   13.479  1.00 16.62 ? 216 HOH A O   1 
HETATM 1299 O  O   . HOH E 4 .   ? -2.264  0.716   16.259  1.00 17.66 ? 217 HOH A O   1 
HETATM 1300 O  O   . HOH E 4 .   ? 6.278   -3.089  17.594  1.00 16.94 ? 218 HOH A O   1 
HETATM 1301 O  O   . HOH E 4 .   ? -4.850  14.096  13.501  1.00 22.23 ? 219 HOH A O   1 
HETATM 1302 O  O   . HOH E 4 .   ? -3.695  -13.023 -10.485 1.00 21.83 ? 220 HOH A O   1 
HETATM 1303 O  O   . HOH E 4 .   ? -4.829  -4.936  19.614  1.00 23.18 ? 221 HOH A O   1 
HETATM 1304 O  O   . HOH E 4 .   ? 8.207   1.278   5.446   1.00 18.47 ? 222 HOH A O   1 
HETATM 1305 O  O   . HOH E 4 .   ? 0.565   -8.494  -13.735 1.00 17.41 ? 223 HOH A O   1 
HETATM 1306 O  O   . HOH E 4 .   ? -7.761  12.688  15.802  1.00 23.08 ? 224 HOH A O   1 
HETATM 1307 O  O   . HOH E 4 .   ? -2.424  -13.138 -14.453 1.00 21.98 ? 225 HOH A O   1 
HETATM 1308 O  O   . HOH E 4 .   ? 2.743   -12.911 -19.764 1.00 21.14 ? 226 HOH A O   1 
HETATM 1309 O  O   . HOH E 4 .   ? -7.330  22.015  4.871   1.00 22.73 ? 227 HOH A O   1 
HETATM 1310 O  O   . HOH E 4 .   ? -8.470  8.887   14.975  1.00 22.00 ? 228 HOH A O   1 
HETATM 1311 O  O   . HOH E 4 .   ? 3.997   -12.628 8.561   1.00 23.38 ? 229 HOH A O   1 
HETATM 1312 O  O   . HOH E 4 .   ? -3.353  -22.823 1.024   1.00 20.50 ? 230 HOH A O   1 
HETATM 1313 O  O   . HOH E 4 .   ? -0.426  7.097   -14.141 1.00 28.31 ? 231 HOH A O   1 
HETATM 1314 O  O   . HOH E 4 .   ? -3.904  13.486  9.099   1.00 25.15 ? 232 HOH A O   1 
HETATM 1315 O  O   . HOH E 4 .   ? 1.461   -5.634  16.715  1.00 25.65 ? 233 HOH A O   1 
HETATM 1316 O  O   . HOH E 4 .   ? -1.597  -4.770  19.957  1.00 22.22 ? 234 HOH A O   1 
HETATM 1317 O  O   . HOH E 4 .   ? -8.749  -2.010  -12.051 1.00 27.37 ? 235 HOH A O   1 
HETATM 1318 O  O   . HOH E 4 .   ? -9.148  9.852   -8.643  1.00 29.22 ? 236 HOH A O   1 
HETATM 1319 O  O   . HOH E 4 .   ? -13.059 11.446  6.136   1.00 27.45 ? 237 HOH A O   1 
HETATM 1320 O  O   . HOH E 4 .   ? -2.712  24.275  -9.828  1.00 44.29 ? 238 HOH A O   1 
HETATM 1321 O  O   . HOH E 4 .   ? 3.250   6.719   -13.922 1.00 31.00 ? 239 HOH A O   1 
HETATM 1322 O  O   . HOH E 4 .   ? -2.450  7.581   16.822  1.00 22.81 ? 240 HOH A O   1 
HETATM 1323 O  O   . HOH E 4 .   ? -6.400  -1.651  -13.253 1.00 22.96 ? 241 HOH A O   1 
HETATM 1324 O  O   . HOH E 4 .   ? 12.631  -0.659  15.537  1.00 28.81 ? 242 HOH A O   1 
HETATM 1325 O  O   . HOH E 4 .   ? 9.172   0.028   -13.459 1.00 26.66 ? 243 HOH A O   1 
HETATM 1326 O  O   . HOH E 4 .   ? -3.780  -9.886  14.829  1.00 29.89 ? 244 HOH A O   1 
HETATM 1327 O  O   . HOH E 4 .   ? 8.511   -1.960  16.174  1.00 24.71 ? 245 HOH A O   1 
HETATM 1328 O  O   . HOH E 4 .   ? -9.048  -13.212 7.445   1.00 25.89 ? 246 HOH A O   1 
HETATM 1329 O  O   . HOH E 4 .   ? -6.957  -17.274 5.241   1.00 28.02 ? 247 HOH A O   1 
HETATM 1330 O  O   . HOH E 4 .   ? -10.413 14.431  -0.603  1.00 27.26 ? 248 HOH A O   1 
HETATM 1331 O  O   . HOH E 4 .   ? 6.244   8.236   -11.261 1.00 33.40 ? 249 HOH A O   1 
HETATM 1332 O  O   . HOH E 4 .   ? -2.818  -14.649 10.218  1.00 24.12 ? 250 HOH A O   1 
HETATM 1333 O  O   . HOH E 4 .   ? 3.392   9.001   18.148  1.00 23.82 ? 251 HOH A O   1 
HETATM 1334 O  O   . HOH E 4 .   ? -11.509 -11.181 13.511  1.00 21.92 ? 252 HOH A O   1 
HETATM 1335 O  O   . HOH E 4 .   ? -8.470  11.209  -3.917  1.00 29.17 ? 253 HOH A O   1 
HETATM 1336 O  O   . HOH E 4 .   ? 1.994   -10.876 -13.131 1.00 23.74 ? 254 HOH A O   1 
HETATM 1337 O  O   . HOH E 4 .   ? 8.622   -9.243  -8.692  1.00 27.26 ? 255 HOH A O   1 
HETATM 1338 O  O   . HOH E 4 .   ? -2.628  -10.031 10.215  1.00 30.29 ? 256 HOH A O   1 
HETATM 1339 O  O   . HOH E 4 .   ? -6.053  -0.772  17.805  1.00 31.84 ? 257 HOH A O   1 
HETATM 1340 O  O   . HOH E 4 .   ? 9.649   2.200   7.585   1.00 28.19 ? 258 HOH A O   1 
HETATM 1341 O  O   . HOH E 4 .   ? 2.800   11.657  -13.310 1.00 40.68 ? 259 HOH A O   1 
HETATM 1342 O  O   . HOH E 4 .   ? -11.466 -4.957  7.746   1.00 29.68 ? 260 HOH A O   1 
HETATM 1343 O  O   . HOH E 4 .   ? 8.783   7.116   7.254   1.00 30.31 ? 261 HOH A O   1 
HETATM 1344 O  O   . HOH E 4 .   ? 7.193   -18.243 -2.490  1.00 34.17 ? 262 HOH A O   1 
HETATM 1345 O  O   . HOH E 4 .   ? 6.553   -0.740  -16.305 1.00 28.09 ? 263 HOH A O   1 
HETATM 1346 O  O   . HOH E 4 .   ? 9.068   -12.764 3.211   1.00 32.69 ? 264 HOH A O   1 
HETATM 1347 O  O   . HOH E 4 .   ? 1.412   8.493   -12.766 1.00 29.94 ? 265 HOH A O   1 
HETATM 1348 O  O   . HOH E 4 .   ? -8.741  -15.909 6.778   1.00 26.83 ? 266 HOH A O   1 
HETATM 1349 O  O   . HOH E 4 .   ? 14.895  5.911   3.225   1.00 40.71 ? 267 HOH A O   1 
HETATM 1350 O  O   . HOH E 4 .   ? -5.003  -15.926 -2.135  1.00 31.52 ? 268 HOH A O   1 
HETATM 1351 O  O   . HOH E 4 .   ? -0.379  6.735   15.261  1.00 29.61 ? 269 HOH A O   1 
HETATM 1352 O  O   . HOH E 4 .   ? -15.733 6.797   3.179   1.00 36.02 ? 270 HOH A O   1 
HETATM 1353 O  O   . HOH E 4 .   ? -2.618  13.989  -12.177 1.00 34.66 ? 271 HOH A O   1 
HETATM 1354 O  O   . HOH E 4 .   ? 15.009  7.576   -5.683  1.00 48.78 ? 272 HOH A O   1 
HETATM 1355 O  O   . HOH E 4 .   ? -1.293  17.217  -8.809  1.00 34.43 ? 273 HOH A O   1 
HETATM 1356 O  O   . HOH E 4 .   ? -7.704  -0.174  -8.450  1.00 40.91 ? 274 HOH A O   1 
HETATM 1357 O  O   . HOH E 4 .   ? -12.583 -4.261  9.774   1.00 32.28 ? 275 HOH A O   1 
HETATM 1358 O  O   . HOH E 4 .   ? 3.879   -16.143 -6.577  1.00 37.40 ? 276 HOH A O   1 
HETATM 1359 O  O   . HOH E 4 .   ? -9.797  0.179   -12.349 1.00 24.39 ? 277 HOH A O   1 
HETATM 1360 O  O   . HOH E 4 .   ? -7.094  -13.438 4.766   1.00 26.65 ? 278 HOH A O   1 
HETATM 1361 O  O   . HOH E 4 .   ? 8.271   -2.260  13.557  1.00 25.30 ? 279 HOH A O   1 
HETATM 1362 O  O   . HOH E 4 .   ? 6.387   13.605  4.914   1.00 34.54 ? 280 HOH A O   1 
HETATM 1363 O  O   . HOH E 4 .   ? -12.880 -3.211  -0.182  1.00 35.91 ? 281 HOH A O   1 
HETATM 1364 O  O   . HOH E 4 .   ? -11.620 0.181   -3.314  1.00 31.28 ? 282 HOH A O   1 
HETATM 1365 O  O   . HOH E 4 .   ? -14.138 0.365   1.680   1.00 33.52 ? 283 HOH A O   1 
HETATM 1366 O  O   . HOH E 4 .   ? 12.442  -4.737  -0.981  1.00 28.55 ? 284 HOH A O   1 
HETATM 1367 O  O   . HOH E 4 .   ? -5.607  -8.008  20.063  1.00 48.74 ? 285 HOH A O   1 
HETATM 1368 O  O   . HOH E 4 .   ? -3.211  17.554  6.122   1.00 29.59 ? 286 HOH A O   1 
HETATM 1369 O  O   . HOH E 4 .   ? 2.525   15.391  -9.388  1.00 37.05 ? 287 HOH A O   1 
HETATM 1370 O  O   . HOH E 4 .   ? -14.482 -5.561  0.688   1.00 42.50 ? 288 HOH A O   1 
HETATM 1371 O  O   . HOH E 4 .   ? -15.519 3.943   5.115   1.00 47.20 ? 289 HOH A O   1 
HETATM 1372 O  O   . HOH E 4 .   ? 13.571  -2.019  5.398   1.00 33.23 ? 290 HOH A O   1 
HETATM 1373 O  O   . HOH E 4 .   ? -3.311  20.987  0.704   1.00 44.96 ? 291 HOH A O   1 
HETATM 1374 O  O   . HOH E 4 .   ? 10.205  -15.504 -4.180  1.00 35.09 ? 292 HOH A O   1 
HETATM 1375 O  O   . HOH E 4 .   ? 10.364  -12.667 -5.318  1.00 34.35 ? 293 HOH A O   1 
HETATM 1376 O  O   . HOH E 4 .   ? 4.568   14.413  3.296   1.00 33.08 ? 294 HOH A O   1 
HETATM 1377 O  O   . HOH E 4 .   ? 2.977   -15.648 -15.761 1.00 53.27 ? 295 HOH A O   1 
HETATM 1378 O  O   . HOH E 4 .   ? -13.782 10.193  -2.789  1.00 32.70 ? 296 HOH A O   1 
HETATM 1379 O  O   . HOH E 4 .   ? -2.631  -15.036 -8.874  1.00 36.90 ? 297 HOH A O   1 
HETATM 1380 O  O   . HOH E 4 .   ? 10.916  -8.991  9.919   1.00 57.45 ? 298 HOH A O   1 
HETATM 1381 O  O   . HOH E 4 .   ? 7.616   -8.685  -11.140 1.00 32.88 ? 299 HOH A O   1 
HETATM 1382 O  O   . HOH E 4 .   ? -14.925 -10.082 8.917   1.00 33.58 ? 300 HOH A O   1 
HETATM 1383 O  O   . HOH E 4 .   ? 7.474   -15.160 4.056   1.00 36.63 ? 301 HOH A O   1 
HETATM 1384 O  O   . HOH E 4 .   ? 1.436   -10.338 11.832  1.00 36.28 ? 302 HOH A O   1 
HETATM 1385 O  O   . HOH E 4 .   ? -13.530 11.751  -13.901 1.00 54.28 ? 303 HOH A O   1 
HETATM 1386 O  O   . HOH E 4 .   ? 16.023  -3.097  6.122   1.00 36.50 ? 304 HOH A O   1 
HETATM 1387 O  O   . HOH E 4 .   ? 1.894   13.950  -12.485 1.00 43.52 ? 305 HOH A O   1 
HETATM 1388 O  O   . HOH E 4 .   ? 3.081   -18.719 4.061   1.00 43.78 ? 306 HOH A O   1 
HETATM 1389 O  O   . HOH E 4 .   ? -3.948  -11.327 12.639  1.00 31.67 ? 307 HOH A O   1 
HETATM 1390 O  O   . HOH E 4 .   ? 14.481  3.206   7.463   1.00 44.10 ? 308 HOH A O   1 
HETATM 1391 O  O   . HOH E 4 .   ? -17.847 7.745   -4.642  1.00 52.76 ? 309 HOH A O   1 
HETATM 1392 O  O   . HOH E 4 .   ? 7.582   -12.199 -10.896 1.00 43.57 ? 310 HOH A O   1 
HETATM 1393 O  O   . HOH E 4 .   ? -4.782  8.870   -14.365 1.00 45.50 ? 311 HOH A O   1 
HETATM 1394 O  O   . HOH E 4 .   ? -11.504 10.071  16.027  1.00 44.59 ? 312 HOH A O   1 
HETATM 1395 O  O   . HOH E 4 .   ? -13.482 -10.935 5.998   1.00 25.17 ? 313 HOH A O   1 
HETATM 1396 O  O   . HOH E 4 .   ? 8.300   -11.772 7.210   1.00 45.51 ? 314 HOH A O   1 
HETATM 1397 O  O   . HOH E 4 .   ? -10.960 3.779   13.941  1.00 39.57 ? 315 HOH A O   1 
HETATM 1398 O  O   . HOH E 4 .   ? 5.802   6.239   -12.972 1.00 42.51 ? 316 HOH A O   1 
HETATM 1399 O  O   . HOH E 4 .   ? 13.474  8.952   -4.003  1.00 52.91 ? 317 HOH A O   1 
HETATM 1400 O  O   . HOH E 4 .   ? 7.798   4.220   -11.505 1.00 51.55 ? 318 HOH A O   1 
HETATM 1401 O  O   . HOH E 4 .   ? 12.820  6.879   -7.866  1.00 36.43 ? 319 HOH A O   1 
HETATM 1402 O  O   . HOH E 4 .   ? 8.509   -8.692  10.016  1.00 45.20 ? 320 HOH A O   1 
HETATM 1403 O  O   . HOH E 4 .   ? 14.310  -3.507  9.770   1.00 50.19 ? 321 HOH A O   1 
HETATM 1404 O  O   . HOH E 4 .   ? 14.503  -0.090  -5.846  1.00 49.12 ? 322 HOH A O   1 
HETATM 1405 O  O   . HOH E 4 .   ? 6.485   11.674  -0.871  1.00 36.60 ? 323 HOH A O   1 
HETATM 1406 O  O   . HOH E 4 .   ? -2.305  -23.948 2.960   1.00 40.84 ? 324 HOH A O   1 
HETATM 1407 O  O   . HOH E 4 .   ? -19.601 7.524   4.273   1.00 57.98 ? 325 HOH A O   1 
HETATM 1408 O  O   . HOH E 4 .   ? -8.526  6.530   14.920  1.00 34.23 ? 326 HOH A O   1 
HETATM 1409 O  O   . HOH E 4 .   ? -9.259  4.138   -14.063 1.00 38.56 ? 327 HOH A O   1 
HETATM 1410 O  O   . HOH E 4 .   ? 12.569  -6.511  -2.993  1.00 39.55 ? 328 HOH A O   1 
HETATM 1411 O  O   . HOH E 4 .   ? -11.275 13.517  -6.656  1.00 46.55 ? 329 HOH A O   1 
HETATM 1412 O  O   . HOH E 4 .   ? -5.082  13.011  -13.141 1.00 43.90 ? 330 HOH A O   1 
HETATM 1413 O  O   . HOH E 4 .   ? -16.226 5.961   10.695  1.00 57.73 ? 331 HOH A O   1 
HETATM 1414 O  O   . HOH E 4 .   ? 19.089  5.017   -2.653  1.00 42.63 ? 332 HOH A O   1 
HETATM 1415 O  O   . HOH E 4 .   ? -8.769  12.087  11.981  1.00 39.96 ? 333 HOH A O   1 
HETATM 1416 O  O   . HOH E 4 .   ? -11.040 17.071  12.404  1.00 47.81 ? 334 HOH A O   1 
HETATM 1417 O  O   . HOH E 4 .   ? 8.355   -17.020 -8.510  1.00 54.97 ? 335 HOH A O   1 
HETATM 1418 O  O   . HOH E 4 .   ? -5.697  15.957  -3.965  1.00 39.11 ? 336 HOH A O   1 
HETATM 1419 O  O   . HOH E 4 .   ? 12.405  11.703  1.758   1.00 55.73 ? 337 HOH A O   1 
HETATM 1420 O  O   . HOH E 4 .   ? -4.528  13.706  -4.654  1.00 38.98 ? 338 HOH A O   1 
HETATM 1421 O  O   . HOH E 4 .   ? 20.970  -1.220  9.264   1.00 52.55 ? 339 HOH A O   1 
HETATM 1422 O  O   . HOH E 4 .   ? 15.186  -14.491 -3.143  1.00 51.01 ? 340 HOH A O   1 
HETATM 1423 O  O   . HOH E 4 .   ? 13.022  9.493   0.712   1.00 53.01 ? 341 HOH A O   1 
HETATM 1424 O  O   . HOH E 4 .   ? -6.521  13.132  10.839  1.00 34.51 ? 342 HOH A O   1 
HETATM 1425 O  O   . HOH E 4 .   ? 3.767   5.131   -18.264 1.00 48.35 ? 343 HOH A O   1 
HETATM 1426 O  O   . HOH E 4 .   ? 13.929  -10.053 10.169  1.00 53.24 ? 344 HOH A O   1 
HETATM 1427 O  O   . HOH E 4 .   ? -4.677  6.140   -15.613 1.00 38.58 ? 345 HOH A O   1 
HETATM 1428 O  O   . HOH E 4 .   ? -12.456 -3.510  -2.774  1.00 12.90 ? 346 HOH A O   1 
HETATM 1429 O  O   . HOH E 4 .   ? -8.005  0.291   -14.830 1.00 23.54 ? 347 HOH A O   1 
HETATM 1430 O  O   . HOH E 4 .   ? -2.576  -12.237 8.633   1.00 23.46 ? 348 HOH A O   1 
HETATM 1431 O  O   . HOH E 4 .   ? -9.601  13.539  14.175  1.00 30.12 ? 349 HOH A O   1 
HETATM 1432 O  O   . HOH E 4 .   ? -5.114  -22.789 -1.098  1.00 28.94 ? 350 HOH A O   1 
HETATM 1433 O  O   . HOH E 4 .   ? 0.968   -14.989 -19.931 1.00 27.90 ? 351 HOH A O   1 
HETATM 1434 O  O   . HOH E 4 .   ? -10.202 13.033  -3.066  1.00 27.71 ? 352 HOH A O   1 
HETATM 1435 O  O   . HOH E 4 .   ? -10.799 -1.909  -2.780  1.00 32.79 ? 353 HOH A O   1 
HETATM 1436 O  O   . HOH E 4 .   ? -4.631  -14.201 -13.041 1.00 30.94 ? 354 HOH A O   1 
HETATM 1437 O  O   . HOH E 4 .   ? 4.341   -0.332  -17.900 1.00 31.13 ? 355 HOH A O   1 
HETATM 1438 O  O   . HOH E 4 .   ? -9.401  1.826   15.505  1.00 42.19 ? 356 HOH A O   1 
HETATM 1439 O  O   . HOH E 4 .   ? 5.413   -9.237  -12.417 1.00 51.16 ? 357 HOH A O   1 
HETATM 1440 O  O   . HOH E 4 .   ? -16.771 9.875   -4.214  1.00 41.24 ? 358 HOH A O   1 
HETATM 1441 O  O   . HOH E 4 .   ? 8.390   -11.618 -8.426  1.00 45.87 ? 359 HOH A O   1 
HETATM 1442 O  O   . HOH E 4 .   ? 11.569  3.759   6.532   1.00 43.41 ? 360 HOH A O   1 
HETATM 1443 O  O   . HOH E 4 .   ? 15.000  -9.099  12.267  1.00 53.90 ? 361 HOH A O   1 
HETATM 1444 O  O   . HOH E 4 .   ? -6.801  4.760   -15.694 1.00 41.97 ? 362 HOH A O   1 
HETATM 1445 O  O   . HOH E 4 .   ? 8.509   -2.500  -16.582 1.00 39.56 ? 363 HOH A O   1 
HETATM 1446 O  O   . HOH E 4 .   ? 1.599   -8.064  15.880  1.00 35.44 ? 364 HOH A O   1 
HETATM 1447 O  O   . HOH E 4 .   ? -3.018  -24.997 5.101   1.00 50.53 ? 365 HOH A O   1 
HETATM 1448 O  O   . HOH E 4 .   ? 12.325  -1.498  -7.327  1.00 33.37 ? 366 HOH A O   1 
HETATM 1449 O  O   . HOH E 4 .   ? 7.206   -3.225  -18.543 1.00 50.14 ? 367 HOH A O   1 
HETATM 1450 O  O   . HOH E 4 .   ? 16.370  -14.722 -0.692  1.00 51.73 ? 368 HOH A O   1 
HETATM 1451 O  O   . HOH E 4 .   ? 12.047  -11.725 9.578   1.00 41.14 ? 369 HOH A O   1 
HETATM 1452 O  O   . HOH E 4 .   ? -10.065 -0.782  14.811  1.00 37.58 ? 370 HOH A O   1 
HETATM 1453 O  O   . HOH E 4 .   ? 5.481   15.302  -9.299  1.00 46.23 ? 371 HOH A O   1 
HETATM 1454 O  O   . HOH E 4 .   ? -12.852 12.694  -3.320  1.00 35.50 ? 372 HOH A O   1 
HETATM 1455 O  O   . HOH E 4 .   ? -2.957  -17.296 -6.250  1.00 41.85 ? 373 HOH A O   1 
HETATM 1456 O  O   . HOH E 4 .   ? -13.819 -12.795 13.256  1.00 42.13 ? 374 HOH A O   1 
HETATM 1457 O  O   . HOH E 4 .   ? -8.327  5.519   17.634  1.00 45.27 ? 375 HOH A O   1 
HETATM 1458 O  O   . HOH E 4 .   ? 10.366  7.768   9.544   1.00 33.57 ? 376 HOH A O   1 
HETATM 1459 O  O   . HOH E 4 .   ? -7.354  2.419   -16.227 1.00 34.28 ? 377 HOH A O   1 
HETATM 1460 O  O   . HOH E 4 .   ? -12.819 -6.631  11.067  1.00 38.26 ? 378 HOH A O   1 
HETATM 1461 O  O   . HOH E 4 .   ? -12.238 -2.557  7.800   1.00 48.09 ? 379 HOH A O   1 
HETATM 1462 O  O   . HOH E 4 .   ? -2.181  18.413  0.752   1.00 37.45 ? 380 HOH A O   1 
HETATM 1463 O  O   . HOH E 4 .   ? 12.354  9.902   -9.050  1.00 48.50 ? 381 HOH A O   1 
HETATM 1464 O  O   . HOH E 4 .   ? 13.754  -6.045  4.967   1.00 42.72 ? 382 HOH A O   1 
HETATM 1465 O  O   . HOH E 4 .   ? -8.458  -1.527  16.834  1.00 50.10 ? 383 HOH A O   1 
HETATM 1466 O  O   . HOH E 4 .   ? 21.901  0.280   7.568   1.00 52.75 ? 384 HOH A O   1 
HETATM 1467 O  O   . HOH E 4 .   ? -16.841 3.770   -1.103  1.00 48.00 ? 385 HOH A O   1 
HETATM 1468 O  O   . HOH E 4 .   ? -14.824 -8.465  10.727  1.00 38.52 ? 386 HOH A O   1 
HETATM 1469 O  O   . HOH E 4 .   ? 7.475   11.633  5.612   1.00 44.15 ? 387 HOH A O   1 
HETATM 1470 O  O   . HOH E 4 .   ? 9.999   -11.417 5.383   1.00 49.88 ? 388 HOH A O   1 
HETATM 1471 O  O   . HOH E 4 .   ? -5.559  17.929  -2.204  1.00 44.27 ? 389 HOH A O   1 
HETATM 1472 O  O   . HOH E 4 .   ? 4.017   -17.270 -17.867 1.00 59.38 ? 390 HOH A O   1 
HETATM 1473 O  O   . HOH E 4 .   ? 6.230   -12.075 -17.809 1.00 48.95 ? 391 HOH A O   1 
HETATM 1474 O  O   . HOH E 4 .   ? 8.531   1.655   -15.665 1.00 44.58 ? 392 HOH A O   1 
HETATM 1475 O  O   . HOH E 4 .   ? 15.190  -5.804  -4.246  1.00 43.91 ? 393 HOH A O   1 
HETATM 1476 O  O   . HOH E 4 .   ? 10.259  -14.178 1.472   1.00 50.97 ? 394 HOH A O   1 
HETATM 1477 O  O   . HOH E 4 .   ? -14.991 -3.039  9.952   1.00 46.97 ? 395 HOH A O   1 
HETATM 1478 O  O   . HOH E 4 .   ? -3.364  1.025   18.618  1.00 48.21 ? 396 HOH A O   1 
HETATM 1479 O  O   . HOH E 4 .   ? -1.446  -17.427 -9.709  1.00 46.28 ? 397 HOH A O   1 
HETATM 1480 O  O   . HOH E 4 .   ? -0.882  20.817  -5.730  1.00 46.19 ? 398 HOH A O   1 
HETATM 1481 O  O   . HOH E 4 .   ? -11.768 17.251  -7.140  1.00 58.97 ? 399 HOH A O   1 
HETATM 1482 O  O   . HOH E 4 .   ? 1.855   -17.204 -7.647  1.00 39.28 ? 400 HOH A O   1 
HETATM 1483 O  O   . HOH E 4 .   ? 0.476   19.727  -8.475  1.00 49.68 ? 401 HOH A O   1 
HETATM 1484 O  O   . HOH E 4 .   ? 10.645  -2.015  -12.180 1.00 52.18 ? 402 HOH A O   1 
HETATM 1485 O  O   . HOH E 4 .   ? -3.599  5.495   -17.864 1.00 49.90 ? 403 HOH A O   1 
HETATM 1486 O  O   . HOH E 4 .   ? 16.725  -2.688  -3.905  1.00 45.69 ? 404 HOH A O   1 
HETATM 1487 O  O   . HOH E 4 .   ? -17.182 -4.540  0.601   1.00 37.25 ? 405 HOH A O   1 
HETATM 1488 O  O   . HOH E 4 .   ? -14.522 14.473  -0.192  1.00 57.88 ? 406 HOH A O   1 
HETATM 1489 O  O   . HOH E 4 .   ? 0.328   -23.149 0.349   1.00 48.54 ? 407 HOH A O   1 
HETATM 1490 O  O   . HOH E 4 .   ? 5.478   10.262  -13.451 1.00 48.54 ? 408 HOH A O   1 
HETATM 1491 O  O   . HOH E 4 .   ? 7.064   -6.378  14.932  1.00 41.99 ? 409 HOH A O   1 
HETATM 1492 O  O   . HOH E 4 .   ? -15.749 -4.772  5.490   1.00 55.32 ? 410 HOH A O   1 
HETATM 1493 O  O   . HOH E 4 .   ? 15.306  -11.944 11.316  1.00 54.82 ? 411 HOH A O   1 
HETATM 1494 O  O   . HOH E 4 .   ? 12.334  -14.309 -2.568  1.00 52.03 ? 412 HOH A O   1 
HETATM 1495 O  O   . HOH E 4 .   ? 10.691  -5.847  -16.399 1.00 47.99 ? 413 HOH A O   1 
HETATM 1496 O  O   . HOH E 4 .   ? -7.086  2.653   14.553  1.00 39.93 ? 414 HOH A O   1 
HETATM 1497 O  O   . HOH E 4 .   ? -13.086 -5.802  6.168   1.00 45.72 ? 415 HOH A O   1 
HETATM 1498 O  O   . HOH E 4 .   ? 2.710   -9.416  14.145  1.00 60.68 ? 416 HOH A O   1 
HETATM 1499 O  O   . HOH E 4 .   ? 6.837   -10.371 12.114  1.00 52.39 ? 417 HOH A O   1 
HETATM 1500 O  O   . HOH E 4 .   ? 7.270   6.216   -15.289 1.00 47.60 ? 418 HOH A O   1 
HETATM 1501 O  O   . HOH E 4 .   ? -11.359 2.271   -1.987  1.00 53.33 ? 419 HOH A O   1 
HETATM 1502 O  O   . HOH E 4 .   ? -0.229  -10.585 9.852   1.00 46.01 ? 420 HOH A O   1 
HETATM 1503 O  O   . HOH E 4 .   ? -12.581 13.997  -13.280 1.00 58.14 ? 421 HOH A O   1 
HETATM 1504 O  O   . HOH E 4 .   ? -11.532 1.326   -8.654  1.00 40.53 ? 422 HOH A O   1 
HETATM 1505 O  O   . HOH E 4 .   ? -9.246  -4.764  21.539  1.00 60.35 ? 423 HOH A O   1 
HETATM 1506 O  O   . HOH E 4 .   ? 11.570  -4.510  14.777  1.00 51.34 ? 424 HOH A O   1 
HETATM 1507 O  O   . HOH E 4 .   ? 6.615   -5.409  -19.012 1.00 20.53 ? 425 HOH A O   1 
HETATM 1508 O  O   . HOH E 4 .   ? 10.207  6.233   12.171  1.00 23.60 ? 426 HOH A O   1 
HETATM 1509 O  O   . HOH E 4 .   ? -15.087 -13.552 10.823  1.00 29.69 ? 427 HOH A O   1 
HETATM 1510 O  O   . HOH E 4 .   ? 12.994  -6.802  2.183   1.00 38.59 ? 428 HOH A O   1 
HETATM 1511 O  O   . HOH E 4 .   ? -11.304 -7.979  13.049  1.00 35.71 ? 429 HOH A O   1 
HETATM 1512 O  O   . HOH E 4 .   ? 7.091   -10.334 -14.284 1.00 36.19 ? 430 HOH A O   1 
HETATM 1513 O  O   . HOH E 4 .   ? -13.550 2.919   -7.913  1.00 52.59 ? 431 HOH A O   1 
HETATM 1514 O  O   . HOH E 4 .   ? 9.492   10.433  -9.129  1.00 52.82 ? 432 HOH A O   1 
HETATM 1515 O  O   . HOH E 4 .   ? -1.303  20.877  -10.777 1.00 49.61 ? 433 HOH A O   1 
HETATM 1516 O  O   . HOH E 4 .   ? -3.122  -16.410 -13.910 1.00 56.08 ? 434 HOH A O   1 
HETATM 1517 O  O   . HOH E 4 .   ? 13.127  -4.230  -6.217  1.00 56.00 ? 435 HOH A O   1 
HETATM 1518 O  O   . HOH E 4 .   ? 8.769   -13.098 -17.508 1.00 53.14 ? 436 HOH A O   1 
HETATM 1519 O  O   . HOH E 4 .   ? 2.583   -24.680 -0.131  1.00 57.06 ? 437 HOH A O   1 
HETATM 1520 O  O   . HOH E 4 .   ? -9.177  15.497  -3.995  1.00 44.90 ? 438 HOH A O   1 
HETATM 1521 O  O   . HOH E 4 .   ? -9.822  9.409   12.458  1.00 46.20 ? 439 HOH A O   1 
HETATM 1522 O  O   . HOH E 4 .   ? -19.454 6.902   1.513   1.00 58.01 ? 440 HOH A O   1 
HETATM 1523 O  O   . HOH E 4 .   ? -15.717 -0.939  11.229  1.00 51.67 ? 441 HOH A O   1 
HETATM 1524 O  O   . HOH E 4 .   ? 11.459  -17.449 -5.519  1.00 48.47 ? 442 HOH A O   1 
HETATM 1525 O  O   . HOH E 4 .   ? 15.937  -5.813  6.226   1.00 55.84 ? 443 HOH A O   1 
HETATM 1526 O  O   . HOH E 4 .   ? -13.398 1.349   -1.344  1.00 42.81 ? 444 HOH A O   1 
HETATM 1527 O  O   . HOH E 4 .   ? 9.178   15.551  4.229   1.00 47.40 ? 445 HOH A O   1 
HETATM 1528 O  O   . HOH E 4 .   ? 10.923  -1.343  -16.796 1.00 54.38 ? 446 HOH A O   1 
HETATM 1529 O  O   . HOH E 4 .   ? -14.134 -1.993  2.297   1.00 48.78 ? 447 HOH A O   1 
HETATM 1530 O  O   . HOH E 4 .   ? -19.436 9.001   -2.600  1.00 60.92 ? 448 HOH A O   1 
HETATM 1531 O  O   . HOH E 4 .   ? -9.593  3.430   -17.298 1.00 43.57 ? 449 HOH A O   1 
HETATM 1532 O  O   . HOH E 4 .   ? 11.920  -16.443 -0.607  1.00 57.17 ? 450 HOH A O   1 
HETATM 1533 O  O   . HOH E 4 .   ? 12.864  11.727  -7.194  1.00 51.21 ? 451 HOH A O   1 
HETATM 1534 O  O   . HOH E 4 .   ? 15.284  2.225   -6.394  1.00 57.83 ? 452 HOH A O   1 
HETATM 1535 O  O   . HOH E 4 .   ? 2.379   21.522  -7.068  1.00 53.67 ? 453 HOH A O   1 
HETATM 1536 O  O   . HOH E 4 .   ? 15.081  -8.510  -7.052  1.00 47.83 ? 454 HOH A O   1 
HETATM 1537 O  O   . HOH E 4 .   ? -19.160 9.432   2.267   1.00 58.00 ? 455 HOH A O   1 
HETATM 1538 O  O   . HOH E 4 .   ? 24.004  -11.756 -0.446  1.00 57.39 ? 456 HOH A O   1 
HETATM 1539 O  O   . HOH E 4 .   ? -14.212 -13.665 8.323   1.00 14.19 ? 457 HOH A O   1 
HETATM 1540 O  O   . HOH E 4 .   ? -11.110 -16.955 7.538   1.00 15.52 ? 458 HOH A O   1 
HETATM 1541 O  O   . HOH E 4 .   ? -10.731 -8.756  -4.966  0.50 22.11 ? 459 HOH A O   1 
HETATM 1542 O  O   . HOH E 4 .   ? -14.438 -17.154 7.457   1.00 17.72 ? 460 HOH A O   1 
HETATM 1543 O  O   . HOH E 4 .   ? -6.727  -14.445 -7.202  0.50 28.72 ? 461 HOH A O   1 
HETATM 1544 O  O   . HOH E 4 .   ? -5.348  -23.276 1.643   1.00 31.98 ? 462 HOH A O   1 
HETATM 1545 O  O   . HOH E 4 .   ? -8.189  -8.550  17.496  1.00 33.66 ? 463 HOH A O   1 
HETATM 1546 O  O   . HOH E 4 .   ? 11.587  3.710   11.943  1.00 34.07 ? 464 HOH A O   1 
HETATM 1547 O  O   . HOH E 4 .   ? 2.943   -10.936 -15.519 1.00 35.08 ? 465 HOH A O   1 
HETATM 1548 O  O   . HOH E 4 .   ? -7.655  21.584  0.384   1.00 35.06 ? 466 HOH A O   1 
HETATM 1549 O  O   . HOH E 4 .   ? -9.908  21.183  3.203   1.00 38.95 ? 467 HOH A O   1 
HETATM 1550 O  O   . HOH E 4 .   ? -9.625  -6.962  15.070  1.00 27.15 ? 468 HOH A O   1 
HETATM 1551 O  O   . HOH E 4 .   ? 0.615   -17.038 -4.614  1.00 29.56 ? 469 HOH A O   1 
HETATM 1552 O  O   . HOH E 4 .   ? -9.774  11.042  -6.328  1.00 33.55 ? 470 HOH A O   1 
HETATM 1553 O  O   . HOH E 4 .   ? -7.893  -0.234  13.725  1.00 41.75 ? 471 HOH A O   1 
HETATM 1554 O  O   . HOH E 4 .   ? -8.808  4.159   14.774  1.00 37.84 ? 472 HOH A O   1 
# 
